data_7VVA
#
_entry.id   7VVA
#
_cell.length_a   71.954
_cell.length_b   271.889
_cell.length_c   101.202
_cell.angle_alpha   90.0
_cell.angle_beta   110.909
_cell.angle_gamma   90.0
#
_symmetry.space_group_name_H-M   'P 1 21 1'
#
loop_
_entity.id
_entity.type
_entity.pdbx_description
1 polymer 'Pseudouridine kinase'
2 non-polymer 5-[(2~{S},3~{R},4~{S},5~{R})-5-(hydroxymethyl)-3,4-bis(oxidanyl)oxolan-2-yl]-1~{H}-pyrimidine-2,4-dione
3 water water
#
_entity_poly.entity_id   1
_entity_poly.type   'polypeptide(L)'
_entity_poly.pdbx_seq_one_letter_code
;MREKDYVVIIGSANIDVAGYSHESLNYADSNPGKIKFTPGGVGRNIAQNLALLGNKAWLLSAVGSDFYGQSLLTQTNQSG
VYVDKCLIVPGENTSSYLSLLDNTGEMLVAINDMNISNAITAEYLAQHREFIQRAKVIVADCNISEEALAWILDNAANVP
VFVDPVSAWKCVKVRDRLNQIHTLKPNRLEAETLSGIALSGRDDVAKVAAWFHQHGLNRLVLSMGGDGVYYSDIRGENGW
SAPIKTNVINVTGAGDAMMAGLASCWVDGMPFAESVRFAQGCSSMALSCEYTNNPDLSIANVISLVENAECLN
;
_entity_poly.pdbx_strand_id   A,B,C,D,E,F,G,H
#
# COMPACT_ATOMS: atom_id res chain seq x y z
N GLU A 3 9.51 6.68 18.20
CA GLU A 3 10.60 6.02 18.94
C GLU A 3 10.26 4.56 19.22
N LYS A 4 10.67 3.69 18.30
CA LYS A 4 10.46 2.24 18.32
C LYS A 4 9.02 1.90 17.91
N ASP A 5 8.22 2.93 17.70
CA ASP A 5 6.86 2.75 17.21
C ASP A 5 6.82 3.29 15.78
N TYR A 6 6.45 2.46 14.82
CA TYR A 6 6.46 2.91 13.42
C TYR A 6 5.28 2.43 12.59
N VAL A 7 5.13 3.06 11.42
CA VAL A 7 4.09 2.73 10.47
C VAL A 7 4.69 2.33 9.12
N VAL A 8 4.27 1.20 8.59
CA VAL A 8 4.78 0.72 7.30
C VAL A 8 3.73 0.90 6.22
N ILE A 9 4.12 1.55 5.13
CA ILE A 9 3.23 1.81 4.01
C ILE A 9 3.71 1.10 2.74
N ILE A 10 2.89 0.17 2.25
CA ILE A 10 3.17 -0.49 0.99
C ILE A 10 2.27 0.08 -0.10
N GLY A 11 2.83 0.99 -0.88
CA GLY A 11 2.06 1.69 -1.90
C GLY A 11 2.89 2.01 -3.12
N SER A 12 2.35 2.86 -4.00
CA SER A 12 3.04 3.23 -5.23
C SER A 12 3.63 4.64 -5.16
N ALA A 13 4.70 4.85 -5.91
CA ALA A 13 5.34 6.16 -6.00
C ALA A 13 5.43 6.59 -7.46
N ASN A 14 4.62 7.57 -7.84
CA ASN A 14 4.52 7.99 -9.23
C ASN A 14 5.11 9.37 -9.50
N ILE A 15 5.47 9.63 -10.75
CA ILE A 15 5.80 10.98 -11.19
C ILE A 15 4.56 11.62 -11.80
N ASP A 16 4.06 12.66 -11.16
CA ASP A 16 2.82 13.32 -11.55
C ASP A 16 3.05 14.48 -12.51
N VAL A 17 2.44 14.41 -13.69
CA VAL A 17 2.47 15.50 -14.64
C VAL A 17 1.08 16.12 -14.74
N ALA A 18 0.97 17.37 -14.28
CA ALA A 18 -0.32 18.04 -14.22
C ALA A 18 -0.41 19.20 -15.21
N GLY A 19 -1.50 19.26 -15.96
CA GLY A 19 -1.70 20.32 -16.93
C GLY A 19 -2.85 21.24 -16.60
N TYR A 20 -2.54 22.52 -16.47
CA TYR A 20 -3.53 23.57 -16.21
C TYR A 20 -3.61 24.50 -17.40
N SER A 21 -4.81 24.92 -17.76
CA SER A 21 -4.98 25.81 -18.91
C SER A 21 -5.63 27.12 -18.51
N HIS A 22 -5.23 28.18 -19.21
CA HIS A 22 -5.67 29.53 -18.92
C HIS A 22 -7.14 29.71 -19.28
N GLU A 23 -7.91 30.28 -18.36
CA GLU A 23 -9.35 30.49 -18.51
C GLU A 23 -9.94 29.09 -18.64
N SER A 24 -10.95 28.89 -19.48
CA SER A 24 -11.51 27.55 -19.60
C SER A 24 -10.76 26.79 -20.68
N LEU A 25 -10.66 25.47 -20.53
CA LEU A 25 -10.01 24.63 -21.53
C LEU A 25 -11.01 23.73 -22.23
N ASN A 26 -10.97 23.72 -23.56
CA ASN A 26 -11.87 22.87 -24.34
C ASN A 26 -11.09 21.86 -25.17
N TYR A 27 -11.70 20.71 -25.41
CA TYR A 27 -11.05 19.60 -26.13
C TYR A 27 -10.36 19.98 -27.44
N ALA A 28 -10.83 21.01 -28.13
CA ALA A 28 -10.21 21.43 -29.38
C ALA A 28 -9.16 22.55 -29.17
N ASP A 29 -8.16 22.57 -30.06
CA ASP A 29 -7.04 23.52 -30.04
C ASP A 29 -6.06 23.41 -28.86
N SER A 30 -4.83 23.84 -29.13
CA SER A 30 -3.73 23.90 -28.17
C SER A 30 -3.73 25.17 -27.31
N ASN A 31 -4.15 25.04 -26.07
CA ASN A 31 -4.27 26.18 -25.16
C ASN A 31 -3.16 26.20 -24.11
N PRO A 32 -2.33 27.25 -24.13
CA PRO A 32 -1.17 27.43 -23.26
C PRO A 32 -1.55 27.47 -21.79
N GLY A 33 -0.63 27.08 -20.92
CA GLY A 33 -0.88 27.02 -19.49
C GLY A 33 0.33 26.56 -18.71
N LYS A 34 0.09 25.93 -17.57
CA LYS A 34 1.15 25.51 -16.67
C LYS A 34 1.22 24.00 -16.51
N ILE A 35 2.41 23.44 -16.72
CA ILE A 35 2.64 22.00 -16.58
C ILE A 35 3.61 21.71 -15.44
N LYS A 36 3.14 20.92 -14.46
CA LYS A 36 3.94 20.64 -13.27
C LYS A 36 4.39 19.19 -13.13
N PHE A 37 5.65 19.01 -12.76
CA PHE A 37 6.19 17.69 -12.45
C PHE A 37 6.33 17.60 -10.94
N THR A 38 5.42 16.87 -10.31
CA THR A 38 5.35 16.79 -8.85
C THR A 38 5.39 15.34 -8.37
N PRO A 39 5.98 15.11 -7.19
CA PRO A 39 5.93 13.76 -6.60
C PRO A 39 4.50 13.29 -6.34
N GLY A 40 4.22 12.02 -6.59
CA GLY A 40 2.89 11.48 -6.44
C GLY A 40 2.85 10.01 -6.09
N GLY A 41 1.66 9.41 -6.20
CA GLY A 41 1.46 8.03 -5.81
C GLY A 41 0.78 7.97 -4.46
N VAL A 42 -0.35 7.26 -4.40
CA VAL A 42 -1.17 7.16 -3.20
C VAL A 42 -0.36 6.80 -1.95
N GLY A 43 0.33 5.67 -1.99
CA GLY A 43 1.13 5.21 -0.88
C GLY A 43 2.20 6.19 -0.45
N ARG A 44 2.92 6.74 -1.42
CA ARG A 44 3.97 7.72 -1.15
C ARG A 44 3.42 8.96 -0.47
N ASN A 45 2.28 9.45 -0.97
CA ASN A 45 1.65 10.63 -0.40
C ASN A 45 1.19 10.38 1.03
N ILE A 46 0.53 9.24 1.25
CA ILE A 46 0.11 8.84 2.59
C ILE A 46 1.30 8.78 3.54
N ALA A 47 2.39 8.19 3.08
CA ALA A 47 3.61 8.11 3.87
C ALA A 47 4.15 9.48 4.25
N GLN A 48 4.23 10.37 3.27
CA GLN A 48 4.73 11.72 3.50
C GLN A 48 3.86 12.48 4.50
N ASN A 49 2.54 12.38 4.33
CA ASN A 49 1.62 13.04 5.25
C ASN A 49 1.73 12.48 6.66
N LEU A 50 1.98 11.17 6.76
CA LEU A 50 2.17 10.53 8.05
C LEU A 50 3.46 11.03 8.71
N ALA A 51 4.51 11.19 7.91
CA ALA A 51 5.77 11.74 8.41
C ALA A 51 5.57 13.18 8.87
N LEU A 52 4.67 13.90 8.20
CA LEU A 52 4.37 15.27 8.56
C LEU A 52 3.52 15.35 9.83
N LEU A 53 2.86 14.24 10.16
CA LEU A 53 2.02 14.17 11.36
C LEU A 53 2.82 13.66 12.55
N GLY A 54 4.14 13.60 12.37
CA GLY A 54 5.05 13.21 13.43
C GLY A 54 5.04 11.71 13.65
N ASN A 55 4.90 10.96 12.57
CA ASN A 55 4.94 9.50 12.64
C ASN A 55 6.14 8.94 11.86
N LYS A 56 6.84 7.98 12.46
CA LYS A 56 7.93 7.31 11.75
C LYS A 56 7.35 6.42 10.65
N ALA A 57 7.43 6.91 9.42
CA ALA A 57 6.83 6.23 8.28
C ALA A 57 7.90 5.56 7.42
N TRP A 58 7.65 4.31 7.06
CA TRP A 58 8.55 3.56 6.21
C TRP A 58 7.83 3.19 4.91
N LEU A 59 8.35 3.63 3.78
CA LEU A 59 7.69 3.36 2.52
C LEU A 59 8.27 2.13 1.83
N LEU A 60 7.40 1.20 1.46
CA LEU A 60 7.79 0.02 0.70
C LEU A 60 7.21 0.03 -0.70
N SER A 61 7.88 0.73 -1.61
CA SER A 61 7.39 0.88 -2.98
C SER A 61 8.41 0.38 -4.00
N ALA A 62 8.14 0.64 -5.28
CA ALA A 62 9.07 0.27 -6.35
C ALA A 62 9.26 1.44 -7.30
N VAL A 63 10.52 1.80 -7.54
CA VAL A 63 10.88 2.88 -8.45
C VAL A 63 11.89 2.42 -9.50
N GLY A 64 12.14 3.25 -10.50
CA GLY A 64 13.01 2.89 -11.60
C GLY A 64 14.39 3.51 -11.46
N SER A 65 15.31 3.08 -12.32
CA SER A 65 16.69 3.59 -12.30
C SER A 65 16.84 4.94 -13.00
N ASP A 66 15.72 5.52 -13.42
CA ASP A 66 15.71 6.82 -14.07
C ASP A 66 15.73 7.95 -13.04
N PHE A 67 16.10 9.15 -13.49
CA PHE A 67 16.13 10.34 -12.63
C PHE A 67 14.83 10.60 -11.90
N TYR A 68 13.72 10.27 -12.52
CA TYR A 68 12.41 10.43 -11.90
C TYR A 68 12.31 9.66 -10.58
N GLY A 69 12.81 8.43 -10.59
CA GLY A 69 12.76 7.58 -9.42
C GLY A 69 13.65 8.07 -8.29
N GLN A 70 14.88 8.44 -8.63
CA GLN A 70 15.82 8.96 -7.64
C GLN A 70 15.34 10.28 -7.07
N SER A 71 14.71 11.10 -7.90
CA SER A 71 14.13 12.36 -7.44
C SER A 71 13.00 12.09 -6.45
N LEU A 72 12.15 11.13 -6.80
CA LEU A 72 11.07 10.72 -5.89
C LEU A 72 11.62 10.27 -4.55
N LEU A 73 12.58 9.36 -4.58
CA LEU A 73 13.16 8.80 -3.36
C LEU A 73 13.85 9.85 -2.50
N THR A 74 14.65 10.72 -3.14
CA THR A 74 15.38 11.76 -2.43
C THR A 74 14.44 12.78 -1.79
N GLN A 75 13.47 13.25 -2.56
CA GLN A 75 12.50 14.21 -2.05
C GLN A 75 11.65 13.62 -0.92
N THR A 76 11.25 12.36 -1.09
CA THR A 76 10.42 11.70 -0.09
C THR A 76 11.19 11.50 1.21
N ASN A 77 12.45 11.09 1.09
CA ASN A 77 13.29 10.94 2.28
C ASN A 77 13.49 12.29 2.95
N GLN A 78 13.63 13.33 2.12
CA GLN A 78 13.79 14.69 2.60
C GLN A 78 12.53 15.20 3.29
N SER A 79 11.41 14.54 3.02
CA SER A 79 10.15 14.90 3.69
C SER A 79 9.97 14.15 5.02
N GLY A 80 11.01 13.45 5.44
CA GLY A 80 10.99 12.75 6.73
C GLY A 80 10.51 11.30 6.67
N VAL A 81 10.44 10.76 5.46
CA VAL A 81 9.97 9.40 5.26
C VAL A 81 11.14 8.43 5.06
N TYR A 82 11.18 7.38 5.85
CA TYR A 82 12.24 6.37 5.71
C TYR A 82 12.00 5.54 4.45
N VAL A 83 12.89 5.68 3.47
CA VAL A 83 12.73 4.99 2.20
C VAL A 83 13.90 4.08 1.87
N ASP A 84 14.64 3.68 2.90
CA ASP A 84 15.85 2.88 2.70
C ASP A 84 15.51 1.44 2.30
N LYS A 85 14.27 1.04 2.55
CA LYS A 85 13.82 -0.31 2.24
C LYS A 85 13.04 -0.38 0.92
N CYS A 86 12.98 0.74 0.22
CA CYS A 86 12.27 0.82 -1.06
C CYS A 86 12.97 0.01 -2.15
N LEU A 87 12.20 -0.41 -3.15
CA LEU A 87 12.74 -1.20 -4.25
C LEU A 87 13.11 -0.34 -5.46
N ILE A 88 14.37 -0.43 -5.88
CA ILE A 88 14.82 0.23 -7.10
C ILE A 88 15.00 -0.80 -8.20
N VAL A 89 14.08 -0.85 -9.16
CA VAL A 89 14.14 -1.88 -10.19
C VAL A 89 14.93 -1.38 -11.41
N PRO A 90 16.09 -2.00 -11.67
CA PRO A 90 16.97 -1.66 -12.78
C PRO A 90 16.57 -2.32 -14.09
N GLY A 91 15.84 -1.60 -14.94
CA GLY A 91 15.44 -2.14 -16.24
C GLY A 91 14.07 -1.63 -16.61
N GLU A 92 13.30 -1.27 -15.59
CA GLU A 92 11.93 -0.83 -15.77
C GLU A 92 11.80 0.68 -15.52
N ASN A 93 10.63 1.21 -15.79
CA ASN A 93 10.43 2.64 -15.71
C ASN A 93 9.57 3.05 -14.52
N THR A 94 9.90 4.20 -13.94
CA THR A 94 9.15 4.76 -12.83
C THR A 94 7.71 5.03 -13.26
N SER A 95 6.76 4.66 -12.40
CA SER A 95 5.34 4.88 -12.68
C SER A 95 5.04 6.35 -12.88
N SER A 96 4.02 6.65 -13.69
CA SER A 96 3.69 8.03 -14.02
C SER A 96 2.18 8.27 -13.96
N TYR A 97 1.80 9.51 -13.69
CA TYR A 97 0.38 9.88 -13.64
C TYR A 97 0.13 11.22 -14.31
N LEU A 98 -0.60 11.20 -15.43
CA LEU A 98 -0.91 12.42 -16.18
C LEU A 98 -2.32 12.85 -15.84
N SER A 99 -2.46 14.11 -15.44
CA SER A 99 -3.75 14.65 -15.01
C SER A 99 -3.99 16.09 -15.49
N LEU A 100 -5.17 16.36 -16.02
CA LEU A 100 -5.56 17.72 -16.39
C LEU A 100 -6.46 18.32 -15.30
N LEU A 101 -5.84 19.03 -14.35
CA LEU A 101 -6.54 19.53 -13.15
C LEU A 101 -7.19 20.90 -13.27
N ASP A 102 -8.04 21.18 -12.29
CA ASP A 102 -8.73 22.46 -12.16
C ASP A 102 -9.06 22.69 -10.70
N MET A 107 -11.85 19.40 -14.38
CA MET A 107 -11.00 18.20 -14.38
C MET A 107 -11.40 17.24 -15.50
N LEU A 108 -10.42 16.80 -16.28
CA LEU A 108 -10.66 15.87 -17.36
C LEU A 108 -10.12 14.49 -17.00
N VAL A 109 -10.09 13.59 -17.97
CA VAL A 109 -9.64 12.22 -17.74
C VAL A 109 -8.19 12.14 -17.27
N ALA A 110 -7.99 11.30 -16.26
CA ALA A 110 -6.68 11.04 -15.67
C ALA A 110 -6.12 9.72 -16.20
N ILE A 111 -4.86 9.74 -16.64
CA ILE A 111 -4.23 8.52 -17.14
C ILE A 111 -3.07 8.11 -16.24
N ASN A 112 -2.94 6.82 -15.97
CA ASN A 112 -1.85 6.34 -15.13
C ASN A 112 -1.09 5.19 -15.80
N ASP A 113 0.23 5.36 -15.91
CA ASP A 113 1.10 4.32 -16.44
C ASP A 113 1.94 3.76 -15.30
N MET A 114 1.38 2.74 -14.64
CA MET A 114 1.97 2.14 -13.45
C MET A 114 2.12 0.63 -13.63
N ASN A 115 3.29 0.20 -14.06
CA ASN A 115 3.55 -1.22 -14.25
C ASN A 115 4.62 -1.73 -13.31
N ILE A 116 5.42 -0.80 -12.80
CA ILE A 116 6.46 -1.12 -11.82
C ILE A 116 5.84 -1.45 -10.46
N SER A 117 4.55 -1.15 -10.30
CA SER A 117 3.84 -1.48 -9.07
C SER A 117 3.71 -2.99 -8.88
N ASN A 118 3.89 -3.73 -9.98
CA ASN A 118 3.86 -5.18 -9.91
C ASN A 118 5.23 -5.74 -9.55
N ALA A 119 6.22 -4.87 -9.44
CA ALA A 119 7.55 -5.28 -8.97
C ALA A 119 7.51 -5.45 -7.46
N ILE A 120 6.53 -4.82 -6.82
CA ILE A 120 6.26 -5.06 -5.42
C ILE A 120 5.63 -6.44 -5.31
N THR A 121 6.41 -7.43 -4.93
CA THR A 121 5.96 -8.81 -4.96
C THR A 121 5.91 -9.44 -3.57
N ALA A 122 5.32 -10.64 -3.51
CA ALA A 122 5.23 -11.39 -2.27
C ALA A 122 6.62 -11.69 -1.73
N GLU A 123 7.55 -11.96 -2.63
CA GLU A 123 8.93 -12.27 -2.25
C GLU A 123 9.63 -11.04 -1.65
N TYR A 124 9.42 -9.89 -2.29
CA TYR A 124 9.98 -8.63 -1.82
C TYR A 124 9.50 -8.28 -0.43
N LEU A 125 8.20 -8.45 -0.19
CA LEU A 125 7.62 -8.17 1.12
C LEU A 125 8.07 -9.23 2.13
N ALA A 126 8.24 -10.46 1.65
CA ALA A 126 8.68 -11.57 2.50
C ALA A 126 10.12 -11.36 2.95
N GLN A 127 10.88 -10.60 2.17
CA GLN A 127 12.25 -10.26 2.54
C GLN A 127 12.28 -9.28 3.70
N HIS A 128 11.15 -8.60 3.91
CA HIS A 128 11.05 -7.64 5.01
C HIS A 128 10.01 -8.06 6.04
N ARG A 129 9.77 -9.36 6.14
CA ARG A 129 8.86 -9.91 7.14
C ARG A 129 9.36 -9.50 8.53
N GLU A 130 8.52 -9.62 9.55
CA GLU A 130 8.85 -9.29 10.93
C GLU A 130 8.95 -7.77 11.11
N PHE A 131 9.62 -7.10 10.18
CA PHE A 131 9.66 -5.64 10.19
C PHE A 131 8.26 -5.09 9.98
N ILE A 132 7.56 -5.66 9.00
CA ILE A 132 6.18 -5.31 8.72
C ILE A 132 5.31 -5.80 9.87
N GLN A 133 5.67 -6.95 10.42
CA GLN A 133 4.89 -7.60 11.46
C GLN A 133 5.09 -6.98 12.85
N ARG A 134 6.07 -6.10 12.99
CA ARG A 134 6.36 -5.48 14.28
C ARG A 134 6.00 -4.00 14.26
N ALA A 135 5.16 -3.61 13.31
CA ALA A 135 4.68 -2.23 13.23
C ALA A 135 3.37 -2.08 13.97
N LYS A 136 2.96 -0.82 14.21
CA LYS A 136 1.69 -0.56 14.86
C LYS A 136 0.57 -0.63 13.85
N VAL A 137 0.79 -0.03 12.68
CA VAL A 137 -0.19 -0.09 11.62
C VAL A 137 0.48 -0.35 10.26
N ILE A 138 -0.24 -1.05 9.38
CA ILE A 138 0.23 -1.27 8.01
C ILE A 138 -0.73 -0.59 7.05
N VAL A 139 -0.25 0.36 6.26
CA VAL A 139 -1.10 1.00 5.26
C VAL A 139 -0.78 0.53 3.85
N ALA A 140 -1.76 -0.10 3.21
CA ALA A 140 -1.56 -0.56 1.84
C ALA A 140 -2.60 0.07 0.91
N ASP A 141 -2.23 0.22 -0.36
CA ASP A 141 -3.16 0.72 -1.36
C ASP A 141 -3.42 -0.36 -2.41
N CYS A 142 -4.45 -0.16 -3.23
CA CYS A 142 -4.85 -1.16 -4.20
C CYS A 142 -4.13 -1.01 -5.54
N ASN A 143 -2.97 -0.37 -5.52
CA ASN A 143 -2.16 -0.23 -6.73
C ASN A 143 -1.23 -1.43 -6.92
N ILE A 144 -1.01 -2.16 -5.83
CA ILE A 144 -0.13 -3.32 -5.86
C ILE A 144 -0.86 -4.54 -6.41
N SER A 145 -0.12 -5.63 -6.58
CA SER A 145 -0.68 -6.87 -7.11
C SER A 145 -1.64 -7.50 -6.10
N GLU A 146 -2.59 -8.29 -6.62
CA GLU A 146 -3.54 -9.01 -5.78
C GLU A 146 -2.84 -10.01 -4.86
N GLU A 147 -1.79 -10.63 -5.38
CA GLU A 147 -1.01 -11.59 -4.62
C GLU A 147 -0.31 -10.92 -3.45
N ALA A 148 0.20 -9.71 -3.67
CA ALA A 148 0.89 -8.96 -2.64
C ALA A 148 -0.06 -8.57 -1.52
N LEU A 149 -1.25 -8.11 -1.91
CA LEU A 149 -2.30 -7.76 -0.95
C LEU A 149 -2.65 -8.98 -0.12
N ALA A 150 -2.75 -10.13 -0.79
CA ALA A 150 -3.02 -11.39 -0.13
C ALA A 150 -1.95 -11.72 0.91
N TRP A 151 -0.69 -11.52 0.54
CA TRP A 151 0.44 -11.75 1.43
C TRP A 151 0.32 -10.87 2.68
N ILE A 152 0.16 -9.58 2.45
CA ILE A 152 0.07 -8.62 3.54
C ILE A 152 -1.07 -8.95 4.50
N LEU A 153 -2.23 -9.26 3.95
CA LEU A 153 -3.40 -9.55 4.77
C LEU A 153 -3.27 -10.87 5.52
N ASP A 154 -2.59 -11.84 4.93
CA ASP A 154 -2.44 -13.15 5.55
C ASP A 154 -1.25 -13.22 6.50
N ASN A 155 -0.23 -12.38 6.26
CA ASN A 155 0.95 -12.38 7.11
C ASN A 155 1.12 -11.06 7.88
N ALA A 156 0.00 -10.51 8.32
CA ALA A 156 0.01 -9.25 9.06
C ALA A 156 0.39 -9.46 10.53
N ALA A 157 0.19 -10.70 11.00
CA ALA A 157 0.51 -11.07 12.39
C ALA A 157 -0.22 -10.19 13.40
N ASN A 158 -1.55 -10.14 13.27
CA ASN A 158 -2.43 -9.40 14.18
C ASN A 158 -2.12 -7.90 14.23
N VAL A 159 -1.60 -7.36 13.14
CA VAL A 159 -1.39 -5.93 13.02
C VAL A 159 -2.41 -5.35 12.05
N PRO A 160 -3.18 -4.34 12.49
CA PRO A 160 -4.26 -3.72 11.71
C PRO A 160 -3.78 -3.22 10.34
N VAL A 161 -4.49 -3.62 9.29
CA VAL A 161 -4.18 -3.19 7.94
C VAL A 161 -5.21 -2.21 7.39
N PHE A 162 -4.78 -0.98 7.15
CA PHE A 162 -5.60 0.07 6.58
C PHE A 162 -5.41 0.10 5.07
N VAL A 163 -6.50 -0.12 4.32
CA VAL A 163 -6.39 -0.24 2.87
C VAL A 163 -7.09 0.89 2.12
N ASP A 164 -6.34 1.57 1.26
CA ASP A 164 -6.89 2.61 0.38
C ASP A 164 -7.26 2.03 -0.98
N PRO A 165 -8.54 2.16 -1.36
CA PRO A 165 -9.08 1.63 -2.62
C PRO A 165 -8.45 2.20 -3.89
N VAL A 166 -7.89 3.41 -3.81
CA VAL A 166 -7.32 4.11 -4.97
C VAL A 166 -8.33 4.34 -6.09
N SER A 167 -8.76 3.26 -6.74
CA SER A 167 -9.71 3.36 -7.85
C SER A 167 -10.81 2.32 -7.73
N ALA A 168 -11.89 2.53 -8.47
CA ALA A 168 -13.04 1.63 -8.42
C ALA A 168 -12.75 0.31 -9.13
N TRP A 169 -11.97 0.37 -10.20
CA TRP A 169 -11.61 -0.83 -10.95
C TRP A 169 -10.46 -1.58 -10.27
N LYS A 170 -9.75 -0.90 -9.38
CA LYS A 170 -8.62 -1.52 -8.69
C LYS A 170 -8.95 -1.96 -7.25
N CYS A 171 -10.13 -1.63 -6.76
CA CYS A 171 -10.46 -1.96 -5.38
C CYS A 171 -11.19 -3.29 -5.19
N VAL A 172 -11.35 -4.05 -6.27
CA VAL A 172 -12.08 -5.32 -6.17
C VAL A 172 -11.17 -6.40 -5.62
N LYS A 173 -9.88 -6.07 -5.54
CA LYS A 173 -8.86 -7.05 -5.21
C LYS A 173 -8.94 -7.42 -3.76
N VAL A 174 -9.61 -6.56 -2.99
CA VAL A 174 -9.80 -6.79 -1.57
C VAL A 174 -11.18 -7.34 -1.26
N ARG A 175 -12.01 -7.53 -2.30
CA ARG A 175 -13.40 -7.93 -2.08
C ARG A 175 -13.40 -9.22 -1.28
N ASP A 176 -13.02 -10.33 -1.91
CA ASP A 176 -12.91 -11.61 -1.21
C ASP A 176 -12.02 -11.60 0.03
N ARG A 177 -11.44 -10.45 0.38
CA ARG A 177 -10.51 -10.36 1.51
C ARG A 177 -10.91 -9.33 2.57
N LEU A 178 -12.16 -8.88 2.54
CA LEU A 178 -12.61 -7.84 3.46
C LEU A 178 -12.55 -8.26 4.93
N ASN A 179 -12.50 -9.56 5.18
CA ASN A 179 -12.43 -10.08 6.54
C ASN A 179 -11.04 -9.89 7.15
N GLN A 180 -10.10 -9.36 6.36
CA GLN A 180 -8.73 -9.15 6.84
C GLN A 180 -8.31 -7.68 6.88
N ILE A 181 -9.24 -6.78 6.58
CA ILE A 181 -8.96 -5.35 6.51
C ILE A 181 -9.52 -4.62 7.74
N HIS A 182 -8.70 -3.79 8.37
CA HIS A 182 -9.14 -3.04 9.55
C HIS A 182 -9.93 -1.78 9.28
N THR A 183 -9.72 -1.18 8.10
CA THR A 183 -10.40 0.06 7.77
C THR A 183 -10.31 0.34 6.28
N LEU A 184 -11.46 0.41 5.64
CA LEU A 184 -11.54 0.73 4.23
C LEU A 184 -12.17 2.09 4.03
N LYS A 185 -11.58 2.92 3.17
CA LYS A 185 -12.12 4.25 2.92
C LYS A 185 -12.43 4.41 1.43
N PRO A 186 -13.59 3.88 1.00
CA PRO A 186 -13.95 4.01 -0.41
C PRO A 186 -14.85 5.20 -0.65
N ASN A 187 -15.00 5.60 -1.90
CA ASN A 187 -15.97 6.64 -2.23
C ASN A 187 -17.26 6.00 -2.71
N ARG A 188 -18.16 6.82 -3.23
CA ARG A 188 -19.43 6.33 -3.73
C ARG A 188 -19.27 5.32 -4.86
N LEU A 189 -18.53 5.68 -5.91
CA LEU A 189 -18.36 4.78 -7.04
C LEU A 189 -17.67 3.48 -6.61
N GLU A 190 -16.63 3.61 -5.79
CA GLU A 190 -15.89 2.46 -5.28
C GLU A 190 -16.74 1.52 -4.44
N ALA A 191 -17.51 2.09 -3.52
CA ALA A 191 -18.36 1.30 -2.64
C ALA A 191 -19.51 0.65 -3.40
N GLU A 192 -20.02 1.37 -4.40
CA GLU A 192 -21.06 0.85 -5.27
C GLU A 192 -20.51 -0.33 -6.06
N THR A 193 -19.29 -0.18 -6.54
CA THR A 193 -18.62 -1.23 -7.29
C THR A 193 -18.43 -2.45 -6.40
N LEU A 194 -17.89 -2.28 -5.20
CA LEU A 194 -17.66 -3.41 -4.30
C LEU A 194 -18.94 -4.11 -3.85
N SER A 195 -19.88 -3.34 -3.32
CA SER A 195 -21.13 -3.88 -2.76
C SER A 195 -22.10 -4.37 -3.84
N GLY A 196 -22.24 -3.60 -4.90
CA GLY A 196 -23.23 -3.88 -5.93
C GLY A 196 -24.55 -3.19 -5.61
N ILE A 197 -24.57 -2.44 -4.51
CA ILE A 197 -25.75 -1.70 -4.09
C ILE A 197 -25.63 -0.21 -4.46
N ALA A 198 -26.72 0.34 -5.00
CA ALA A 198 -26.74 1.74 -5.44
C ALA A 198 -26.69 2.70 -4.27
N LEU A 199 -25.80 3.68 -4.36
CA LEU A 199 -25.63 4.73 -3.35
C LEU A 199 -26.26 6.06 -3.73
N SER A 200 -27.28 6.00 -4.58
CA SER A 200 -27.93 7.21 -5.11
C SER A 200 -28.61 8.07 -4.03
N GLY A 201 -28.09 8.07 -2.81
CA GLY A 201 -28.67 8.86 -1.75
C GLY A 201 -27.94 8.81 -0.42
N ARG A 202 -28.53 9.46 0.57
CA ARG A 202 -28.00 9.44 1.93
C ARG A 202 -28.79 8.40 2.70
N ASP A 203 -29.80 7.87 2.02
CA ASP A 203 -30.72 6.89 2.56
C ASP A 203 -30.18 5.49 2.37
N ASP A 204 -29.44 5.32 1.29
CA ASP A 204 -28.91 4.01 0.88
C ASP A 204 -27.54 3.63 1.42
N VAL A 205 -27.00 4.31 2.43
CA VAL A 205 -25.66 3.98 2.90
C VAL A 205 -25.67 2.92 4.00
N ALA A 206 -26.81 2.76 4.66
CA ALA A 206 -26.97 1.75 5.69
C ALA A 206 -26.89 0.34 5.10
N LYS A 207 -27.50 0.15 3.93
CA LYS A 207 -27.51 -1.16 3.30
C LYS A 207 -26.14 -1.54 2.75
N VAL A 208 -25.40 -0.55 2.26
CA VAL A 208 -24.05 -0.77 1.76
C VAL A 208 -23.13 -1.11 2.93
N ALA A 209 -23.26 -0.34 4.00
CA ALA A 209 -22.47 -0.61 5.20
C ALA A 209 -22.78 -2.00 5.73
N ALA A 210 -24.06 -2.37 5.71
CA ALA A 210 -24.50 -3.69 6.13
C ALA A 210 -23.88 -4.79 5.27
N TRP A 211 -23.84 -4.55 3.96
CA TRP A 211 -23.22 -5.50 3.04
C TRP A 211 -21.75 -5.69 3.41
N PHE A 212 -21.04 -4.57 3.61
CA PHE A 212 -19.62 -4.62 3.95
C PHE A 212 -19.37 -5.36 5.26
N HIS A 213 -20.21 -5.11 6.25
CA HIS A 213 -20.06 -5.75 7.55
C HIS A 213 -20.41 -7.24 7.50
N GLN A 214 -21.34 -7.60 6.62
CA GLN A 214 -21.73 -8.99 6.44
C GLN A 214 -20.59 -9.78 5.80
N HIS A 215 -19.75 -9.08 5.05
CA HIS A 215 -18.61 -9.70 4.38
C HIS A 215 -17.34 -9.64 5.23
N GLY A 216 -17.45 -9.09 6.44
CA GLY A 216 -16.36 -9.19 7.39
C GLY A 216 -15.54 -7.93 7.64
N LEU A 217 -15.96 -6.81 7.06
CA LEU A 217 -15.24 -5.56 7.24
C LEU A 217 -15.44 -4.99 8.64
N ASN A 218 -14.33 -4.71 9.31
CA ASN A 218 -14.38 -4.18 10.68
C ASN A 218 -14.87 -2.74 10.72
N ARG A 219 -14.15 -1.84 10.05
CA ARG A 219 -14.52 -0.43 10.04
C ARG A 219 -14.62 0.11 8.61
N LEU A 220 -15.72 0.80 8.33
CA LEU A 220 -15.94 1.43 7.03
C LEU A 220 -16.02 2.94 7.12
N VAL A 221 -15.18 3.62 6.34
CA VAL A 221 -15.19 5.08 6.24
C VAL A 221 -15.57 5.50 4.83
N LEU A 222 -16.88 5.59 4.58
CA LEU A 222 -17.39 5.90 3.26
C LEU A 222 -17.49 7.41 3.04
N SER A 223 -16.72 7.93 2.08
CA SER A 223 -16.78 9.36 1.78
C SER A 223 -17.83 9.63 0.72
N MET A 224 -18.85 10.39 1.10
CA MET A 224 -19.92 10.71 0.17
C MET A 224 -19.97 12.21 -0.06
N GLY A 225 -18.98 12.71 -0.81
CA GLY A 225 -18.80 14.12 -1.11
C GLY A 225 -19.55 15.13 -0.26
N GLY A 226 -20.38 15.95 -0.91
CA GLY A 226 -21.23 16.91 -0.23
C GLY A 226 -21.80 16.47 1.10
N ASP A 227 -22.64 15.43 1.05
CA ASP A 227 -23.27 14.80 2.21
C ASP A 227 -22.39 14.67 3.46
N GLY A 228 -21.12 14.36 3.28
CA GLY A 228 -20.24 14.19 4.41
C GLY A 228 -19.50 12.87 4.34
N VAL A 229 -19.00 12.43 5.49
CA VAL A 229 -18.35 11.12 5.59
C VAL A 229 -19.11 10.20 6.55
N TYR A 230 -19.64 9.11 6.02
CA TYR A 230 -20.37 8.14 6.83
C TYR A 230 -19.41 7.10 7.38
N TYR A 231 -19.37 6.98 8.70
CA TYR A 231 -18.52 6.00 9.36
C TYR A 231 -19.37 4.90 10.01
N SER A 232 -18.88 3.68 9.93
CA SER A 232 -19.62 2.52 10.44
C SER A 232 -18.68 1.46 11.02
N ASP A 233 -19.06 0.91 12.16
CA ASP A 233 -18.29 -0.15 12.78
C ASP A 233 -19.10 -1.44 12.82
N ILE A 234 -18.43 -2.57 12.65
CA ILE A 234 -19.08 -3.88 12.67
C ILE A 234 -19.65 -4.16 14.06
N ARG A 235 -19.20 -3.39 15.04
CA ARG A 235 -19.61 -3.58 16.44
C ARG A 235 -20.98 -2.94 16.69
N GLY A 236 -21.45 -2.16 15.72
CA GLY A 236 -22.76 -1.53 15.82
C GLY A 236 -22.70 -0.02 15.74
N GLU A 237 -21.51 0.54 15.98
CA GLU A 237 -21.30 1.99 15.97
C GLU A 237 -21.39 2.60 14.58
N ASN A 238 -22.52 3.21 14.26
CA ASN A 238 -22.70 3.90 12.98
C ASN A 238 -22.97 5.38 13.16
N GLY A 239 -22.65 6.18 12.15
CA GLY A 239 -22.95 7.60 12.19
C GLY A 239 -22.46 8.41 10.99
N TRP A 240 -22.93 9.64 10.91
CA TRP A 240 -22.54 10.58 9.85
C TRP A 240 -21.65 11.68 10.38
N SER A 241 -20.71 12.14 9.55
CA SER A 241 -19.87 13.28 9.90
C SER A 241 -20.03 14.38 8.86
N ALA A 242 -20.29 15.59 9.36
CA ALA A 242 -20.52 16.75 8.49
C ALA A 242 -19.20 17.27 7.92
N PRO A 243 -19.24 17.78 6.68
CA PRO A 243 -18.02 18.28 6.05
C PRO A 243 -17.52 19.57 6.69
N ILE A 244 -16.21 19.68 6.81
CA ILE A 244 -15.56 20.88 7.32
C ILE A 244 -15.42 21.92 6.22
N LYS A 245 -16.06 23.07 6.40
CA LYS A 245 -16.09 24.11 5.39
C LYS A 245 -14.71 24.58 4.95
N THR A 246 -14.42 24.43 3.67
CA THR A 246 -13.15 24.81 3.10
C THR A 246 -13.33 25.32 1.68
N ASN A 247 -12.48 26.26 1.28
CA ASN A 247 -12.46 26.74 -0.10
C ASN A 247 -11.38 26.00 -0.90
N VAL A 248 -11.79 25.27 -1.92
CA VAL A 248 -10.88 24.43 -2.70
C VAL A 248 -9.85 25.26 -3.47
N ILE A 249 -8.72 24.63 -3.80
CA ILE A 249 -7.64 25.20 -4.60
C ILE A 249 -7.10 24.06 -5.44
N ASN A 250 -6.84 22.93 -4.78
CA ASN A 250 -6.48 21.69 -5.46
C ASN A 250 -7.04 20.49 -4.70
N VAL A 251 -7.81 19.67 -5.40
CA VAL A 251 -8.53 18.56 -4.77
C VAL A 251 -7.62 17.36 -4.53
N THR A 252 -6.41 17.41 -5.08
CA THR A 252 -5.49 16.29 -5.00
C THR A 252 -4.92 16.11 -3.59
N GLY A 253 -4.91 14.87 -3.12
CA GLY A 253 -4.33 14.57 -1.83
C GLY A 253 -5.29 14.43 -0.65
N ALA A 254 -6.59 14.58 -0.91
CA ALA A 254 -7.59 14.54 0.16
C ALA A 254 -7.63 13.19 0.87
N GLY A 255 -7.87 12.13 0.11
CA GLY A 255 -8.01 10.80 0.67
C GLY A 255 -6.73 10.28 1.32
N ASP A 256 -5.59 10.72 0.80
CA ASP A 256 -4.30 10.33 1.35
C ASP A 256 -4.12 10.94 2.74
N ALA A 257 -4.52 12.20 2.87
CA ALA A 257 -4.44 12.90 4.14
C ALA A 257 -5.43 12.30 5.12
N MET A 258 -6.58 11.89 4.61
CA MET A 258 -7.58 11.20 5.42
C MET A 258 -7.04 9.90 5.99
N MET A 259 -6.43 9.08 5.13
CA MET A 259 -5.88 7.80 5.57
C MET A 259 -4.74 7.98 6.58
N ALA A 260 -3.84 8.91 6.28
CA ALA A 260 -2.74 9.24 7.19
C ALA A 260 -3.29 9.65 8.56
N GLY A 261 -4.32 10.50 8.53
CA GLY A 261 -4.96 10.96 9.76
C GLY A 261 -5.57 9.82 10.54
N LEU A 262 -6.32 8.96 9.85
CA LEU A 262 -6.97 7.81 10.47
C LEU A 262 -5.97 6.88 11.14
N ALA A 263 -4.87 6.58 10.46
CA ALA A 263 -3.88 5.66 11.00
C ALA A 263 -3.16 6.29 12.18
N SER A 264 -2.75 7.54 12.01
CA SER A 264 -2.08 8.29 13.06
C SER A 264 -2.96 8.38 14.31
N CYS A 265 -4.27 8.48 14.10
CA CYS A 265 -5.22 8.57 15.20
C CYS A 265 -5.46 7.20 15.83
N TRP A 266 -5.32 6.14 15.05
CA TRP A 266 -5.41 4.80 15.61
C TRP A 266 -4.23 4.56 16.55
N VAL A 267 -3.03 4.91 16.10
CA VAL A 267 -1.83 4.73 16.90
C VAL A 267 -1.84 5.66 18.13
N ASP A 268 -2.64 6.71 18.06
CA ASP A 268 -2.74 7.68 19.15
C ASP A 268 -3.85 7.34 20.13
N GLY A 269 -4.42 6.15 19.97
CA GLY A 269 -5.48 5.69 20.85
C GLY A 269 -6.71 6.58 20.82
N MET A 270 -7.18 6.91 19.62
CA MET A 270 -8.32 7.79 19.47
C MET A 270 -9.54 7.04 18.96
N PRO A 271 -10.73 7.39 19.47
CA PRO A 271 -12.00 6.78 19.07
C PRO A 271 -12.26 6.92 17.57
N PHE A 272 -13.13 6.06 17.04
CA PHE A 272 -13.44 6.03 15.62
C PHE A 272 -13.93 7.39 15.11
N ALA A 273 -15.01 7.89 15.70
CA ALA A 273 -15.61 9.15 15.28
C ALA A 273 -14.64 10.32 15.32
N GLU A 274 -13.91 10.43 16.43
CA GLU A 274 -12.96 11.52 16.61
C GLU A 274 -11.87 11.43 15.55
N SER A 275 -11.48 10.21 15.23
CA SER A 275 -10.49 9.95 14.19
C SER A 275 -11.03 10.36 12.84
N VAL A 276 -12.34 10.18 12.65
CA VAL A 276 -12.97 10.56 11.39
C VAL A 276 -12.95 12.08 11.23
N ARG A 277 -13.25 12.80 12.31
CA ARG A 277 -13.21 14.25 12.26
C ARG A 277 -11.79 14.76 11.99
N PHE A 278 -10.83 14.17 12.69
CA PHE A 278 -9.43 14.57 12.53
C PHE A 278 -8.94 14.32 11.10
N ALA A 279 -9.29 13.15 10.56
CA ALA A 279 -8.91 12.80 9.20
C ALA A 279 -9.56 13.75 8.21
N GLN A 280 -10.78 14.15 8.53
CA GLN A 280 -11.50 15.12 7.71
C GLN A 280 -10.77 16.45 7.75
N GLY A 281 -10.16 16.75 8.89
CA GLY A 281 -9.39 17.97 9.03
C GLY A 281 -8.12 17.92 8.19
N CYS A 282 -7.47 16.76 8.17
CA CYS A 282 -6.28 16.58 7.35
C CYS A 282 -6.63 16.74 5.87
N SER A 283 -7.76 16.15 5.49
CA SER A 283 -8.26 16.27 4.14
C SER A 283 -8.53 17.73 3.80
N SER A 284 -9.11 18.45 4.75
CA SER A 284 -9.44 19.85 4.55
C SER A 284 -8.18 20.69 4.36
N MET A 285 -7.13 20.37 5.10
CA MET A 285 -5.85 21.06 4.94
C MET A 285 -5.24 20.75 3.58
N ALA A 286 -5.44 19.52 3.13
CA ALA A 286 -4.98 19.12 1.80
C ALA A 286 -5.71 19.93 0.73
N LEU A 287 -6.98 20.20 1.00
CA LEU A 287 -7.84 20.91 0.06
C LEU A 287 -7.39 22.37 -0.13
N SER A 288 -6.95 22.98 0.96
CA SER A 288 -6.53 24.38 0.99
C SER A 288 -5.17 24.64 0.34
N CYS A 289 -4.48 23.58 -0.06
CA CYS A 289 -3.14 23.72 -0.63
C CYS A 289 -3.10 23.42 -2.11
N GLU A 290 -2.27 24.15 -2.83
CA GLU A 290 -2.06 23.93 -4.26
C GLU A 290 -1.24 22.66 -4.43
N TYR A 291 -0.34 22.43 -3.49
CA TYR A 291 0.52 21.27 -3.52
C TYR A 291 -0.28 20.01 -3.20
N THR A 292 0.14 18.87 -3.74
CA THR A 292 -0.50 17.59 -3.42
C THR A 292 -0.41 17.37 -1.92
N ASN A 293 0.76 17.66 -1.36
CA ASN A 293 1.01 17.53 0.07
C ASN A 293 1.36 18.87 0.70
N ASN A 294 0.53 19.31 1.64
CA ASN A 294 0.79 20.53 2.38
C ASN A 294 2.00 20.36 3.29
N PRO A 295 3.06 21.16 3.08
CA PRO A 295 4.28 21.05 3.88
C PRO A 295 4.08 21.57 5.31
N ASP A 296 3.01 22.34 5.51
CA ASP A 296 2.71 22.89 6.83
C ASP A 296 1.68 22.04 7.55
N LEU A 297 1.39 20.88 6.98
CA LEU A 297 0.44 19.93 7.57
C LEU A 297 0.96 19.41 8.90
N SER A 298 0.25 19.73 9.97
CA SER A 298 0.63 19.29 11.31
C SER A 298 -0.59 18.95 12.15
N ILE A 299 -0.36 18.24 13.25
CA ILE A 299 -1.42 17.91 14.19
C ILE A 299 -2.03 19.18 14.77
N ALA A 300 -1.17 20.15 15.10
CA ALA A 300 -1.61 21.41 15.68
C ALA A 300 -2.55 22.17 14.75
N ASN A 301 -2.20 22.23 13.47
CA ASN A 301 -3.00 22.96 12.51
C ASN A 301 -4.35 22.29 12.25
N VAL A 302 -4.33 20.96 12.14
CA VAL A 302 -5.56 20.20 11.94
C VAL A 302 -6.50 20.30 13.14
N ILE A 303 -5.93 20.19 14.34
CA ILE A 303 -6.68 20.33 15.57
C ILE A 303 -7.28 21.72 15.67
N SER A 304 -6.50 22.72 15.28
CA SER A 304 -6.98 24.10 15.24
C SER A 304 -8.16 24.22 14.28
N LEU A 305 -8.04 23.59 13.12
CA LEU A 305 -9.08 23.64 12.10
C LEU A 305 -10.38 22.95 12.52
N VAL A 306 -10.29 21.81 13.22
CA VAL A 306 -11.49 21.13 13.67
C VAL A 306 -12.10 21.84 14.87
N GLU A 307 -11.26 22.50 15.66
CA GLU A 307 -11.73 23.31 16.78
C GLU A 307 -12.51 24.54 16.35
N ASN A 308 -11.92 25.31 15.45
CA ASN A 308 -12.53 26.53 14.90
C ASN A 308 -13.54 26.28 13.79
N ALA A 309 -14.11 25.07 13.74
CA ALA A 309 -15.10 24.73 12.71
C ALA A 309 -15.81 23.43 13.02
N GLU B 3 10.51 45.79 -1.89
CA GLU B 3 11.77 46.48 -1.72
C GLU B 3 12.56 46.60 -3.02
N LYS B 4 12.85 47.83 -3.44
CA LYS B 4 13.67 48.01 -4.63
C LYS B 4 15.12 48.19 -4.18
N ASP B 5 15.45 47.57 -3.05
CA ASP B 5 16.81 47.58 -2.54
C ASP B 5 17.39 46.17 -2.60
N TYR B 6 18.50 46.01 -3.30
CA TYR B 6 19.09 44.68 -3.44
C TYR B 6 20.62 44.72 -3.36
N VAL B 7 21.22 43.56 -3.22
CA VAL B 7 22.66 43.42 -3.13
C VAL B 7 23.17 42.54 -4.26
N VAL B 8 24.18 43.03 -4.97
CA VAL B 8 24.75 42.27 -6.08
C VAL B 8 26.10 41.70 -5.65
N ILE B 9 26.26 40.40 -5.82
CA ILE B 9 27.49 39.73 -5.45
C ILE B 9 28.19 39.11 -6.66
N ILE B 10 29.39 39.59 -6.97
CA ILE B 10 30.18 39.02 -8.04
C ILE B 10 31.28 38.15 -7.44
N GLY B 11 31.03 36.86 -7.40
CA GLY B 11 31.96 35.93 -6.77
C GLY B 11 32.00 34.59 -7.45
N SER B 12 32.66 33.63 -6.80
CA SER B 12 32.80 32.30 -7.37
C SER B 12 31.87 31.29 -6.70
N ALA B 13 31.52 30.25 -7.47
CA ALA B 13 30.70 29.16 -6.96
C ALA B 13 31.43 27.84 -7.19
N ASN B 14 31.94 27.26 -6.11
CA ASN B 14 32.75 26.06 -6.20
C ASN B 14 32.01 24.83 -5.67
N ILE B 15 32.42 23.65 -6.11
CA ILE B 15 31.95 22.43 -5.48
C ILE B 15 32.99 22.01 -4.44
N ASP B 16 32.59 22.07 -3.17
CA ASP B 16 33.51 21.77 -2.08
C ASP B 16 33.45 20.31 -1.67
N VAL B 17 34.59 19.64 -1.73
CA VAL B 17 34.71 18.27 -1.28
C VAL B 17 35.56 18.23 -0.02
N ALA B 18 34.95 17.88 1.11
CA ALA B 18 35.64 17.92 2.40
C ALA B 18 35.88 16.53 2.97
N GLY B 19 37.11 16.27 3.39
CA GLY B 19 37.48 14.98 3.94
C GLY B 19 37.86 14.98 5.41
N TYR B 20 37.15 14.18 6.20
CA TYR B 20 37.45 14.04 7.63
C TYR B 20 37.90 12.61 7.91
N SER B 21 38.97 12.45 8.68
CA SER B 21 39.42 11.10 9.02
C SER B 21 39.61 10.89 10.52
N HIS B 22 40.03 9.67 10.86
CA HIS B 22 40.28 9.27 12.24
C HIS B 22 41.59 9.90 12.69
N GLU B 23 42.67 9.30 12.20
CA GLU B 23 44.05 9.72 12.41
C GLU B 23 44.87 9.28 11.21
N SER B 24 45.33 10.25 10.43
CA SER B 24 46.05 9.98 9.19
C SER B 24 47.34 9.21 9.40
N LEU B 25 47.49 8.12 8.66
CA LEU B 25 48.69 7.29 8.69
C LEU B 25 49.48 7.46 7.39
N ASN B 26 48.88 8.21 6.45
CA ASN B 26 49.48 8.47 5.15
C ASN B 26 49.84 7.18 4.40
N SER B 30 45.01 3.78 3.52
CA SER B 30 43.81 4.58 3.29
C SER B 30 43.06 4.84 4.58
N ASN B 31 43.31 6.01 5.18
CA ASN B 31 42.71 6.42 6.44
C ASN B 31 41.21 6.62 6.29
N PRO B 32 40.41 5.75 6.91
CA PRO B 32 38.95 5.78 6.79
C PRO B 32 38.32 7.04 7.38
N GLY B 33 37.18 7.46 6.84
CA GLY B 33 36.50 8.65 7.33
C GLY B 33 35.26 9.02 6.55
N LYS B 34 34.92 10.30 6.60
CA LYS B 34 33.73 10.82 5.94
C LYS B 34 34.10 11.85 4.88
N ILE B 35 33.60 11.66 3.66
CA ILE B 35 33.84 12.61 2.58
C ILE B 35 32.51 13.23 2.16
N LYS B 36 32.42 14.55 2.28
CA LYS B 36 31.16 15.24 2.04
C LYS B 36 31.24 16.17 0.83
N PHE B 37 30.21 16.14 -0.01
CA PHE B 37 30.12 17.03 -1.16
C PHE B 37 29.12 18.15 -0.85
N THR B 38 29.63 19.34 -0.60
CA THR B 38 28.80 20.49 -0.21
C THR B 38 29.04 21.69 -1.12
N PRO B 39 27.99 22.50 -1.34
CA PRO B 39 28.13 23.75 -2.11
C PRO B 39 29.12 24.72 -1.46
N GLY B 40 29.91 25.40 -2.27
CA GLY B 40 30.93 26.30 -1.77
C GLY B 40 31.25 27.47 -2.68
N GLY B 41 32.36 28.15 -2.39
CA GLY B 41 32.73 29.35 -3.12
C GLY B 41 32.42 30.59 -2.31
N VAL B 42 33.44 31.43 -2.12
CA VAL B 42 33.33 32.64 -1.29
C VAL B 42 32.10 33.50 -1.61
N GLY B 43 32.00 33.94 -2.86
CA GLY B 43 30.90 34.79 -3.28
C GLY B 43 29.53 34.15 -3.08
N ARG B 44 29.41 32.89 -3.46
CA ARG B 44 28.16 32.16 -3.31
C ARG B 44 27.74 32.04 -1.85
N ASN B 45 28.71 31.72 -0.99
CA ASN B 45 28.45 31.60 0.44
C ASN B 45 28.02 32.92 1.06
N ILE B 46 28.75 33.97 0.73
CA ILE B 46 28.41 35.32 1.17
C ILE B 46 26.99 35.68 0.73
N ALA B 47 26.66 35.34 -0.52
CA ALA B 47 25.33 35.58 -1.05
C ALA B 47 24.26 34.86 -0.23
N GLN B 48 24.50 33.59 0.06
CA GLN B 48 23.55 32.80 0.85
C GLN B 48 23.35 33.41 2.24
N ASN B 49 24.46 33.77 2.89
CA ASN B 49 24.40 34.36 4.21
C ASN B 49 23.67 35.70 4.20
N LEU B 50 23.85 36.45 3.12
CA LEU B 50 23.16 37.73 2.94
C LEU B 50 21.66 37.51 2.80
N ALA B 51 21.29 36.48 2.04
CA ALA B 51 19.88 36.12 1.88
C ALA B 51 19.28 35.68 3.21
N LEU B 52 20.09 35.04 4.04
CA LEU B 52 19.64 34.58 5.35
C LEU B 52 19.49 35.73 6.35
N LEU B 53 20.18 36.83 6.08
CA LEU B 53 20.10 38.00 6.96
C LEU B 53 19.01 38.94 6.49
N GLY B 54 18.19 38.43 5.58
CA GLY B 54 17.03 39.17 5.11
C GLY B 54 17.42 40.25 4.13
N ASN B 55 18.42 39.97 3.30
CA ASN B 55 18.80 40.89 2.24
C ASN B 55 18.54 40.21 0.91
N LYS B 56 17.87 40.92 0.01
CA LYS B 56 17.59 40.41 -1.31
C LYS B 56 18.89 40.38 -2.10
N ALA B 57 19.47 39.20 -2.22
CA ALA B 57 20.79 39.04 -2.81
C ALA B 57 20.73 38.45 -4.21
N TRP B 58 21.48 39.06 -5.12
CA TRP B 58 21.56 38.58 -6.50
C TRP B 58 23.01 38.15 -6.77
N LEU B 59 23.20 36.89 -7.13
CA LEU B 59 24.55 36.38 -7.36
C LEU B 59 24.93 36.42 -8.84
N LEU B 60 26.09 37.02 -9.12
CA LEU B 60 26.62 37.04 -10.48
C LEU B 60 27.89 36.20 -10.57
N SER B 61 27.72 34.90 -10.75
CA SER B 61 28.83 33.95 -10.79
C SER B 61 28.87 33.16 -12.09
N ALA B 62 29.73 32.15 -12.14
CA ALA B 62 29.86 31.29 -13.31
C ALA B 62 29.87 29.81 -12.92
N VAL B 63 29.03 29.02 -13.60
CA VAL B 63 28.97 27.58 -13.35
C VAL B 63 29.23 26.82 -14.66
N GLY B 64 29.51 25.53 -14.56
CA GLY B 64 29.96 24.77 -15.72
C GLY B 64 29.04 23.81 -16.45
N SER B 65 27.76 24.16 -16.58
CA SER B 65 26.75 23.37 -17.30
C SER B 65 26.67 21.87 -16.93
N ASP B 66 27.49 21.46 -15.98
CA ASP B 66 27.50 20.11 -15.41
C ASP B 66 26.55 20.00 -14.23
N PHE B 67 26.30 18.76 -13.79
CA PHE B 67 25.48 18.52 -12.60
C PHE B 67 25.97 19.29 -11.37
N TYR B 68 27.27 19.48 -11.24
CA TYR B 68 27.81 20.28 -10.14
C TYR B 68 27.23 21.69 -10.14
N GLY B 69 27.20 22.29 -11.33
CA GLY B 69 26.70 23.64 -11.51
C GLY B 69 25.20 23.74 -11.27
N GLN B 70 24.47 22.79 -11.82
CA GLN B 70 23.02 22.75 -11.67
C GLN B 70 22.61 22.55 -10.21
N SER B 71 23.36 21.71 -9.51
CA SER B 71 23.14 21.49 -8.09
C SER B 71 23.43 22.75 -7.29
N LEU B 72 24.55 23.39 -7.61
CA LEU B 72 24.91 24.65 -6.96
C LEU B 72 23.82 25.70 -7.12
N LEU B 73 23.39 25.92 -8.36
CA LEU B 73 22.37 26.91 -8.65
C LEU B 73 21.03 26.58 -7.99
N THR B 74 20.63 25.32 -8.03
CA THR B 74 19.36 24.93 -7.44
C THR B 74 19.36 25.10 -5.92
N GLN B 75 20.42 24.62 -5.27
CA GLN B 75 20.53 24.76 -3.81
C GLN B 75 20.62 26.22 -3.37
N THR B 76 21.39 27.02 -4.12
CA THR B 76 21.58 28.42 -3.79
C THR B 76 20.28 29.19 -3.96
N ASN B 77 19.55 28.91 -5.03
CA ASN B 77 18.24 29.50 -5.24
C ASN B 77 17.30 29.08 -4.12
N GLN B 78 17.43 27.83 -3.69
CA GLN B 78 16.63 27.32 -2.59
C GLN B 78 16.99 28.00 -1.27
N SER B 79 18.16 28.63 -1.22
CA SER B 79 18.56 29.39 -0.04
C SER B 79 18.08 30.83 -0.10
N GLY B 80 17.24 31.14 -1.09
CA GLY B 80 16.64 32.46 -1.21
C GLY B 80 17.43 33.44 -2.05
N VAL B 81 18.42 32.93 -2.78
CA VAL B 81 19.27 33.79 -3.60
C VAL B 81 18.88 33.75 -5.07
N TYR B 82 18.66 34.92 -5.65
CA TYR B 82 18.33 35.04 -7.07
C TYR B 82 19.56 34.74 -7.92
N VAL B 83 19.50 33.67 -8.70
CA VAL B 83 20.65 33.23 -9.47
C VAL B 83 20.39 33.24 -10.97
N ASP B 84 19.39 34.01 -11.39
CA ASP B 84 18.99 34.04 -12.80
C ASP B 84 19.99 34.77 -13.68
N LYS B 85 20.85 35.58 -13.06
CA LYS B 85 21.81 36.36 -13.83
C LYS B 85 23.20 35.74 -13.85
N CYS B 86 23.33 34.55 -13.25
CA CYS B 86 24.59 33.81 -13.26
C CYS B 86 24.92 33.31 -14.66
N LEU B 87 26.20 33.10 -14.92
CA LEU B 87 26.66 32.64 -16.23
C LEU B 87 26.84 31.13 -16.25
N ILE B 88 26.19 30.45 -17.19
CA ILE B 88 26.40 29.01 -17.37
C ILE B 88 27.27 28.77 -18.59
N VAL B 89 28.54 28.45 -18.35
CA VAL B 89 29.50 28.32 -19.45
C VAL B 89 29.66 26.89 -19.98
N PRO B 90 29.29 26.67 -21.25
CA PRO B 90 29.40 25.40 -21.96
C PRO B 90 30.80 25.18 -22.54
N GLY B 91 31.66 24.45 -21.85
CA GLY B 91 33.00 24.17 -22.33
C GLY B 91 33.95 24.08 -21.16
N GLU B 92 33.57 24.74 -20.07
CA GLU B 92 34.37 24.76 -18.85
C GLU B 92 33.71 23.92 -17.77
N ASN B 93 34.45 23.70 -16.70
CA ASN B 93 33.98 22.87 -15.61
C ASN B 93 33.71 23.72 -14.38
N THR B 94 32.73 23.31 -13.59
CA THR B 94 32.42 24.03 -12.36
C THR B 94 33.66 24.01 -11.46
N SER B 95 33.96 25.16 -10.87
CA SER B 95 35.11 25.32 -10.00
C SER B 95 35.04 24.32 -8.84
N SER B 96 36.19 23.91 -8.33
CA SER B 96 36.22 22.90 -7.28
C SER B 96 37.16 23.27 -6.14
N TYR B 97 36.83 22.78 -4.95
CA TYR B 97 37.67 23.01 -3.78
C TYR B 97 37.78 21.75 -2.92
N LEU B 98 38.98 21.20 -2.86
CA LEU B 98 39.26 20.00 -2.07
C LEU B 98 39.98 20.36 -0.77
N SER B 99 39.49 19.83 0.36
CA SER B 99 40.06 20.14 1.67
C SER B 99 40.20 18.90 2.55
N LEU B 100 41.39 18.68 3.13
CA LEU B 100 41.54 17.59 4.10
C LEU B 100 41.52 18.16 5.52
N LEU B 101 40.32 18.21 6.10
CA LEU B 101 40.09 18.89 7.36
C LEU B 101 40.27 17.98 8.59
N MET B 107 42.47 22.36 7.93
CA MET B 107 43.62 21.99 8.75
C MET B 107 44.81 21.59 7.89
N LEU B 108 44.71 20.43 7.26
CA LEU B 108 45.78 19.92 6.40
C LEU B 108 45.37 19.92 4.92
N VAL B 109 46.23 20.45 4.06
CA VAL B 109 46.02 20.53 2.61
C VAL B 109 44.69 21.11 2.11
N ALA B 110 44.83 22.17 1.31
CA ALA B 110 43.74 22.83 0.61
C ALA B 110 44.10 22.98 -0.87
N ILE B 111 43.27 22.47 -1.75
CA ILE B 111 43.50 22.60 -3.20
C ILE B 111 42.31 23.28 -3.89
N ASN B 112 42.59 24.19 -4.83
CA ASN B 112 41.50 24.86 -5.55
C ASN B 112 41.67 24.79 -7.07
N ASP B 113 40.65 24.27 -7.75
CA ASP B 113 40.63 24.23 -9.21
C ASP B 113 39.57 25.19 -9.75
N MET B 114 39.95 26.45 -9.95
CA MET B 114 39.03 27.49 -10.36
C MET B 114 39.50 28.24 -11.61
N ASN B 115 39.01 27.80 -12.76
CA ASN B 115 39.35 28.41 -14.03
C ASN B 115 38.15 29.05 -14.71
N ILE B 116 36.97 28.61 -14.32
CA ILE B 116 35.73 29.19 -14.82
C ILE B 116 35.52 30.59 -14.21
N SER B 117 36.33 30.91 -13.20
CA SER B 117 36.28 32.23 -12.58
C SER B 117 36.76 33.32 -13.53
N ASN B 118 37.47 32.93 -14.58
CA ASN B 118 37.89 33.90 -15.58
C ASN B 118 36.81 34.10 -16.64
N ALA B 119 35.75 33.30 -16.56
CA ALA B 119 34.60 33.46 -17.45
C ALA B 119 33.73 34.61 -16.97
N ILE B 120 33.86 34.95 -15.69
CA ILE B 120 33.23 36.16 -15.17
C ILE B 120 34.03 37.34 -15.71
N THR B 121 33.53 37.97 -16.77
CA THR B 121 34.31 38.98 -17.47
C THR B 121 33.70 40.37 -17.44
N ALA B 122 34.48 41.33 -17.92
CA ALA B 122 34.04 42.73 -18.00
C ALA B 122 32.82 42.87 -18.89
N GLU B 123 32.77 42.09 -19.97
CA GLU B 123 31.66 42.15 -20.91
C GLU B 123 30.38 41.62 -20.27
N TYR B 124 30.53 40.51 -19.56
CA TYR B 124 29.44 39.86 -18.84
C TYR B 124 28.83 40.79 -17.80
N LEU B 125 29.70 41.49 -17.07
CA LEU B 125 29.25 42.45 -16.07
C LEU B 125 28.64 43.67 -16.74
N ALA B 126 29.17 44.02 -17.91
CA ALA B 126 28.68 45.16 -18.66
C ALA B 126 27.28 44.90 -19.16
N GLN B 127 26.94 43.63 -19.32
CA GLN B 127 25.59 43.23 -19.69
C GLN B 127 24.64 43.45 -18.51
N HIS B 128 25.20 43.50 -17.31
CA HIS B 128 24.42 43.73 -16.09
C HIS B 128 24.84 45.00 -15.35
N ARG B 129 25.32 46.00 -16.10
CA ARG B 129 25.78 47.27 -15.56
C ARG B 129 24.69 47.89 -14.67
N GLU B 130 23.98 48.91 -15.14
CA GLU B 130 22.82 49.48 -14.43
C GLU B 130 22.23 48.70 -13.26
N PHE B 131 22.02 47.40 -13.46
CA PHE B 131 21.49 46.56 -12.38
C PHE B 131 22.51 46.51 -11.25
N ILE B 132 23.78 46.31 -11.60
CA ILE B 132 24.83 46.31 -10.59
C ILE B 132 24.97 47.71 -9.99
N GLN B 133 24.81 48.72 -10.83
CA GLN B 133 24.97 50.12 -10.41
C GLN B 133 23.77 50.65 -9.63
N ARG B 134 22.67 49.91 -9.63
CA ARG B 134 21.47 50.37 -8.95
C ARG B 134 21.23 49.54 -7.69
N ALA B 135 22.31 48.90 -7.22
CA ALA B 135 22.29 48.13 -5.99
C ALA B 135 22.73 49.02 -4.82
N LYS B 136 22.51 48.55 -3.60
CA LYS B 136 22.91 49.32 -2.42
C LYS B 136 24.39 49.09 -2.14
N VAL B 137 24.81 47.83 -2.18
CA VAL B 137 26.21 47.47 -2.02
C VAL B 137 26.60 46.40 -3.03
N ILE B 138 27.87 46.40 -3.41
CA ILE B 138 28.38 45.35 -4.29
C ILE B 138 29.45 44.56 -3.56
N VAL B 139 29.26 43.26 -3.40
CA VAL B 139 30.28 42.43 -2.78
C VAL B 139 31.01 41.62 -3.84
N ALA B 140 32.30 41.87 -3.99
CA ALA B 140 33.12 41.15 -4.96
C ALA B 140 34.24 40.39 -4.27
N ASP B 141 34.69 39.29 -4.88
CA ASP B 141 35.81 38.54 -4.33
C ASP B 141 37.01 38.57 -5.27
N CYS B 142 38.17 38.17 -4.75
CA CYS B 142 39.41 38.20 -5.51
C CYS B 142 39.64 36.90 -6.28
N ASN B 143 38.56 36.17 -6.52
CA ASN B 143 38.65 34.93 -7.31
C ASN B 143 38.49 35.25 -8.80
N ILE B 144 37.92 36.41 -9.10
CA ILE B 144 37.71 36.81 -10.48
C ILE B 144 38.98 37.43 -11.05
N SER B 145 38.93 37.74 -12.35
CA SER B 145 40.07 38.33 -13.04
C SER B 145 40.31 39.76 -12.60
N GLU B 146 41.55 40.22 -12.77
CA GLU B 146 41.92 41.60 -12.45
C GLU B 146 41.12 42.60 -13.28
N GLU B 147 40.85 42.22 -14.53
CA GLU B 147 40.06 43.08 -15.41
C GLU B 147 38.61 43.23 -14.94
N ALA B 148 38.04 42.16 -14.40
CA ALA B 148 36.66 42.20 -13.92
C ALA B 148 36.53 43.09 -12.69
N LEU B 149 37.46 42.92 -11.75
CA LEU B 149 37.51 43.76 -10.57
C LEU B 149 37.72 45.22 -10.96
N ALA B 150 38.60 45.43 -11.94
CA ALA B 150 38.86 46.78 -12.46
C ALA B 150 37.59 47.41 -13.01
N TRP B 151 36.85 46.63 -13.79
CA TRP B 151 35.57 47.09 -14.34
C TRP B 151 34.59 47.46 -13.23
N ILE B 152 34.39 46.56 -12.28
CA ILE B 152 33.47 46.79 -11.17
C ILE B 152 33.82 48.06 -10.40
N LEU B 153 35.10 48.22 -10.10
CA LEU B 153 35.60 49.35 -9.33
C LEU B 153 35.48 50.65 -10.12
N ASP B 154 35.60 50.55 -11.44
CA ASP B 154 35.53 51.73 -12.30
C ASP B 154 34.09 52.07 -12.67
N ASN B 155 33.23 51.07 -12.66
CA ASN B 155 31.82 51.27 -13.00
C ASN B 155 30.89 51.03 -11.81
N ALA B 156 31.34 51.42 -10.62
CA ALA B 156 30.56 51.21 -9.41
C ALA B 156 29.47 52.26 -9.28
N ALA B 157 29.66 53.40 -9.94
CA ALA B 157 28.68 54.49 -9.94
C ALA B 157 28.32 54.93 -8.53
N ASN B 158 29.33 55.26 -7.74
CA ASN B 158 29.16 55.73 -6.37
C ASN B 158 28.43 54.73 -5.47
N VAL B 159 28.56 53.45 -5.78
CA VAL B 159 28.04 52.40 -4.91
C VAL B 159 29.20 51.69 -4.23
N PRO B 160 29.19 51.65 -2.88
CA PRO B 160 30.26 51.05 -2.08
C PRO B 160 30.54 49.61 -2.48
N VAL B 161 31.81 49.29 -2.75
CA VAL B 161 32.19 47.92 -3.08
C VAL B 161 33.00 47.26 -1.97
N PHE B 162 32.43 46.21 -1.40
CA PHE B 162 33.04 45.43 -0.35
C PHE B 162 33.78 44.25 -0.99
N VAL B 163 35.08 44.19 -0.80
CA VAL B 163 35.90 43.18 -1.47
C VAL B 163 36.52 42.19 -0.49
N ASP B 164 36.28 40.91 -0.76
CA ASP B 164 36.88 39.85 0.02
C ASP B 164 38.15 39.33 -0.66
N PRO B 165 39.29 39.42 0.05
CA PRO B 165 40.60 38.98 -0.43
C PRO B 165 40.67 37.49 -0.72
N VAL B 166 39.82 36.70 -0.05
CA VAL B 166 39.76 35.23 -0.15
C VAL B 166 41.14 34.60 0.15
N SER B 167 42.13 34.90 -0.67
CA SER B 167 43.48 34.37 -0.52
C SER B 167 44.56 35.42 -0.63
N ALA B 168 45.75 35.11 -0.14
CA ALA B 168 46.86 36.05 -0.15
C ALA B 168 47.48 36.19 -1.54
N TRP B 169 47.48 35.10 -2.31
CA TRP B 169 48.10 35.14 -3.63
C TRP B 169 47.22 35.80 -4.68
N LYS B 170 45.91 35.82 -4.46
CA LYS B 170 45.04 36.48 -5.42
C LYS B 170 44.46 37.81 -4.94
N CYS B 171 44.94 38.33 -3.80
CA CYS B 171 44.40 39.58 -3.29
C CYS B 171 45.23 40.81 -3.66
N VAL B 172 46.31 40.60 -4.39
CA VAL B 172 47.22 41.69 -4.69
C VAL B 172 46.69 42.55 -5.82
N LYS B 173 45.65 42.06 -6.47
CA LYS B 173 45.11 42.74 -7.64
C LYS B 173 44.27 43.95 -7.25
N VAL B 174 43.95 44.06 -5.96
CA VAL B 174 43.18 45.20 -5.46
C VAL B 174 44.11 46.24 -4.85
N ARG B 175 45.40 45.95 -4.88
CA ARG B 175 46.43 46.78 -4.27
C ARG B 175 46.32 48.18 -4.89
N ASP B 176 46.88 48.37 -6.08
CA ASP B 176 46.76 49.65 -6.78
C ASP B 176 45.33 50.17 -7.01
N ARG B 177 44.33 49.45 -6.50
CA ARG B 177 42.93 49.85 -6.66
C ARG B 177 42.23 50.01 -5.31
N LEU B 178 43.02 50.13 -4.25
CA LEU B 178 42.47 50.29 -2.91
C LEU B 178 41.66 51.59 -2.76
N ASN B 179 41.90 52.55 -3.64
CA ASN B 179 41.21 53.84 -3.59
C ASN B 179 39.75 53.74 -4.05
N GLN B 180 39.36 52.55 -4.51
CA GLN B 180 38.01 52.32 -5.02
C GLN B 180 37.28 51.29 -4.17
N ILE B 181 37.92 50.89 -3.07
CA ILE B 181 37.38 49.84 -2.22
C ILE B 181 36.77 50.48 -0.97
N HIS B 182 35.55 50.05 -0.63
CA HIS B 182 34.90 50.58 0.57
C HIS B 182 35.48 49.87 1.78
N THR B 183 35.06 48.63 1.99
CA THR B 183 35.51 47.85 3.13
C THR B 183 36.32 46.65 2.66
N LEU B 184 37.56 46.55 3.13
CA LEU B 184 38.41 45.40 2.82
C LEU B 184 38.57 44.56 4.08
N LYS B 185 38.42 43.25 3.93
CA LYS B 185 38.48 42.33 5.06
C LYS B 185 39.56 41.24 4.91
N PRO B 186 40.82 41.57 5.20
CA PRO B 186 41.92 40.62 5.10
C PRO B 186 42.28 39.97 6.43
N ASN B 187 43.06 38.89 6.37
CA ASN B 187 43.63 38.26 7.57
C ASN B 187 45.07 38.71 7.76
N ARG B 188 45.80 38.03 8.65
CA ARG B 188 47.19 38.37 8.94
C ARG B 188 48.07 38.32 7.70
N LEU B 189 48.10 37.16 7.05
CA LEU B 189 48.97 36.92 5.90
C LEU B 189 48.61 37.81 4.71
N GLU B 190 47.32 37.96 4.46
CA GLU B 190 46.84 38.79 3.35
C GLU B 190 47.26 40.24 3.52
N ALA B 191 47.05 40.79 4.71
CA ALA B 191 47.42 42.18 5.00
C ALA B 191 48.94 42.37 5.01
N GLU B 192 49.65 41.36 5.49
CA GLU B 192 51.12 41.40 5.47
C GLU B 192 51.62 41.44 4.03
N THR B 193 51.04 40.59 3.19
CA THR B 193 51.39 40.53 1.79
C THR B 193 51.09 41.86 1.11
N LEU B 194 49.87 42.36 1.27
CA LEU B 194 49.46 43.60 0.62
C LEU B 194 50.30 44.81 1.06
N SER B 195 50.40 45.02 2.37
CA SER B 195 51.09 46.18 2.90
C SER B 195 52.60 46.07 2.72
N GLY B 196 53.13 44.88 2.96
CA GLY B 196 54.56 44.65 2.96
C GLY B 196 55.13 44.90 4.34
N ILE B 197 54.25 45.25 5.26
CA ILE B 197 54.64 45.48 6.65
C ILE B 197 54.27 44.27 7.49
N ALA B 198 55.20 43.83 8.34
CA ALA B 198 54.97 42.64 9.17
C ALA B 198 53.93 42.89 10.25
N LEU B 199 53.05 41.91 10.45
CA LEU B 199 52.01 41.98 11.47
C LEU B 199 52.35 41.18 12.71
N SER B 200 53.64 40.95 12.92
CA SER B 200 54.09 40.13 14.05
C SER B 200 53.76 40.80 15.37
N GLY B 201 52.48 40.84 15.72
CA GLY B 201 52.06 41.46 16.96
C GLY B 201 50.79 42.27 16.86
N ARG B 202 50.43 42.91 17.97
CA ARG B 202 49.26 43.77 18.07
C ARG B 202 49.72 45.21 17.96
N ASP B 203 51.04 45.38 17.90
CA ASP B 203 51.68 46.69 17.84
C ASP B 203 51.84 47.20 16.42
N ASP B 204 52.05 46.29 15.47
CA ASP B 204 52.31 46.64 14.07
C ASP B 204 51.04 46.74 13.22
N VAL B 205 49.88 46.85 13.86
CA VAL B 205 48.64 46.93 13.10
C VAL B 205 48.27 48.37 12.76
N ALA B 206 48.81 49.29 13.55
CA ALA B 206 48.62 50.72 13.29
C ALA B 206 49.36 51.13 12.03
N LYS B 207 50.56 50.56 11.84
CA LYS B 207 51.40 50.86 10.70
C LYS B 207 50.82 50.28 9.40
N VAL B 208 50.23 49.10 9.51
CA VAL B 208 49.59 48.46 8.37
C VAL B 208 48.33 49.22 7.99
N ALA B 209 47.54 49.59 9.00
CA ALA B 209 46.35 50.38 8.76
C ALA B 209 46.73 51.71 8.10
N ALA B 210 47.81 52.31 8.57
CA ALA B 210 48.33 53.54 7.99
C ALA B 210 48.74 53.36 6.54
N TRP B 211 49.41 52.24 6.23
CA TRP B 211 49.78 51.95 4.85
C TRP B 211 48.55 51.85 3.96
N PHE B 212 47.58 51.05 4.40
CA PHE B 212 46.35 50.84 3.62
C PHE B 212 45.59 52.13 3.39
N HIS B 213 45.48 52.96 4.41
CA HIS B 213 44.76 54.23 4.30
C HIS B 213 45.53 55.23 3.44
N GLN B 214 46.85 55.14 3.46
CA GLN B 214 47.68 56.01 2.64
C GLN B 214 47.49 55.68 1.16
N HIS B 215 47.11 54.43 0.88
CA HIS B 215 46.88 53.99 -0.50
C HIS B 215 45.42 54.16 -0.92
N GLY B 216 44.59 54.69 -0.03
CA GLY B 216 43.24 55.07 -0.40
C GLY B 216 42.10 54.20 0.12
N LEU B 217 42.41 53.23 0.97
CA LEU B 217 41.37 52.35 1.51
C LEU B 217 40.52 53.08 2.54
N ASN B 218 39.21 53.07 2.35
CA ASN B 218 38.28 53.75 3.24
C ASN B 218 38.19 53.05 4.59
N ARG B 219 37.79 51.78 4.57
CA ARG B 219 37.63 51.02 5.80
C ARG B 219 38.38 49.69 5.72
N LEU B 220 39.18 49.40 6.75
CA LEU B 220 39.91 48.15 6.83
C LEU B 220 39.42 47.35 8.03
N VAL B 221 39.02 46.11 7.77
CA VAL B 221 38.60 45.20 8.83
C VAL B 221 39.55 44.01 8.88
N LEU B 222 40.64 44.20 9.62
CA LEU B 222 41.70 43.21 9.71
C LEU B 222 41.41 42.18 10.79
N SER B 223 41.25 40.93 10.39
CA SER B 223 41.01 39.84 11.32
C SER B 223 42.34 39.28 11.79
N MET B 224 42.59 39.38 13.10
CA MET B 224 43.85 38.93 13.67
C MET B 224 43.61 37.75 14.61
N GLY B 225 42.60 36.96 14.28
CA GLY B 225 42.20 35.80 15.06
C GLY B 225 42.13 36.02 16.56
N GLY B 226 42.92 35.25 17.30
CA GLY B 226 43.04 35.38 18.74
C GLY B 226 42.94 36.80 19.26
N ASP B 227 43.89 37.63 18.84
CA ASP B 227 43.93 39.06 19.14
C ASP B 227 42.58 39.77 19.03
N GLY B 228 41.78 39.38 18.05
CA GLY B 228 40.49 40.02 17.85
C GLY B 228 40.35 40.52 16.43
N VAL B 229 39.43 41.46 16.23
CA VAL B 229 39.28 42.09 14.92
C VAL B 229 39.56 43.59 15.02
N TYR B 230 40.61 44.03 14.35
CA TYR B 230 40.98 45.45 14.34
C TYR B 230 40.28 46.15 13.19
N TYR B 231 39.49 47.17 13.52
CA TYR B 231 38.78 47.95 12.52
C TYR B 231 39.35 49.36 12.44
N SER B 232 39.42 49.89 11.23
CA SER B 232 40.01 51.21 11.01
C SER B 232 39.32 51.97 9.88
N ASP B 233 39.06 53.25 10.12
CA ASP B 233 38.46 54.12 9.12
C ASP B 233 39.44 55.22 8.75
N ILE B 234 39.46 55.61 7.48
CA ILE B 234 40.34 56.67 7.00
C ILE B 234 39.97 58.01 7.63
N ARG B 235 38.77 58.09 8.19
CA ARG B 235 38.28 59.30 8.82
C ARG B 235 38.77 59.42 10.25
N GLY B 236 39.39 58.36 10.76
CA GLY B 236 40.02 58.37 12.06
C GLY B 236 39.53 57.38 13.10
N GLU B 237 38.31 56.86 12.94
CA GLU B 237 37.75 55.92 13.92
C GLU B 237 38.43 54.55 13.84
N ASN B 238 39.34 54.30 14.78
CA ASN B 238 40.04 53.03 14.84
C ASN B 238 39.75 52.32 16.15
N GLY B 239 39.91 51.00 16.17
CA GLY B 239 39.71 50.26 17.40
C GLY B 239 39.86 48.75 17.29
N TRP B 240 39.89 48.10 18.43
CA TRP B 240 39.98 46.65 18.51
C TRP B 240 38.66 46.08 19.00
N SER B 241 38.32 44.90 18.50
CA SER B 241 37.13 44.21 18.97
C SER B 241 37.55 42.85 19.50
N ALA B 242 37.09 42.51 20.69
CA ALA B 242 37.46 41.25 21.32
C ALA B 242 36.70 40.10 20.68
N PRO B 243 37.35 38.94 20.53
CA PRO B 243 36.70 37.79 19.91
C PRO B 243 35.62 37.20 20.80
N ILE B 244 34.51 36.78 20.21
CA ILE B 244 33.49 36.09 20.97
C ILE B 244 33.92 34.64 21.04
N LYS B 245 34.35 34.21 22.23
CA LYS B 245 34.87 32.85 22.40
C LYS B 245 33.77 31.83 22.13
N THR B 246 34.05 30.90 21.23
CA THR B 246 33.06 29.91 20.81
C THR B 246 33.71 28.54 20.62
N ASN B 247 32.88 27.50 20.62
CA ASN B 247 33.35 26.14 20.42
C ASN B 247 33.52 25.79 18.96
N VAL B 248 34.77 25.52 18.59
CA VAL B 248 35.16 25.23 17.21
C VAL B 248 34.54 23.92 16.75
N ILE B 249 34.04 23.93 15.52
CA ILE B 249 33.43 22.78 14.88
C ILE B 249 33.82 22.81 13.40
N ASN B 250 33.62 23.96 12.78
CA ASN B 250 34.07 24.15 11.41
C ASN B 250 34.49 25.60 11.17
N VAL B 251 35.72 25.80 10.70
CA VAL B 251 36.22 27.15 10.50
C VAL B 251 35.75 27.74 9.16
N THR B 252 35.22 26.89 8.28
CA THR B 252 34.83 27.32 6.94
C THR B 252 33.56 28.15 6.98
N GLY B 253 33.57 29.29 6.28
CA GLY B 253 32.41 30.13 6.16
C GLY B 253 32.43 31.29 7.14
N ALA B 254 33.48 31.36 7.95
CA ALA B 254 33.59 32.40 8.96
C ALA B 254 33.70 33.79 8.32
N GLY B 255 34.70 33.96 7.46
CA GLY B 255 34.94 35.24 6.81
C GLY B 255 33.79 35.61 5.88
N ASP B 256 33.14 34.61 5.32
CA ASP B 256 32.00 34.82 4.44
C ASP B 256 30.82 35.40 5.22
N ALA B 257 30.58 34.83 6.39
CA ALA B 257 29.50 35.28 7.26
C ALA B 257 29.82 36.66 7.81
N MET B 258 31.09 36.90 8.11
CA MET B 258 31.55 38.21 8.55
C MET B 258 31.29 39.27 7.48
N MET B 259 31.68 38.96 6.25
CA MET B 259 31.51 39.89 5.13
C MET B 259 30.02 40.18 4.91
N ALA B 260 29.22 39.12 4.94
CA ALA B 260 27.78 39.24 4.84
C ALA B 260 27.24 40.18 5.91
N GLY B 261 27.73 40.01 7.13
CA GLY B 261 27.33 40.84 8.25
C GLY B 261 27.68 42.30 8.04
N LEU B 262 28.91 42.55 7.60
CA LEU B 262 29.36 43.91 7.33
C LEU B 262 28.48 44.60 6.30
N ALA B 263 28.17 43.89 5.22
CA ALA B 263 27.37 44.48 4.15
C ALA B 263 25.93 44.71 4.59
N SER B 264 25.35 43.70 5.23
CA SER B 264 23.99 43.77 5.74
C SER B 264 23.84 44.92 6.73
N CYS B 265 24.89 45.17 7.50
CA CYS B 265 24.86 46.24 8.48
C CYS B 265 25.07 47.60 7.83
N TRP B 266 25.80 47.62 6.71
CA TRP B 266 25.93 48.88 5.98
C TRP B 266 24.58 49.27 5.39
N VAL B 267 23.87 48.29 4.84
CA VAL B 267 22.54 48.58 4.27
C VAL B 267 21.53 48.98 5.34
N ASP B 268 21.82 48.63 6.60
CA ASP B 268 20.92 48.95 7.71
C ASP B 268 21.28 50.26 8.41
N GLY B 269 22.21 51.01 7.84
CA GLY B 269 22.62 52.28 8.40
C GLY B 269 23.21 52.14 9.79
N MET B 270 24.16 51.22 9.93
CA MET B 270 24.77 50.91 11.21
C MET B 270 26.22 51.42 11.27
N PRO B 271 26.63 51.90 12.46
CA PRO B 271 28.00 52.38 12.69
C PRO B 271 29.06 51.31 12.42
N PHE B 272 30.29 51.75 12.20
CA PHE B 272 31.39 50.87 11.84
C PHE B 272 31.62 49.78 12.88
N ALA B 273 31.85 50.20 14.12
CA ALA B 273 32.13 49.29 15.22
C ALA B 273 31.03 48.25 15.42
N GLU B 274 29.78 48.71 15.42
CA GLU B 274 28.64 47.82 15.61
C GLU B 274 28.54 46.81 14.48
N SER B 275 28.87 47.26 13.27
CA SER B 275 28.88 46.37 12.10
C SER B 275 29.96 45.31 12.28
N VAL B 276 31.07 45.70 12.88
CA VAL B 276 32.16 44.77 13.14
C VAL B 276 31.76 43.73 14.17
N ARG B 277 31.06 44.18 15.21
CA ARG B 277 30.59 43.29 16.27
C ARG B 277 29.59 42.28 15.73
N PHE B 278 28.64 42.77 14.93
CA PHE B 278 27.62 41.93 14.33
C PHE B 278 28.24 40.91 13.38
N ALA B 279 29.20 41.37 12.58
CA ALA B 279 29.90 40.50 11.64
C ALA B 279 30.68 39.43 12.38
N GLN B 280 31.23 39.80 13.54
CA GLN B 280 31.95 38.86 14.38
C GLN B 280 30.99 37.82 14.93
N GLY B 281 29.75 38.25 15.18
CA GLY B 281 28.73 37.33 15.65
C GLY B 281 28.35 36.35 14.57
N CYS B 282 28.26 36.85 13.33
CA CYS B 282 27.98 35.98 12.20
C CYS B 282 29.08 34.95 12.01
N SER B 283 30.33 35.40 12.16
CA SER B 283 31.47 34.49 12.09
C SER B 283 31.39 33.42 13.17
N SER B 284 30.98 33.83 14.36
CA SER B 284 30.85 32.88 15.48
C SER B 284 29.75 31.85 15.20
N MET B 285 28.64 32.29 14.59
CA MET B 285 27.58 31.36 14.22
C MET B 285 28.06 30.40 13.13
N ALA B 286 28.92 30.90 12.25
CA ALA B 286 29.51 30.06 11.20
C ALA B 286 30.39 28.97 11.81
N LEU B 287 31.15 29.33 12.83
CA LEU B 287 32.06 28.38 13.48
C LEU B 287 31.32 27.29 14.24
N SER B 288 30.19 27.64 14.85
CA SER B 288 29.45 26.68 15.68
C SER B 288 28.73 25.63 14.85
N CYS B 289 28.76 25.78 13.53
CA CYS B 289 28.11 24.83 12.63
C CYS B 289 29.16 24.04 11.86
N GLU B 290 28.90 22.76 11.63
CA GLU B 290 29.80 21.94 10.84
C GLU B 290 29.65 22.30 9.36
N TYR B 291 28.43 22.63 8.98
CA TYR B 291 28.14 22.99 7.59
C TYR B 291 28.73 24.37 7.30
N THR B 292 29.08 24.60 6.04
CA THR B 292 29.63 25.89 5.63
C THR B 292 28.67 27.04 5.90
N ASN B 293 27.39 26.82 5.61
CA ASN B 293 26.39 27.85 5.84
C ASN B 293 25.33 27.40 6.84
N ASN B 294 25.28 28.09 7.99
CA ASN B 294 24.25 27.82 8.98
C ASN B 294 22.90 28.32 8.49
N PRO B 295 21.92 27.40 8.35
CA PRO B 295 20.60 27.78 7.84
C PRO B 295 19.79 28.56 8.88
N ASP B 296 20.19 28.51 10.14
CA ASP B 296 19.47 29.19 11.21
C ASP B 296 20.09 30.56 11.51
N LEU B 297 21.01 30.98 10.66
CA LEU B 297 21.64 32.30 10.81
C LEU B 297 20.63 33.42 10.60
N SER B 298 20.39 34.18 11.66
CA SER B 298 19.45 35.29 11.59
C SER B 298 19.94 36.48 12.41
N ILE B 299 19.34 37.65 12.17
CA ILE B 299 19.68 38.85 12.93
C ILE B 299 19.36 38.67 14.42
N ALA B 300 18.22 38.05 14.71
CA ALA B 300 17.78 37.83 16.09
C ALA B 300 18.77 36.96 16.87
N ASN B 301 19.24 35.89 16.25
CA ASN B 301 20.14 34.95 16.90
C ASN B 301 21.51 35.59 17.16
N VAL B 302 21.98 36.37 16.18
CA VAL B 302 23.25 37.07 16.31
C VAL B 302 23.14 38.09 17.45
N ILE B 303 21.99 38.76 17.50
CA ILE B 303 21.70 39.71 18.56
C ILE B 303 21.76 39.03 19.92
N SER B 304 21.24 37.81 20.00
CA SER B 304 21.34 37.01 21.22
C SER B 304 22.79 36.69 21.59
N LEU B 305 23.57 36.35 20.56
CA LEU B 305 24.97 35.97 20.75
C LEU B 305 25.79 37.14 21.27
N VAL B 306 25.49 38.34 20.79
CA VAL B 306 26.17 39.53 21.28
C VAL B 306 25.61 39.88 22.66
N GLU B 307 24.36 39.47 22.89
CA GLU B 307 23.69 39.69 24.18
C GLU B 307 24.40 38.97 25.31
N ASN B 308 24.78 37.70 25.12
CA ASN B 308 25.50 37.06 26.21
C ASN B 308 26.95 37.52 26.36
N ALA B 309 27.47 38.25 25.37
CA ALA B 309 28.84 38.75 25.44
C ALA B 309 28.91 40.13 26.11
N GLU C 3 12.39 -3.49 21.34
CA GLU C 3 10.93 -3.36 21.35
C GLU C 3 10.38 -3.54 22.76
N LYS C 4 9.80 -2.47 23.31
CA LYS C 4 9.25 -2.49 24.66
C LYS C 4 7.84 -3.09 24.66
N ASP C 5 7.76 -4.41 24.77
CA ASP C 5 6.46 -5.11 24.82
C ASP C 5 6.10 -5.74 26.17
N TYR C 6 4.96 -5.37 26.72
CA TYR C 6 4.52 -5.96 27.99
C TYR C 6 3.02 -6.23 28.01
N VAL C 7 2.59 -7.04 28.98
CA VAL C 7 1.18 -7.39 29.14
C VAL C 7 0.66 -6.95 30.51
N VAL C 8 -0.46 -6.24 30.52
CA VAL C 8 -1.03 -5.77 31.78
C VAL C 8 -2.30 -6.53 32.17
N ILE C 9 -2.31 -7.06 33.39
CA ILE C 9 -3.45 -7.81 33.92
C ILE C 9 -4.08 -7.12 35.12
N ILE C 10 -5.35 -6.72 34.96
CA ILE C 10 -6.09 -6.14 36.07
C ILE C 10 -7.04 -7.19 36.62
N GLY C 11 -6.62 -7.81 37.73
CA GLY C 11 -7.37 -8.90 38.29
C GLY C 11 -7.30 -8.96 39.81
N SER C 12 -7.77 -10.07 40.36
CA SER C 12 -7.80 -10.25 41.80
C SER C 12 -6.69 -11.17 42.30
N ALA C 13 -6.27 -10.94 43.54
CA ALA C 13 -5.26 -11.79 44.17
C ALA C 13 -5.82 -12.33 45.48
N ASN C 14 -6.15 -13.62 45.48
CA ASN C 14 -6.80 -14.23 46.63
C ASN C 14 -5.91 -15.22 47.38
N ILE C 15 -6.25 -15.46 48.64
CA ILE C 15 -5.65 -16.54 49.40
C ILE C 15 -6.52 -17.78 49.32
N ASP C 16 -6.02 -18.82 48.66
CA ASP C 16 -6.79 -20.04 48.47
C ASP C 16 -6.49 -21.02 49.59
N VAL C 17 -7.52 -21.39 50.34
CA VAL C 17 -7.41 -22.38 51.40
C VAL C 17 -8.16 -23.65 51.04
N ALA C 18 -7.42 -24.75 50.89
CA ALA C 18 -8.04 -26.00 50.49
C ALA C 18 -8.00 -27.01 51.63
N GLY C 19 -9.13 -27.64 51.91
CA GLY C 19 -9.20 -28.61 52.99
C GLY C 19 -9.45 -30.01 52.46
N TYR C 20 -8.53 -30.93 52.79
CA TYR C 20 -8.65 -32.32 52.39
C TYR C 20 -8.85 -33.22 53.59
N SER C 21 -9.77 -34.17 53.47
CA SER C 21 -10.07 -35.10 54.56
C SER C 21 -9.90 -36.54 54.13
N TYR C 27 -20.58 -34.65 56.17
CA TYR C 27 -20.72 -33.33 56.78
C TYR C 27 -21.17 -33.44 58.25
N ALA C 28 -20.82 -34.56 58.88
CA ALA C 28 -21.17 -34.81 60.27
C ALA C 28 -20.08 -34.48 61.29
N ASP C 29 -19.07 -35.35 61.33
CA ASP C 29 -18.02 -35.33 62.36
C ASP C 29 -16.78 -34.49 62.05
N SER C 30 -16.13 -34.01 63.10
CA SER C 30 -14.83 -33.33 63.03
C SER C 30 -13.83 -34.18 62.25
N ASN C 31 -13.55 -33.81 61.01
CA ASN C 31 -12.70 -34.64 60.17
C ASN C 31 -11.26 -34.15 59.99
N PRO C 32 -10.30 -34.89 60.56
CA PRO C 32 -8.87 -34.56 60.48
C PRO C 32 -8.38 -34.67 59.04
N GLY C 33 -7.36 -33.89 58.68
CA GLY C 33 -6.86 -33.92 57.33
C GLY C 33 -5.72 -32.95 57.07
N LYS C 34 -5.60 -32.53 55.81
CA LYS C 34 -4.55 -31.62 55.39
C LYS C 34 -5.12 -30.32 54.87
N ILE C 35 -4.63 -29.21 55.40
CA ILE C 35 -5.09 -27.88 54.99
C ILE C 35 -3.96 -27.15 54.28
N LYS C 36 -4.22 -26.75 53.04
CA LYS C 36 -3.20 -26.15 52.20
C LYS C 36 -3.49 -24.67 51.93
N PHE C 37 -2.45 -23.85 52.07
CA PHE C 37 -2.50 -22.42 51.76
C PHE C 37 -1.75 -22.11 50.48
N THR C 38 -2.49 -21.82 49.42
CA THR C 38 -1.89 -21.57 48.12
C THR C 38 -2.33 -20.23 47.55
N PRO C 39 -1.42 -19.56 46.81
CA PRO C 39 -1.76 -18.31 46.11
C PRO C 39 -2.86 -18.53 45.06
N GLY C 40 -3.76 -17.57 44.92
CA GLY C 40 -4.88 -17.72 44.00
C GLY C 40 -5.41 -16.41 43.44
N GLY C 41 -6.58 -16.49 42.80
CA GLY C 41 -7.16 -15.35 42.12
C GLY C 41 -6.97 -15.45 40.62
N VAL C 42 -8.07 -15.35 39.88
CA VAL C 42 -8.05 -15.48 38.42
C VAL C 42 -6.98 -14.62 37.75
N GLY C 43 -7.03 -13.32 37.98
CA GLY C 43 -6.08 -12.39 37.40
C GLY C 43 -4.64 -12.71 37.75
N ARG C 44 -4.40 -13.00 39.02
CA ARG C 44 -3.07 -13.34 39.51
C ARG C 44 -2.53 -14.59 38.82
N ASN C 45 -3.38 -15.60 38.71
CA ASN C 45 -3.02 -16.86 38.07
C ASN C 45 -2.70 -16.67 36.60
N ILE C 46 -3.56 -15.93 35.90
CA ILE C 46 -3.32 -15.57 34.51
C ILE C 46 -1.98 -14.87 34.37
N ALA C 47 -1.69 -13.94 35.29
CA ALA C 47 -0.43 -13.22 35.30
C ALA C 47 0.76 -14.16 35.42
N GLN C 48 0.69 -15.08 36.38
CA GLN C 48 1.77 -16.04 36.60
C GLN C 48 1.98 -16.92 35.37
N ASN C 49 0.89 -17.40 34.79
CA ASN C 49 0.97 -18.24 33.60
C ASN C 49 1.56 -17.48 32.42
N LEU C 50 1.23 -16.20 32.32
CA LEU C 50 1.76 -15.35 31.27
C LEU C 50 3.26 -15.16 31.46
N ALA C 51 3.68 -14.98 32.70
CA ALA C 51 5.09 -14.86 33.03
C ALA C 51 5.83 -16.14 32.69
N LEU C 52 5.14 -17.27 32.85
CA LEU C 52 5.72 -18.57 32.54
C LEU C 52 5.81 -18.78 31.03
N LEU C 53 4.99 -18.03 30.29
CA LEU C 53 4.98 -18.14 28.84
C LEU C 53 5.92 -17.13 28.20
N GLY C 54 6.76 -16.52 29.03
CA GLY C 54 7.79 -15.60 28.58
C GLY C 54 7.26 -14.22 28.21
N ASN C 55 6.28 -13.75 28.97
CA ASN C 55 5.73 -12.41 28.78
C ASN C 55 5.94 -11.51 29.99
N LYS C 56 6.36 -10.27 29.76
CA LYS C 56 6.43 -9.32 30.86
C LYS C 56 5.03 -8.93 31.31
N ALA C 57 4.60 -9.51 32.42
CA ALA C 57 3.23 -9.33 32.90
C ALA C 57 3.24 -8.39 34.09
N TRP C 58 2.35 -7.41 34.06
CA TRP C 58 2.23 -6.46 35.15
C TRP C 58 0.86 -6.61 35.79
N LEU C 59 0.83 -6.92 37.08
CA LEU C 59 -0.43 -7.13 37.79
C LEU C 59 -0.90 -5.88 38.52
N LEU C 60 -2.14 -5.49 38.24
CA LEU C 60 -2.75 -4.35 38.92
C LEU C 60 -3.86 -4.86 39.84
N SER C 61 -3.48 -5.28 41.04
CA SER C 61 -4.43 -5.88 41.97
C SER C 61 -4.48 -5.14 43.31
N ALA C 62 -5.20 -5.71 44.27
CA ALA C 62 -5.34 -5.13 45.60
C ALA C 62 -5.13 -6.14 46.72
N VAL C 63 -4.30 -5.77 47.70
CA VAL C 63 -4.07 -6.63 48.86
C VAL C 63 -4.39 -5.86 50.15
N GLY C 64 -4.51 -6.57 51.26
CA GLY C 64 -4.97 -5.96 52.50
C GLY C 64 -3.97 -5.65 53.61
N SER C 65 -2.71 -5.39 53.26
CA SER C 65 -1.67 -5.05 54.23
C SER C 65 -1.41 -6.20 55.21
N ASP C 66 -2.04 -7.35 54.95
CA ASP C 66 -1.87 -8.55 55.76
C ASP C 66 -0.61 -9.29 55.37
N PHE C 67 -0.10 -10.10 56.28
CA PHE C 67 1.06 -10.94 56.00
C PHE C 67 0.75 -11.83 54.80
N TYR C 68 -0.51 -12.26 54.70
CA TYR C 68 -0.97 -13.04 53.55
C TYR C 68 -0.78 -12.30 52.23
N GLY C 69 -1.11 -11.02 52.22
CA GLY C 69 -0.98 -10.22 51.02
C GLY C 69 0.45 -10.01 50.59
N GLN C 70 1.29 -9.70 51.57
CA GLN C 70 2.71 -9.49 51.34
C GLN C 70 3.34 -10.78 50.81
N SER C 71 2.86 -11.89 51.35
CA SER C 71 3.28 -13.21 50.92
C SER C 71 2.88 -13.47 49.48
N LEU C 72 1.63 -13.11 49.15
CA LEU C 72 1.15 -13.22 47.79
C LEU C 72 2.03 -12.45 46.82
N LEU C 73 2.31 -11.20 47.16
CA LEU C 73 3.10 -10.33 46.31
C LEU C 73 4.51 -10.90 46.13
N THR C 74 5.10 -11.39 47.22
CA THR C 74 6.44 -11.97 47.13
C THR C 74 6.49 -13.21 46.25
N GLN C 75 5.53 -14.12 46.47
CA GLN C 75 5.46 -15.36 45.68
C GLN C 75 5.24 -15.08 44.20
N THR C 76 4.34 -14.13 43.93
CA THR C 76 3.99 -13.76 42.57
C THR C 76 5.20 -13.13 41.89
N ASN C 77 5.93 -12.30 42.64
CA ASN C 77 7.16 -11.70 42.12
C ASN C 77 8.19 -12.79 41.81
N GLN C 78 8.25 -13.81 42.67
CA GLN C 78 9.15 -14.93 42.45
C GLN C 78 8.73 -15.77 41.24
N SER C 79 7.48 -15.63 40.83
CA SER C 79 7.02 -16.32 39.63
C SER C 79 7.28 -15.51 38.36
N GLY C 80 8.03 -14.42 38.50
CA GLY C 80 8.43 -13.62 37.36
C GLY C 80 7.46 -12.51 37.02
N VAL C 81 6.52 -12.25 37.92
CA VAL C 81 5.48 -11.24 37.69
C VAL C 81 5.77 -9.94 38.43
N TYR C 82 5.75 -8.83 37.71
CA TYR C 82 5.96 -7.52 38.31
C TYR C 82 4.73 -7.09 39.12
N VAL C 83 4.90 -6.94 40.43
CA VAL C 83 3.79 -6.62 41.32
C VAL C 83 4.02 -5.29 42.04
N ASP C 84 4.89 -4.46 41.49
CA ASP C 84 5.24 -3.19 42.11
C ASP C 84 4.13 -2.16 41.98
N LYS C 85 3.21 -2.39 41.03
CA LYS C 85 2.12 -1.45 40.78
C LYS C 85 0.82 -1.87 41.44
N CYS C 86 0.86 -2.95 42.23
CA CYS C 86 -0.30 -3.42 42.95
C CYS C 86 -0.69 -2.47 44.08
N LEU C 87 -1.97 -2.51 44.45
CA LEU C 87 -2.52 -1.62 45.49
C LEU C 87 -2.49 -2.30 46.86
N ILE C 88 -1.91 -1.62 47.85
CA ILE C 88 -1.91 -2.11 49.23
C ILE C 88 -2.91 -1.35 50.09
N VAL C 89 -4.05 -1.98 50.39
CA VAL C 89 -5.12 -1.31 51.14
C VAL C 89 -5.05 -1.57 52.66
N PRO C 90 -4.80 -0.50 53.44
CA PRO C 90 -4.72 -0.54 54.90
C PRO C 90 -6.08 -0.42 55.60
N GLY C 91 -6.67 -1.53 56.01
CA GLY C 91 -7.94 -1.51 56.72
C GLY C 91 -8.80 -2.71 56.38
N GLU C 92 -8.54 -3.26 55.19
CA GLU C 92 -9.30 -4.40 54.69
C GLU C 92 -8.45 -5.67 54.70
N ASN C 93 -9.08 -6.80 54.40
CA ASN C 93 -8.39 -8.09 54.40
C ASN C 93 -8.18 -8.57 52.98
N THR C 94 -7.09 -9.26 52.73
CA THR C 94 -6.82 -9.83 51.41
C THR C 94 -7.95 -10.77 51.06
N SER C 95 -8.43 -10.70 49.82
CA SER C 95 -9.52 -11.56 49.37
C SER C 95 -9.17 -13.02 49.55
N SER C 96 -10.17 -13.85 49.81
CA SER C 96 -9.92 -15.26 50.11
C SER C 96 -10.89 -16.21 49.42
N TYR C 97 -10.45 -17.43 49.19
CA TYR C 97 -11.29 -18.47 48.59
C TYR C 97 -11.09 -19.79 49.32
N LEU C 98 -12.15 -20.24 49.99
CA LEU C 98 -12.15 -21.46 50.79
C LEU C 98 -12.82 -22.63 50.06
N SER C 99 -12.18 -23.79 50.11
CA SER C 99 -12.70 -24.98 49.44
C SER C 99 -12.65 -26.23 50.32
N LEU C 100 -13.77 -26.93 50.40
CA LEU C 100 -13.83 -28.20 51.14
C LEU C 100 -13.80 -29.40 50.21
N LEU C 101 -12.60 -29.90 49.96
CA LEU C 101 -12.40 -30.99 49.01
C LEU C 101 -12.43 -32.33 49.72
N ASP C 102 -12.93 -33.36 49.03
CA ASP C 102 -12.97 -34.71 49.59
C ASP C 102 -13.06 -35.74 48.47
N MET C 107 -15.34 -31.67 45.02
CA MET C 107 -15.53 -30.50 45.88
C MET C 107 -16.95 -30.44 46.44
N LEU C 108 -17.05 -30.02 47.69
CA LEU C 108 -18.34 -29.88 48.35
C LEU C 108 -18.69 -28.40 48.53
N VAL C 109 -18.15 -27.79 49.58
CA VAL C 109 -18.41 -26.38 49.85
C VAL C 109 -17.36 -25.44 49.24
N ALA C 110 -17.82 -24.40 48.55
CA ALA C 110 -16.93 -23.37 48.02
C ALA C 110 -17.39 -21.98 48.49
N ILE C 111 -16.53 -21.26 49.19
CA ILE C 111 -16.87 -19.91 49.65
C ILE C 111 -15.86 -18.87 49.15
N ASN C 112 -16.33 -17.70 48.74
CA ASN C 112 -15.41 -16.64 48.31
C ASN C 112 -15.68 -15.32 49.01
N ASP C 113 -14.65 -14.79 49.67
CA ASP C 113 -14.71 -13.49 50.33
C ASP C 113 -13.84 -12.46 49.61
N MET C 114 -14.40 -11.79 48.62
CA MET C 114 -13.66 -10.82 47.83
C MET C 114 -14.39 -9.49 47.80
N ASN C 115 -14.02 -8.60 48.72
CA ASN C 115 -14.62 -7.27 48.79
C ASN C 115 -13.55 -6.22 48.55
N ILE C 116 -12.29 -6.63 48.74
CA ILE C 116 -11.15 -5.78 48.48
C ILE C 116 -10.95 -5.64 46.98
N SER C 117 -11.65 -6.47 46.20
CA SER C 117 -11.62 -6.39 44.75
C SER C 117 -12.26 -5.09 44.29
N ASN C 118 -13.02 -4.47 45.18
CA ASN C 118 -13.64 -3.18 44.90
C ASN C 118 -12.69 -2.02 45.19
N ALA C 119 -11.51 -2.33 45.72
CA ALA C 119 -10.50 -1.30 45.95
C ALA C 119 -9.80 -0.95 44.64
N ILE C 120 -9.87 -1.86 43.67
CA ILE C 120 -9.42 -1.56 42.32
C ILE C 120 -10.42 -0.61 41.67
N THR C 121 -10.08 0.67 41.63
CA THR C 121 -11.04 1.69 41.22
C THR C 121 -10.61 2.40 39.94
N ALA C 122 -11.52 3.23 39.42
CA ALA C 122 -11.26 4.02 38.22
C ALA C 122 -10.10 4.98 38.42
N GLU C 123 -10.01 5.57 39.60
CA GLU C 123 -8.95 6.53 39.93
C GLU C 123 -7.59 5.85 40.02
N TYR C 124 -7.58 4.69 40.68
CA TYR C 124 -6.37 3.90 40.84
C TYR C 124 -5.78 3.51 39.48
N LEU C 125 -6.66 3.10 38.56
CA LEU C 125 -6.25 2.75 37.21
C LEU C 125 -5.85 3.99 36.41
N ALA C 126 -6.54 5.11 36.69
CA ALA C 126 -6.28 6.36 36.00
C ALA C 126 -4.91 6.90 36.35
N GLN C 127 -4.41 6.50 37.52
CA GLN C 127 -3.05 6.86 37.91
C GLN C 127 -2.03 6.09 37.07
N HIS C 128 -2.46 4.98 36.48
CA HIS C 128 -1.62 4.16 35.62
C HIS C 128 -2.18 4.08 34.19
N ARG C 129 -2.91 5.12 33.78
CA ARG C 129 -3.51 5.17 32.46
C ARG C 129 -2.51 4.94 31.34
N GLU C 130 -1.76 5.97 30.95
CA GLU C 130 -0.73 5.89 29.91
C GLU C 130 0.02 4.55 29.88
N PHE C 131 0.35 4.03 31.05
CA PHE C 131 1.00 2.72 31.16
C PHE C 131 0.08 1.63 30.61
N ILE C 132 -1.20 1.68 30.99
CA ILE C 132 -2.16 0.72 30.47
C ILE C 132 -2.36 0.91 28.96
N GLN C 133 -2.33 2.17 28.51
CA GLN C 133 -2.56 2.50 27.11
C GLN C 133 -1.35 2.21 26.23
N ARG C 134 -0.22 1.92 26.86
CA ARG C 134 0.99 1.62 26.11
C ARG C 134 1.35 0.15 26.24
N ALA C 135 0.37 -0.66 26.62
CA ALA C 135 0.56 -2.10 26.72
C ALA C 135 0.15 -2.77 25.41
N LYS C 136 0.55 -4.03 25.25
CA LYS C 136 0.21 -4.79 24.07
C LYS C 136 -1.19 -5.38 24.21
N VAL C 137 -1.44 -5.97 25.37
CA VAL C 137 -2.75 -6.53 25.67
C VAL C 137 -3.16 -6.21 27.11
N ILE C 138 -4.46 -6.07 27.33
CA ILE C 138 -4.98 -5.88 28.68
C ILE C 138 -5.84 -7.07 29.06
N VAL C 139 -5.49 -7.78 30.12
CA VAL C 139 -6.34 -8.87 30.60
C VAL C 139 -7.08 -8.45 31.87
N ALA C 140 -8.40 -8.39 31.79
CA ALA C 140 -9.21 -8.00 32.94
C ALA C 140 -10.14 -9.14 33.35
N ASP C 141 -10.49 -9.17 34.63
CA ASP C 141 -11.42 -10.18 35.13
C ASP C 141 -12.70 -9.54 35.66
N CYS C 142 -13.73 -10.35 35.84
CA CYS C 142 -15.02 -9.85 36.30
C CYS C 142 -15.16 -9.87 37.81
N ASN C 143 -14.04 -9.88 38.52
CA ASN C 143 -14.08 -9.81 39.98
C ASN C 143 -14.11 -8.38 40.46
N ILE C 144 -13.70 -7.47 39.58
CA ILE C 144 -13.66 -6.05 39.91
C ILE C 144 -15.03 -5.43 39.72
N SER C 145 -15.15 -4.17 40.11
CA SER C 145 -16.41 -3.44 40.00
C SER C 145 -16.75 -3.14 38.54
N GLU C 146 -18.04 -2.98 38.25
CA GLU C 146 -18.49 -2.63 36.91
C GLU C 146 -17.93 -1.28 36.47
N GLU C 147 -17.78 -0.37 37.42
CA GLU C 147 -17.22 0.95 37.12
C GLU C 147 -15.77 0.87 36.64
N ALA C 148 -14.99 0.00 37.28
CA ALA C 148 -13.58 -0.18 36.93
C ALA C 148 -13.46 -0.78 35.53
N LEU C 149 -14.25 -1.81 35.27
CA LEU C 149 -14.30 -2.45 33.95
C LEU C 149 -14.69 -1.42 32.90
N ALA C 150 -15.65 -0.57 33.25
CA ALA C 150 -16.09 0.51 32.38
C ALA C 150 -14.93 1.45 32.06
N TRP C 151 -14.15 1.80 33.09
CA TRP C 151 -12.98 2.64 32.87
C TRP C 151 -12.00 2.01 31.91
N ILE C 152 -11.61 0.76 32.20
CA ILE C 152 -10.64 0.05 31.37
C ILE C 152 -11.10 -0.02 29.91
N LEU C 153 -12.37 -0.38 29.72
CA LEU C 153 -12.92 -0.54 28.38
C LEU C 153 -13.07 0.79 27.64
N ASP C 154 -13.33 1.86 28.39
CA ASP C 154 -13.53 3.17 27.78
C ASP C 154 -12.22 3.92 27.54
N ASN C 155 -11.21 3.61 28.34
CA ASN C 155 -9.91 4.27 28.21
C ASN C 155 -8.80 3.30 27.80
N ALA C 156 -9.15 2.34 26.93
CA ALA C 156 -8.20 1.34 26.47
C ALA C 156 -7.28 1.88 25.38
N ALA C 157 -7.73 2.93 24.71
CA ALA C 157 -6.95 3.59 23.65
C ALA C 157 -6.54 2.62 22.55
N ASN C 158 -7.53 1.92 22.00
CA ASN C 158 -7.34 0.97 20.89
C ASN C 158 -6.37 -0.16 21.24
N VAL C 159 -6.30 -0.50 22.53
CA VAL C 159 -5.54 -1.66 22.97
C VAL C 159 -6.52 -2.76 23.38
N PRO C 160 -6.38 -3.94 22.77
CA PRO C 160 -7.29 -5.09 22.95
C PRO C 160 -7.51 -5.48 24.41
N VAL C 161 -8.77 -5.58 24.82
CA VAL C 161 -9.09 -6.01 26.16
C VAL C 161 -9.71 -7.42 26.19
N PHE C 162 -8.98 -8.34 26.81
CA PHE C 162 -9.40 -9.72 27.00
C PHE C 162 -10.06 -9.86 28.36
N VAL C 163 -11.32 -10.27 28.39
CA VAL C 163 -12.06 -10.31 29.64
C VAL C 163 -12.41 -11.73 30.06
N ASP C 164 -12.03 -12.09 31.28
CA ASP C 164 -12.39 -13.37 31.86
C ASP C 164 -13.64 -13.22 32.71
N PRO C 165 -14.70 -13.96 32.34
CA PRO C 165 -16.01 -13.94 33.00
C PRO C 165 -15.99 -14.36 34.47
N VAL C 166 -14.99 -15.17 34.84
CA VAL C 166 -14.84 -15.74 36.19
C VAL C 166 -16.04 -16.59 36.62
N SER C 167 -17.19 -15.93 36.83
CA SER C 167 -18.42 -16.59 37.28
C SER C 167 -19.62 -16.11 36.47
N ALA C 168 -20.71 -16.86 36.54
CA ALA C 168 -21.90 -16.51 35.77
C ALA C 168 -22.59 -15.28 36.35
N TRP C 169 -22.56 -15.12 37.67
CA TRP C 169 -23.20 -13.98 38.31
C TRP C 169 -22.32 -12.71 38.25
N LYS C 170 -21.03 -12.89 37.96
CA LYS C 170 -20.11 -11.77 37.88
C LYS C 170 -19.77 -11.30 36.46
N CYS C 171 -20.24 -12.02 35.46
CA CYS C 171 -19.89 -11.69 34.07
C CYS C 171 -20.89 -10.75 33.41
N VAL C 172 -22.08 -10.64 34.00
CA VAL C 172 -23.14 -9.89 33.36
C VAL C 172 -22.86 -8.41 33.38
N LYS C 173 -21.83 -8.02 34.12
CA LYS C 173 -21.53 -6.62 34.24
C LYS C 173 -20.82 -6.15 32.96
N VAL C 174 -20.36 -7.08 32.13
CA VAL C 174 -19.73 -6.67 30.88
C VAL C 174 -20.71 -6.82 29.72
N ARG C 175 -21.93 -7.26 30.04
CA ARG C 175 -22.96 -7.55 29.04
C ARG C 175 -23.35 -6.35 28.18
N ASP C 176 -23.13 -5.13 28.67
CA ASP C 176 -23.45 -3.94 27.89
C ASP C 176 -22.20 -3.25 27.38
N ARG C 177 -21.06 -3.88 27.63
CA ARG C 177 -19.78 -3.34 27.22
C ARG C 177 -19.09 -4.37 26.32
N LEU C 178 -19.88 -5.31 25.80
CA LEU C 178 -19.34 -6.37 24.94
C LEU C 178 -18.77 -5.80 23.63
N ASN C 179 -19.26 -4.64 23.23
CA ASN C 179 -18.80 -3.98 22.02
C ASN C 179 -17.43 -3.34 22.19
N GLN C 180 -16.90 -3.41 23.41
CA GLN C 180 -15.61 -2.80 23.72
C GLN C 180 -14.60 -3.87 24.13
N ILE C 181 -15.04 -5.12 24.05
CA ILE C 181 -14.24 -6.28 24.44
C ILE C 181 -13.74 -7.03 23.22
N HIS C 182 -12.46 -7.38 23.22
CA HIS C 182 -11.86 -8.13 22.14
C HIS C 182 -12.25 -9.61 22.24
N THR C 183 -11.62 -10.32 23.16
CA THR C 183 -11.86 -11.75 23.31
C THR C 183 -12.53 -12.06 24.64
N LEU C 184 -13.68 -12.71 24.59
CA LEU C 184 -14.40 -13.15 25.78
C LEU C 184 -14.32 -14.67 25.87
N LYS C 185 -14.03 -15.19 27.06
CA LYS C 185 -13.89 -16.64 27.23
C LYS C 185 -14.82 -17.21 28.30
N PRO C 186 -16.10 -17.42 27.94
CA PRO C 186 -17.10 -17.98 28.86
C PRO C 186 -17.31 -19.48 28.70
N ASN C 187 -17.96 -20.10 29.69
CA ASN C 187 -18.38 -21.48 29.61
C ASN C 187 -19.86 -21.58 29.23
N ARG C 188 -20.43 -22.78 29.36
CA ARG C 188 -21.84 -22.98 29.02
C ARG C 188 -22.78 -22.11 29.85
N LEU C 189 -22.68 -22.23 31.17
CA LEU C 189 -23.57 -21.48 32.06
C LEU C 189 -23.38 -19.98 31.93
N GLU C 190 -22.13 -19.54 31.84
CA GLU C 190 -21.82 -18.12 31.69
C GLU C 190 -22.41 -17.54 30.40
N ALA C 191 -22.18 -18.22 29.29
CA ALA C 191 -22.67 -17.76 28.00
C ALA C 191 -24.19 -17.83 27.92
N GLU C 192 -24.77 -18.86 28.53
CA GLU C 192 -26.22 -19.00 28.60
C GLU C 192 -26.83 -17.85 29.39
N THR C 193 -26.23 -17.57 30.54
CA THR C 193 -26.69 -16.50 31.43
C THR C 193 -26.61 -15.17 30.70
N LEU C 194 -25.46 -14.91 30.06
CA LEU C 194 -25.27 -13.66 29.35
C LEU C 194 -26.26 -13.49 28.19
N SER C 195 -26.30 -14.48 27.32
CA SER C 195 -27.13 -14.43 26.12
C SER C 195 -28.61 -14.60 26.46
N GLY C 196 -28.91 -15.51 27.36
CA GLY C 196 -30.28 -15.87 27.66
C GLY C 196 -30.75 -17.00 26.76
N ILE C 197 -29.85 -17.47 25.91
CA ILE C 197 -30.16 -18.58 25.00
C ILE C 197 -29.61 -19.90 25.52
N ALA C 198 -30.42 -20.95 25.48
CA ALA C 198 -30.01 -22.26 25.99
C ALA C 198 -28.96 -22.90 25.10
N LEU C 199 -27.96 -23.51 25.73
CA LEU C 199 -26.88 -24.22 25.03
C LEU C 199 -27.11 -25.73 25.08
N SER C 200 -28.37 -26.13 25.20
CA SER C 200 -28.73 -27.53 25.36
C SER C 200 -28.42 -28.42 24.14
N GLY C 201 -27.65 -27.88 23.20
CA GLY C 201 -27.30 -28.62 22.00
C GLY C 201 -25.96 -28.17 21.46
N ARG C 202 -25.55 -28.75 20.33
CA ARG C 202 -24.29 -28.38 19.70
C ARG C 202 -24.60 -27.44 18.54
N ASP C 203 -25.89 -27.32 18.26
CA ASP C 203 -26.40 -26.46 17.20
C ASP C 203 -26.67 -25.06 17.74
N ASP C 204 -26.85 -24.97 19.06
CA ASP C 204 -27.27 -23.71 19.70
C ASP C 204 -26.10 -22.77 19.95
N VAL C 205 -24.93 -23.13 19.42
CA VAL C 205 -23.76 -22.31 19.62
C VAL C 205 -23.71 -21.32 18.48
N ALA C 206 -24.40 -21.64 17.39
CA ALA C 206 -24.49 -20.72 16.27
C ALA C 206 -25.35 -19.54 16.66
N LYS C 207 -26.49 -19.81 17.30
CA LYS C 207 -27.38 -18.74 17.72
C LYS C 207 -26.84 -18.00 18.94
N VAL C 208 -26.17 -18.69 19.87
CA VAL C 208 -25.59 -17.95 20.99
C VAL C 208 -24.45 -17.03 20.52
N ALA C 209 -23.58 -17.57 19.67
CA ALA C 209 -22.49 -16.78 19.09
C ALA C 209 -23.06 -15.61 18.29
N ALA C 210 -24.14 -15.87 17.56
CA ALA C 210 -24.82 -14.83 16.80
C ALA C 210 -25.33 -13.73 17.72
N TRP C 211 -25.88 -14.12 18.87
CA TRP C 211 -26.33 -13.14 19.86
C TRP C 211 -25.17 -12.27 20.33
N PHE C 212 -24.06 -12.91 20.68
CA PHE C 212 -22.88 -12.16 21.14
C PHE C 212 -22.40 -11.19 20.07
N HIS C 213 -22.42 -11.64 18.82
CA HIS C 213 -21.95 -10.84 17.70
C HIS C 213 -22.89 -9.67 17.38
N GLN C 214 -24.18 -9.85 17.66
CA GLN C 214 -25.13 -8.77 17.45
C GLN C 214 -24.87 -7.64 18.44
N HIS C 215 -24.27 -7.98 19.59
CA HIS C 215 -23.99 -7.00 20.63
C HIS C 215 -22.60 -6.36 20.51
N GLY C 216 -21.83 -6.78 19.51
CA GLY C 216 -20.58 -6.10 19.22
C GLY C 216 -19.31 -6.82 19.60
N LEU C 217 -19.44 -8.07 20.05
CA LEU C 217 -18.27 -8.85 20.46
C LEU C 217 -17.43 -9.29 19.27
N ASN C 218 -16.14 -9.00 19.33
CA ASN C 218 -15.22 -9.34 18.25
C ASN C 218 -14.97 -10.85 18.20
N ARG C 219 -14.44 -11.41 19.28
CA ARG C 219 -14.13 -12.82 19.33
C ARG C 219 -14.75 -13.52 20.54
N LEU C 220 -15.38 -14.66 20.28
CA LEU C 220 -15.97 -15.48 21.32
C LEU C 220 -15.26 -16.84 21.37
N VAL C 221 -14.78 -17.20 22.55
CA VAL C 221 -14.14 -18.49 22.77
C VAL C 221 -14.93 -19.28 23.81
N LEU C 222 -15.98 -19.98 23.33
CA LEU C 222 -16.87 -20.73 24.20
C LEU C 222 -16.37 -22.13 24.48
N SER C 223 -16.00 -22.38 25.73
CA SER C 223 -15.55 -23.70 26.12
C SER C 223 -16.75 -24.52 26.60
N MET C 224 -17.03 -25.59 25.87
CA MET C 224 -18.17 -26.46 26.14
C MET C 224 -17.63 -27.82 26.52
N GLY C 225 -17.11 -27.91 27.74
CA GLY C 225 -16.50 -29.10 28.31
C GLY C 225 -16.14 -30.23 27.36
N GLY C 226 -16.71 -31.41 27.62
CA GLY C 226 -16.57 -32.56 26.73
C GLY C 226 -16.57 -32.20 25.26
N ASP C 227 -17.70 -31.67 24.80
CA ASP C 227 -17.89 -31.21 23.41
C ASP C 227 -16.70 -30.52 22.74
N GLY C 228 -15.96 -29.70 23.49
CA GLY C 228 -14.82 -29.02 22.89
C GLY C 228 -14.87 -27.52 23.08
N VAL C 229 -14.12 -26.78 22.26
CA VAL C 229 -14.18 -25.32 22.30
C VAL C 229 -14.62 -24.71 20.97
N TYR C 230 -15.77 -24.03 20.99
CA TYR C 230 -16.29 -23.36 19.82
C TYR C 230 -15.77 -21.92 19.76
N TYR C 231 -15.07 -21.60 18.68
CA TYR C 231 -14.53 -20.25 18.49
C TYR C 231 -15.23 -19.51 17.35
N SER C 232 -15.44 -18.21 17.54
CA SER C 232 -16.16 -17.40 16.56
C SER C 232 -15.65 -15.96 16.48
N ASP C 233 -15.54 -15.45 15.27
CA ASP C 233 -15.15 -14.06 15.04
C ASP C 233 -16.30 -13.31 14.37
N ILE C 234 -16.46 -12.04 14.73
CA ILE C 234 -17.54 -11.22 14.17
C ILE C 234 -17.38 -11.04 12.66
N ARG C 235 -16.17 -11.31 12.16
CA ARG C 235 -15.88 -11.19 10.74
C ARG C 235 -16.30 -12.47 9.99
N GLY C 236 -16.67 -13.50 10.73
CA GLY C 236 -17.18 -14.72 10.13
C GLY C 236 -16.46 -16.03 10.42
N GLU C 237 -15.20 -15.96 10.86
CA GLU C 237 -14.44 -17.18 11.13
C GLU C 237 -14.96 -17.94 12.34
N ASN C 238 -15.75 -18.97 12.10
CA ASN C 238 -16.28 -19.81 13.17
C ASN C 238 -15.80 -21.25 13.02
N GLY C 239 -15.76 -21.99 14.11
CA GLY C 239 -15.38 -23.39 14.06
C GLY C 239 -15.31 -24.08 15.41
N TRP C 240 -15.16 -25.40 15.38
CA TRP C 240 -15.03 -26.19 16.58
C TRP C 240 -13.61 -26.73 16.74
N SER C 241 -13.16 -26.83 17.99
CA SER C 241 -11.87 -27.41 18.31
C SER C 241 -12.10 -28.57 19.27
N ALA C 242 -11.48 -29.71 18.99
CA ALA C 242 -11.68 -30.88 19.84
C ALA C 242 -10.88 -30.72 21.12
N PRO C 243 -11.44 -31.20 22.24
CA PRO C 243 -10.75 -31.07 23.52
C PRO C 243 -9.53 -31.98 23.58
N ILE C 244 -8.45 -31.52 24.18
CA ILE C 244 -7.29 -32.38 24.35
C ILE C 244 -7.53 -33.26 25.55
N LYS C 245 -7.83 -34.53 25.29
CA LYS C 245 -8.15 -35.48 26.35
C LYS C 245 -6.95 -35.69 27.25
N THR C 246 -7.12 -35.46 28.53
CA THR C 246 -6.02 -35.58 29.48
C THR C 246 -6.54 -36.19 30.77
N ASN C 247 -5.63 -36.77 31.55
CA ASN C 247 -6.01 -37.33 32.84
C ASN C 247 -5.98 -36.22 33.88
N VAL C 248 -7.17 -35.90 34.39
CA VAL C 248 -7.32 -34.79 35.33
C VAL C 248 -6.64 -35.15 36.64
N ILE C 249 -6.27 -34.12 37.40
CA ILE C 249 -5.66 -34.27 38.71
C ILE C 249 -6.20 -33.15 39.59
N ASN C 250 -6.16 -31.93 39.07
CA ASN C 250 -6.80 -30.79 39.74
C ASN C 250 -7.32 -29.82 38.70
N VAL C 251 -8.62 -29.52 38.77
CA VAL C 251 -9.27 -28.73 37.73
C VAL C 251 -9.02 -27.22 37.87
N THR C 252 -8.47 -26.82 39.02
CA THR C 252 -8.27 -25.40 39.28
C THR C 252 -7.12 -24.83 38.44
N GLY C 253 -7.38 -23.69 37.82
CA GLY C 253 -6.35 -22.99 37.05
C GLY C 253 -6.40 -23.24 35.55
N ALA C 254 -7.35 -24.04 35.11
CA ALA C 254 -7.45 -24.39 33.69
C ALA C 254 -7.76 -23.17 32.82
N GLY C 255 -8.87 -22.50 33.14
CA GLY C 255 -9.30 -21.35 32.36
C GLY C 255 -8.34 -20.18 32.40
N ASP C 256 -7.63 -20.04 33.51
CA ASP C 256 -6.64 -18.98 33.67
C ASP C 256 -5.48 -19.20 32.70
N ALA C 257 -5.03 -20.44 32.62
CA ALA C 257 -3.94 -20.81 31.72
C ALA C 257 -4.40 -20.71 30.28
N MET C 258 -5.67 -21.03 30.04
CA MET C 258 -6.26 -20.89 28.71
C MET C 258 -6.24 -19.43 28.26
N MET C 259 -6.69 -18.54 29.14
CA MET C 259 -6.74 -17.11 28.84
C MET C 259 -5.33 -16.56 28.61
N ALA C 260 -4.40 -16.95 29.47
CA ALA C 260 -3.00 -16.59 29.33
C ALA C 260 -2.49 -17.01 27.96
N GLY C 261 -2.83 -18.22 27.56
CA GLY C 261 -2.44 -18.76 26.26
C GLY C 261 -2.98 -17.92 25.12
N LEU C 262 -4.27 -17.59 25.19
CA LEU C 262 -4.89 -16.77 24.15
C LEU C 262 -4.22 -15.41 23.99
N ALA C 263 -3.95 -14.74 25.12
CA ALA C 263 -3.38 -13.40 25.05
C ALA C 263 -1.92 -13.46 24.56
N SER C 264 -1.19 -14.41 25.11
CA SER C 264 0.20 -14.63 24.73
C SER C 264 0.28 -14.94 23.23
N CYS C 265 -0.74 -15.61 22.69
CA CYS C 265 -0.75 -15.91 21.28
C CYS C 265 -1.16 -14.70 20.46
N TRP C 266 -1.94 -13.79 21.04
CA TRP C 266 -2.24 -12.53 20.35
C TRP C 266 -1.00 -11.67 20.21
N VAL C 267 -0.22 -11.55 21.28
CA VAL C 267 0.97 -10.72 21.21
C VAL C 267 2.03 -11.32 20.29
N ASP C 268 1.91 -12.62 20.03
CA ASP C 268 2.87 -13.33 19.16
C ASP C 268 2.40 -13.39 17.71
N GLY C 269 1.34 -12.66 17.38
CA GLY C 269 0.82 -12.61 16.02
C GLY C 269 0.35 -13.95 15.48
N MET C 270 -0.48 -14.63 16.25
CA MET C 270 -0.98 -15.96 15.88
C MET C 270 -2.48 -15.93 15.55
N PRO C 271 -2.89 -16.72 14.54
CA PRO C 271 -4.30 -16.83 14.13
C PRO C 271 -5.21 -17.31 15.26
N PHE C 272 -6.50 -17.02 15.12
CA PHE C 272 -7.50 -17.31 16.16
C PHE C 272 -7.58 -18.80 16.54
N ALA C 273 -7.86 -19.65 15.56
CA ALA C 273 -8.05 -21.08 15.78
C ALA C 273 -6.83 -21.74 16.42
N GLU C 274 -5.67 -21.42 15.87
CA GLU C 274 -4.40 -21.97 16.32
C GLU C 274 -4.13 -21.53 17.75
N SER C 275 -4.50 -20.29 18.05
CA SER C 275 -4.38 -19.73 19.39
C SER C 275 -5.31 -20.46 20.35
N VAL C 276 -6.47 -20.88 19.85
CA VAL C 276 -7.44 -21.62 20.65
C VAL C 276 -6.87 -22.99 20.99
N ARG C 277 -6.23 -23.64 20.03
CA ARG C 277 -5.60 -24.93 20.29
C ARG C 277 -4.49 -24.79 21.31
N PHE C 278 -3.67 -23.76 21.15
CA PHE C 278 -2.56 -23.51 22.07
C PHE C 278 -3.07 -23.28 23.49
N ALA C 279 -4.13 -22.50 23.59
CA ALA C 279 -4.76 -22.19 24.87
C ALA C 279 -5.32 -23.47 25.48
N GLN C 280 -5.84 -24.34 24.61
CA GLN C 280 -6.36 -25.63 25.06
C GLN C 280 -5.24 -26.51 25.59
N GLY C 281 -4.06 -26.36 25.01
CA GLY C 281 -2.90 -27.09 25.47
C GLY C 281 -2.46 -26.60 26.84
N CYS C 282 -2.52 -25.28 27.02
CA CYS C 282 -2.21 -24.68 28.31
C CYS C 282 -3.18 -25.18 29.38
N SER C 283 -4.45 -25.22 29.01
CA SER C 283 -5.51 -25.73 29.88
C SER C 283 -5.25 -27.18 30.24
N SER C 284 -4.80 -27.96 29.26
CA SER C 284 -4.51 -29.37 29.48
C SER C 284 -3.34 -29.52 30.45
N MET C 285 -2.33 -28.66 30.34
CA MET C 285 -1.21 -28.70 31.26
C MET C 285 -1.66 -28.31 32.67
N ALA C 286 -2.60 -27.37 32.76
CA ALA C 286 -3.17 -26.98 34.04
C ALA C 286 -3.94 -28.13 34.68
N LEU C 287 -4.68 -28.87 33.86
CA LEU C 287 -5.47 -30.00 34.33
C LEU C 287 -4.57 -31.14 34.78
N SER C 288 -3.45 -31.30 34.09
CA SER C 288 -2.50 -32.38 34.37
C SER C 288 -1.71 -32.11 35.65
N CYS C 289 -1.91 -30.94 36.25
CA CYS C 289 -1.19 -30.58 37.46
C CYS C 289 -2.09 -30.53 38.70
N GLU C 290 -1.53 -30.93 39.83
CA GLU C 290 -2.22 -30.86 41.11
C GLU C 290 -2.26 -29.40 41.54
N TYR C 291 -1.20 -28.68 41.20
CA TYR C 291 -1.05 -27.27 41.53
C TYR C 291 -2.02 -26.44 40.70
N THR C 292 -2.47 -25.33 41.27
CA THR C 292 -3.34 -24.40 40.54
C THR C 292 -2.62 -23.90 39.30
N ASN C 293 -1.35 -23.58 39.47
CA ASN C 293 -0.49 -23.11 38.39
C ASN C 293 0.65 -24.08 38.15
N ASN C 294 0.69 -24.66 36.96
CA ASN C 294 1.76 -25.58 36.58
C ASN C 294 3.10 -24.85 36.40
N PRO C 295 4.09 -25.20 37.22
CA PRO C 295 5.42 -24.57 37.16
C PRO C 295 6.18 -24.99 35.91
N ASP C 296 5.75 -26.07 35.27
CA ASP C 296 6.42 -26.58 34.09
C ASP C 296 5.75 -26.06 32.81
N LEU C 297 4.79 -25.16 32.98
CA LEU C 297 4.10 -24.56 31.83
C LEU C 297 5.03 -23.67 31.02
N SER C 298 5.29 -24.07 29.78
CA SER C 298 6.14 -23.31 28.87
C SER C 298 5.61 -23.39 27.45
N ILE C 299 6.07 -22.50 26.58
CA ILE C 299 5.68 -22.53 25.18
C ILE C 299 6.14 -23.82 24.50
N ALA C 300 7.37 -24.22 24.78
CA ALA C 300 7.95 -25.43 24.20
C ALA C 300 7.19 -26.70 24.56
N ASN C 301 6.85 -26.84 25.83
CA ASN C 301 6.17 -28.04 26.31
C ASN C 301 4.73 -28.13 25.79
N VAL C 302 4.04 -27.00 25.80
CA VAL C 302 2.68 -26.92 25.28
C VAL C 302 2.72 -27.27 23.80
N ILE C 303 3.74 -26.76 23.12
CA ILE C 303 3.94 -27.08 21.72
C ILE C 303 4.13 -28.60 21.60
N SER C 304 4.85 -29.21 22.55
CA SER C 304 5.05 -30.65 22.54
C SER C 304 3.75 -31.46 22.66
N LEU C 305 2.87 -31.13 23.60
CA LEU C 305 1.61 -31.89 23.66
C LEU C 305 0.71 -31.56 22.45
N VAL C 306 0.82 -30.36 21.91
CA VAL C 306 0.01 -29.98 20.74
C VAL C 306 0.51 -30.74 19.50
N GLU C 307 1.79 -31.10 19.49
CA GLU C 307 2.35 -31.90 18.40
C GLU C 307 1.70 -33.27 18.44
N ASN C 308 1.68 -33.85 19.64
CA ASN C 308 1.07 -35.14 19.88
C ASN C 308 -0.45 -35.02 19.94
N ALA C 309 -1.06 -34.71 18.80
CA ALA C 309 -2.51 -34.55 18.71
C ALA C 309 -2.95 -34.42 17.26
N ARG D 2 -36.65 -27.16 -32.62
CA ARG D 2 -37.05 -25.86 -32.12
C ARG D 2 -38.33 -25.94 -31.30
N GLU D 3 -39.23 -26.83 -31.70
CA GLU D 3 -40.55 -26.88 -31.07
C GLU D 3 -40.40 -27.55 -29.71
N LYS D 4 -40.82 -26.82 -28.68
CA LYS D 4 -40.75 -27.19 -27.27
C LYS D 4 -39.31 -27.11 -26.78
N ASP D 5 -38.54 -26.26 -27.46
CA ASP D 5 -37.18 -25.93 -27.06
C ASP D 5 -37.21 -24.46 -26.69
N TYR D 6 -36.81 -24.10 -25.48
CA TYR D 6 -36.92 -22.70 -25.12
C TYR D 6 -35.75 -22.11 -24.35
N VAL D 7 -35.74 -20.78 -24.29
CA VAL D 7 -34.72 -20.02 -23.60
C VAL D 7 -35.35 -19.16 -22.52
N VAL D 8 -34.79 -19.22 -21.31
CA VAL D 8 -35.31 -18.43 -20.21
C VAL D 8 -34.37 -17.27 -19.93
N ILE D 9 -34.92 -16.06 -19.90
CA ILE D 9 -34.14 -14.86 -19.65
C ILE D 9 -34.57 -14.19 -18.35
N ILE D 10 -33.66 -14.12 -17.40
CA ILE D 10 -33.93 -13.41 -16.15
C ILE D 10 -33.24 -12.06 -16.20
N GLY D 11 -34.01 -11.02 -16.52
CA GLY D 11 -33.44 -9.70 -16.71
C GLY D 11 -34.35 -8.59 -16.26
N SER D 12 -33.96 -7.37 -16.62
CA SER D 12 -34.72 -6.18 -16.23
C SER D 12 -35.54 -5.64 -17.38
N ALA D 13 -36.65 -4.99 -17.06
CA ALA D 13 -37.51 -4.36 -18.06
C ALA D 13 -37.73 -2.90 -17.69
N ASN D 14 -37.11 -2.00 -18.43
CA ASN D 14 -37.20 -0.58 -18.10
C ASN D 14 -38.03 0.19 -19.11
N ILE D 15 -38.56 1.33 -18.67
CA ILE D 15 -39.16 2.28 -19.58
C ILE D 15 -38.10 3.34 -19.88
N ASP D 16 -37.64 3.37 -21.13
CA ASP D 16 -36.55 4.26 -21.51
C ASP D 16 -37.10 5.59 -22.00
N VAL D 17 -36.66 6.66 -21.35
CA VAL D 17 -37.03 8.01 -21.75
C VAL D 17 -35.83 8.70 -22.36
N ALA D 18 -35.91 8.98 -23.66
CA ALA D 18 -34.79 9.54 -24.40
C ALA D 18 -35.05 10.97 -24.85
N GLY D 19 -34.07 11.84 -24.63
CA GLY D 19 -34.18 13.23 -25.01
C GLY D 19 -33.19 13.56 -26.12
N TYR D 20 -33.73 14.09 -27.22
CA TYR D 20 -32.91 14.49 -28.35
C TYR D 20 -32.88 16.00 -28.50
N SER D 21 -31.68 16.52 -28.73
CA SER D 21 -31.45 17.96 -28.90
C SER D 21 -32.28 18.52 -30.04
N GLU D 23 -29.74 23.66 -32.54
CA GLU D 23 -28.37 23.41 -32.96
C GLU D 23 -27.59 22.83 -31.77
N SER D 24 -27.61 23.55 -30.67
CA SER D 24 -26.90 23.17 -29.45
C SER D 24 -27.85 22.90 -28.28
N LEU D 25 -27.30 22.91 -27.06
CA LEU D 25 -28.10 22.72 -25.85
C LEU D 25 -28.24 24.04 -25.11
N ASN D 26 -29.49 24.48 -24.96
CA ASN D 26 -29.79 25.76 -24.30
C ASN D 26 -29.69 25.70 -22.78
N TYR D 27 -29.68 24.47 -22.25
CA TYR D 27 -29.56 24.21 -20.81
C TYR D 27 -30.77 24.74 -20.05
N ALA D 28 -30.55 25.72 -19.17
CA ALA D 28 -31.65 26.25 -18.39
C ALA D 28 -32.47 27.19 -19.27
N ASP D 29 -33.70 27.49 -18.84
CA ASP D 29 -34.65 28.28 -19.62
C ASP D 29 -35.09 27.49 -20.86
N SER D 30 -35.33 26.20 -20.65
CA SER D 30 -35.83 25.30 -21.69
C SER D 30 -34.87 25.10 -22.86
N ASN D 31 -35.05 23.99 -23.56
CA ASN D 31 -34.25 23.65 -24.72
C ASN D 31 -35.08 22.69 -25.56
N PRO D 32 -35.59 23.17 -26.70
CA PRO D 32 -36.49 22.34 -27.51
C PRO D 32 -35.80 21.11 -28.09
N GLY D 33 -36.58 20.05 -28.28
CA GLY D 33 -36.08 18.82 -28.85
C GLY D 33 -37.18 17.78 -28.92
N LYS D 34 -36.79 16.51 -28.97
CA LYS D 34 -37.77 15.44 -29.10
C LYS D 34 -37.64 14.43 -27.97
N ILE D 35 -38.75 14.10 -27.32
CA ILE D 35 -38.69 13.11 -26.23
C ILE D 35 -39.45 11.83 -26.57
N LYS D 36 -38.73 10.71 -26.56
CA LYS D 36 -39.27 9.41 -26.95
C LYS D 36 -39.33 8.42 -25.80
N PHE D 37 -40.46 7.72 -25.69
CA PHE D 37 -40.61 6.66 -24.69
C PHE D 37 -40.54 5.30 -25.38
N THR D 38 -39.44 4.60 -25.16
CA THR D 38 -39.21 3.32 -25.83
C THR D 38 -38.94 2.21 -24.81
N PRO D 39 -39.39 0.98 -25.12
CA PRO D 39 -39.09 -0.17 -24.25
C PRO D 39 -37.59 -0.42 -24.11
N GLY D 40 -37.15 -0.78 -22.91
CA GLY D 40 -35.74 -0.98 -22.63
C GLY D 40 -35.47 -2.00 -21.55
N GLY D 41 -34.22 -2.03 -21.08
CA GLY D 41 -33.79 -3.02 -20.11
C GLY D 41 -33.00 -4.11 -20.79
N VAL D 42 -31.78 -4.38 -20.31
CA VAL D 42 -30.90 -5.37 -20.92
C VAL D 42 -31.58 -6.71 -21.17
N GLY D 43 -32.09 -7.32 -20.11
CA GLY D 43 -32.74 -8.61 -20.21
C GLY D 43 -33.91 -8.63 -21.17
N ARG D 44 -34.76 -7.62 -21.08
CA ARG D 44 -35.92 -7.50 -21.96
C ARG D 44 -35.50 -7.40 -23.43
N ASN D 45 -34.47 -6.59 -23.68
CA ASN D 45 -33.96 -6.41 -25.04
C ASN D 45 -33.39 -7.72 -25.59
N ILE D 46 -32.60 -8.40 -24.76
CA ILE D 46 -32.06 -9.71 -25.11
C ILE D 46 -33.19 -10.67 -25.47
N ALA D 47 -34.26 -10.64 -24.67
CA ALA D 47 -35.44 -11.45 -24.92
C ALA D 47 -36.06 -11.17 -26.29
N GLN D 48 -36.25 -9.89 -26.59
CA GLN D 48 -36.82 -9.49 -27.87
C GLN D 48 -35.95 -9.92 -29.06
N ASN D 49 -34.65 -9.69 -28.94
CA ASN D 49 -33.72 -10.06 -30.00
C ASN D 49 -33.68 -11.57 -30.21
N LEU D 50 -33.80 -12.32 -29.12
CA LEU D 50 -33.85 -13.77 -29.20
C LEU D 50 -35.12 -14.22 -29.90
N ALA D 51 -36.23 -13.55 -29.58
CA ALA D 51 -37.50 -13.83 -30.23
C ALA D 51 -37.45 -13.52 -31.73
N LEU D 52 -36.67 -12.50 -32.09
CA LEU D 52 -36.51 -12.12 -33.48
C LEU D 52 -35.60 -13.10 -34.24
N LEU D 53 -34.78 -13.83 -33.50
CA LEU D 53 -33.88 -14.80 -34.10
C LEU D 53 -34.51 -16.18 -34.16
N GLY D 54 -35.82 -16.23 -33.91
CA GLY D 54 -36.59 -17.46 -34.00
C GLY D 54 -36.40 -18.39 -32.82
N ASN D 55 -36.31 -17.81 -31.62
CA ASN D 55 -36.20 -18.59 -30.40
C ASN D 55 -37.40 -18.39 -29.47
N LYS D 56 -37.91 -19.48 -28.93
CA LYS D 56 -39.00 -19.41 -27.96
C LYS D 56 -38.46 -18.85 -26.64
N ALA D 57 -38.72 -17.57 -26.41
CA ALA D 57 -38.14 -16.87 -25.25
C ALA D 57 -39.16 -16.59 -24.15
N TRP D 58 -38.76 -16.88 -22.91
CA TRP D 58 -39.58 -16.57 -21.74
C TRP D 58 -38.86 -15.57 -20.86
N LEU D 59 -39.49 -14.43 -20.61
CA LEU D 59 -38.87 -13.39 -19.81
C LEU D 59 -39.33 -13.51 -18.36
N LEU D 60 -38.36 -13.58 -17.45
CA LEU D 60 -38.65 -13.63 -16.02
C LEU D 60 -38.18 -12.34 -15.35
N SER D 61 -39.02 -11.31 -15.42
CA SER D 61 -38.68 -10.00 -14.88
C SER D 61 -39.70 -9.53 -13.86
N ALA D 62 -39.55 -8.28 -13.43
CA ALA D 62 -40.49 -7.68 -12.49
C ALA D 62 -40.89 -6.29 -12.94
N VAL D 63 -42.20 -6.05 -13.01
CA VAL D 63 -42.68 -4.73 -13.39
C VAL D 63 -43.65 -4.18 -12.34
N GLY D 64 -43.95 -2.89 -12.46
CA GLY D 64 -44.73 -2.17 -11.49
C GLY D 64 -46.16 -1.99 -11.96
N SER D 65 -47.12 -2.25 -11.09
CA SER D 65 -48.56 -2.09 -11.35
C SER D 65 -48.95 -0.79 -12.08
N ASP D 66 -47.96 -0.04 -12.57
CA ASP D 66 -48.19 1.16 -13.35
C ASP D 66 -48.54 0.73 -14.75
N PHE D 67 -49.22 1.61 -15.50
CA PHE D 67 -49.61 1.29 -16.86
C PHE D 67 -48.38 0.95 -17.70
N TYR D 68 -47.24 1.55 -17.35
CA TYR D 68 -45.96 1.26 -17.99
C TYR D 68 -45.62 -0.22 -18.01
N GLY D 69 -45.89 -0.91 -16.90
CA GLY D 69 -45.57 -2.33 -16.82
C GLY D 69 -46.41 -3.19 -17.75
N GLN D 70 -47.72 -2.96 -17.76
CA GLN D 70 -48.62 -3.69 -18.63
C GLN D 70 -48.34 -3.36 -20.10
N SER D 71 -47.98 -2.11 -20.35
CA SER D 71 -47.60 -1.67 -21.69
C SER D 71 -46.35 -2.38 -22.15
N LEU D 72 -45.37 -2.49 -21.25
CA LEU D 72 -44.14 -3.22 -21.52
C LEU D 72 -44.45 -4.67 -21.86
N LEU D 73 -45.24 -5.32 -21.00
CA LEU D 73 -45.57 -6.72 -21.18
C LEU D 73 -46.31 -6.97 -22.48
N THR D 74 -47.26 -6.10 -22.82
CA THR D 74 -48.02 -6.22 -24.04
C THR D 74 -47.13 -6.02 -25.27
N GLN D 75 -46.29 -4.98 -25.22
CA GLN D 75 -45.38 -4.68 -26.33
C GLN D 75 -44.40 -5.83 -26.57
N THR D 76 -43.89 -6.40 -25.49
CA THR D 76 -42.97 -7.52 -25.57
C THR D 76 -43.66 -8.76 -26.11
N ASN D 77 -44.88 -9.01 -25.63
CA ASN D 77 -45.66 -10.15 -26.09
C ASN D 77 -45.98 -10.08 -27.58
N GLN D 78 -46.28 -8.88 -28.06
CA GLN D 78 -46.54 -8.67 -29.49
C GLN D 78 -45.28 -8.84 -30.32
N SER D 79 -44.12 -8.76 -29.67
CA SER D 79 -42.85 -8.98 -30.35
C SER D 79 -42.45 -10.46 -30.33
N GLY D 80 -43.36 -11.31 -29.87
CA GLY D 80 -43.15 -12.74 -29.88
C GLY D 80 -42.50 -13.30 -28.62
N VAL D 81 -42.45 -12.50 -27.57
CA VAL D 81 -41.81 -12.92 -26.32
C VAL D 81 -42.84 -13.34 -25.28
N TYR D 82 -42.68 -14.54 -24.73
CA TYR D 82 -43.58 -15.00 -23.67
C TYR D 82 -43.28 -14.28 -22.37
N VAL D 83 -44.23 -13.46 -21.92
CA VAL D 83 -44.04 -12.67 -20.72
C VAL D 83 -45.11 -12.99 -19.68
N ASP D 84 -45.72 -14.17 -19.81
CA ASP D 84 -46.82 -14.57 -18.95
C ASP D 84 -46.34 -14.91 -17.54
N LYS D 85 -45.04 -15.16 -17.38
CA LYS D 85 -44.49 -15.53 -16.08
C LYS D 85 -43.82 -14.37 -15.36
N CYS D 86 -43.93 -13.17 -15.92
CA CYS D 86 -43.36 -11.98 -15.29
C CYS D 86 -44.12 -11.59 -14.02
N LEU D 87 -43.41 -10.93 -13.11
CA LEU D 87 -43.98 -10.52 -11.83
C LEU D 87 -44.48 -9.08 -11.88
N ILE D 88 -45.74 -8.87 -11.52
CA ILE D 88 -46.31 -7.52 -11.44
C ILE D 88 -46.41 -7.04 -9.99
N VAL D 89 -45.52 -6.13 -9.62
CA VAL D 89 -45.43 -5.67 -8.23
C VAL D 89 -46.28 -4.43 -7.95
N PRO D 90 -47.30 -4.58 -7.09
CA PRO D 90 -48.25 -3.56 -6.67
C PRO D 90 -47.75 -2.67 -5.52
N GLY D 91 -47.18 -1.52 -5.82
CA GLY D 91 -46.73 -0.62 -4.77
C GLY D 91 -45.45 0.05 -5.22
N GLU D 92 -44.77 -0.66 -6.13
CA GLU D 92 -43.48 -0.26 -6.64
C GLU D 92 -43.65 0.30 -8.03
N ASN D 93 -42.62 0.93 -8.55
CA ASN D 93 -42.71 1.54 -9.86
C ASN D 93 -41.85 0.80 -10.86
N THR D 94 -42.32 0.77 -12.10
CA THR D 94 -41.57 0.12 -13.18
C THR D 94 -40.20 0.78 -13.31
N SER D 95 -39.17 -0.04 -13.48
CA SER D 95 -37.80 0.46 -13.59
C SER D 95 -37.68 1.46 -14.74
N SER D 96 -36.75 2.41 -14.60
CA SER D 96 -36.63 3.46 -15.60
C SER D 96 -35.17 3.77 -15.98
N TYR D 97 -35.00 4.25 -17.22
CA TYR D 97 -33.69 4.65 -17.71
C TYR D 97 -33.81 5.93 -18.52
N LEU D 98 -33.21 7.00 -18.02
CA LEU D 98 -33.24 8.30 -18.67
C LEU D 98 -31.92 8.57 -19.39
N SER D 99 -32.02 9.00 -20.64
CA SER D 99 -30.82 9.23 -21.45
C SER D 99 -30.86 10.54 -22.25
N LEU D 100 -29.80 11.33 -22.10
CA LEU D 100 -29.60 12.53 -22.90
C LEU D 100 -28.57 12.21 -23.97
N LEU D 101 -29.04 11.88 -25.16
CA LEU D 101 -28.18 11.34 -26.22
C LEU D 101 -27.46 12.41 -27.02
N ASP D 102 -26.44 11.97 -27.75
CA ASP D 102 -25.65 12.86 -28.59
C ASP D 102 -25.00 12.10 -29.75
N LEU D 108 -24.59 12.50 -22.78
CA LEU D 108 -24.25 13.40 -21.68
C LEU D 108 -24.69 12.79 -20.36
N VAL D 109 -25.95 13.03 -19.99
CA VAL D 109 -26.49 12.49 -18.74
C VAL D 109 -27.20 11.14 -18.92
N ALA D 110 -26.85 10.18 -18.07
CA ALA D 110 -27.53 8.89 -18.03
C ALA D 110 -27.94 8.57 -16.60
N ILE D 111 -29.25 8.38 -16.38
CA ILE D 111 -29.74 8.02 -15.05
C ILE D 111 -30.53 6.71 -15.08
N ASN D 112 -30.33 5.87 -14.08
CA ASN D 112 -31.11 4.64 -14.00
C ASN D 112 -31.76 4.46 -12.64
N ASP D 113 -33.08 4.33 -12.65
CA ASP D 113 -33.87 4.10 -11.44
C ASP D 113 -34.44 2.68 -11.45
N MET D 114 -33.65 1.74 -10.96
CA MET D 114 -34.03 0.33 -10.97
C MET D 114 -33.92 -0.32 -9.60
N ASN D 115 -35.02 -0.34 -8.86
CA ASN D 115 -35.05 -0.96 -7.54
C ASN D 115 -36.02 -2.13 -7.55
N ILE D 116 -36.93 -2.12 -8.51
CA ILE D 116 -37.87 -3.21 -8.70
C ILE D 116 -37.15 -4.44 -9.25
N SER D 117 -35.91 -4.24 -9.69
CA SER D 117 -35.08 -5.34 -10.15
C SER D 117 -34.73 -6.24 -8.98
N ASN D 118 -34.92 -5.73 -7.78
CA ASN D 118 -34.70 -6.50 -6.56
C ASN D 118 -35.93 -7.30 -6.18
N ALA D 119 -37.01 -7.12 -6.92
CA ALA D 119 -38.22 -7.91 -6.71
C ALA D 119 -38.04 -9.29 -7.35
N ILE D 120 -37.11 -9.38 -8.28
CA ILE D 120 -36.69 -10.66 -8.82
C ILE D 120 -35.85 -11.36 -7.75
N THR D 121 -36.48 -12.30 -7.04
CA THR D 121 -35.84 -12.91 -5.88
C THR D 121 -35.61 -14.40 -6.04
N ALA D 122 -34.89 -14.97 -5.08
CA ALA D 122 -34.61 -16.40 -5.06
C ALA D 122 -35.88 -17.23 -4.97
N GLU D 123 -36.85 -16.76 -4.18
CA GLU D 123 -38.13 -17.45 -4.01
C GLU D 123 -38.98 -17.41 -5.27
N TYR D 124 -39.04 -16.24 -5.91
CA TYR D 124 -39.78 -16.05 -7.14
C TYR D 124 -39.28 -16.98 -8.24
N LEU D 125 -37.96 -17.09 -8.34
CA LEU D 125 -37.34 -17.99 -9.32
C LEU D 125 -37.53 -19.45 -8.90
N ALA D 126 -37.53 -19.69 -7.59
CA ALA D 126 -37.70 -21.03 -7.06
C ALA D 126 -39.08 -21.55 -7.37
N GLN D 127 -40.02 -20.62 -7.54
CA GLN D 127 -41.37 -20.98 -7.93
C GLN D 127 -41.41 -21.42 -9.39
N HIS D 128 -40.41 -21.02 -10.17
CA HIS D 128 -40.32 -21.39 -11.58
C HIS D 128 -39.07 -22.23 -11.87
N ARG D 129 -38.57 -22.92 -10.85
CA ARG D 129 -37.37 -23.75 -10.93
C ARG D 129 -37.52 -24.74 -12.10
N GLU D 130 -37.86 -26.00 -11.82
CA GLU D 130 -38.18 -27.01 -12.85
C GLU D 130 -38.30 -26.48 -14.29
N PHE D 131 -39.05 -25.39 -14.47
CA PHE D 131 -39.19 -24.73 -15.76
C PHE D 131 -37.86 -24.16 -16.23
N ILE D 132 -37.17 -23.49 -15.32
CA ILE D 132 -35.85 -22.94 -15.63
C ILE D 132 -34.88 -24.09 -15.87
N GLN D 133 -35.05 -25.18 -15.12
CA GLN D 133 -34.14 -26.33 -15.23
C GLN D 133 -34.42 -27.20 -16.46
N ARG D 134 -35.53 -26.95 -17.14
CA ARG D 134 -35.87 -27.64 -18.39
C ARG D 134 -35.72 -26.75 -19.60
N ALA D 135 -34.93 -25.68 -19.46
CA ALA D 135 -34.67 -24.80 -20.58
C ALA D 135 -33.40 -25.22 -21.30
N LYS D 136 -33.20 -24.70 -22.51
CA LYS D 136 -32.00 -25.00 -23.27
C LYS D 136 -30.86 -24.11 -22.84
N VAL D 137 -31.15 -22.82 -22.71
CA VAL D 137 -30.17 -21.85 -22.26
C VAL D 137 -30.79 -20.88 -21.25
N ILE D 138 -29.98 -20.39 -20.31
CA ILE D 138 -30.44 -19.37 -19.38
C ILE D 138 -29.67 -18.06 -19.57
N VAL D 139 -30.37 -16.99 -19.90
CA VAL D 139 -29.72 -15.68 -20.02
C VAL D 139 -30.05 -14.79 -18.83
N ALA D 140 -29.03 -14.42 -18.07
CA ALA D 140 -29.22 -13.56 -16.91
C ALA D 140 -28.43 -12.26 -17.07
N ASP D 141 -28.91 -11.20 -16.43
CA ASP D 141 -28.20 -9.93 -16.43
C ASP D 141 -27.79 -9.60 -15.01
N CYS D 142 -26.85 -8.67 -14.85
CA CYS D 142 -26.34 -8.32 -13.53
C CYS D 142 -27.11 -7.16 -12.89
N ASN D 143 -28.33 -6.93 -13.35
CA ASN D 143 -29.18 -5.90 -12.77
C ASN D 143 -29.98 -6.45 -11.59
N ILE D 144 -30.08 -7.77 -11.52
CA ILE D 144 -30.83 -8.43 -10.48
C ILE D 144 -30.01 -8.54 -9.20
N SER D 145 -30.62 -9.06 -8.14
CA SER D 145 -29.95 -9.19 -6.86
C SER D 145 -28.87 -10.27 -6.90
N GLU D 146 -27.87 -10.12 -6.03
CA GLU D 146 -26.80 -11.09 -5.89
C GLU D 146 -27.35 -12.45 -5.45
N GLU D 147 -28.38 -12.42 -4.61
CA GLU D 147 -29.03 -13.63 -4.13
C GLU D 147 -29.69 -14.39 -5.28
N ALA D 148 -30.31 -13.66 -6.19
CA ALA D 148 -30.99 -14.25 -7.34
C ALA D 148 -29.99 -14.91 -8.28
N LEU D 149 -28.90 -14.21 -8.56
CA LEU D 149 -27.83 -14.73 -9.39
C LEU D 149 -27.23 -15.99 -8.76
N ALA D 150 -27.05 -15.95 -7.44
CA ALA D 150 -26.55 -17.09 -6.69
C ALA D 150 -27.49 -18.28 -6.85
N TRP D 151 -28.78 -18.02 -6.73
CA TRP D 151 -29.79 -19.07 -6.92
C TRP D 151 -29.70 -19.68 -8.32
N ILE D 152 -29.72 -18.84 -9.34
CA ILE D 152 -29.67 -19.29 -10.72
C ILE D 152 -28.44 -20.14 -10.98
N LEU D 153 -27.29 -19.67 -10.51
CA LEU D 153 -26.03 -20.37 -10.74
C LEU D 153 -25.96 -21.68 -9.95
N ASP D 154 -26.60 -21.70 -8.78
CA ASP D 154 -26.56 -22.90 -7.93
C ASP D 154 -27.63 -23.91 -8.32
N ASN D 155 -28.72 -23.44 -8.91
CA ASN D 155 -29.81 -24.32 -9.30
C ASN D 155 -30.03 -24.36 -10.81
N ALA D 156 -28.95 -24.30 -11.57
CA ALA D 156 -29.03 -24.29 -13.03
C ALA D 156 -29.30 -25.67 -13.61
N ALA D 157 -28.95 -26.70 -12.85
CA ALA D 157 -29.15 -28.09 -13.26
C ALA D 157 -28.49 -28.40 -14.60
N ASN D 158 -27.19 -28.10 -14.68
CA ASN D 158 -26.37 -28.36 -15.87
C ASN D 158 -26.88 -27.68 -17.14
N VAL D 159 -27.54 -26.53 -16.96
CA VAL D 159 -27.96 -25.72 -18.10
C VAL D 159 -27.07 -24.49 -18.15
N PRO D 160 -26.41 -24.27 -19.31
CA PRO D 160 -25.47 -23.17 -19.52
C PRO D 160 -26.05 -21.80 -19.14
N VAL D 161 -25.33 -21.05 -18.32
CA VAL D 161 -25.78 -19.72 -17.94
C VAL D 161 -24.94 -18.62 -18.59
N PHE D 162 -25.58 -17.87 -19.47
CA PHE D 162 -24.97 -16.75 -20.15
C PHE D 162 -25.29 -15.47 -19.38
N VAL D 163 -24.25 -14.80 -18.89
CA VAL D 163 -24.46 -13.64 -18.03
C VAL D 163 -23.95 -12.35 -18.65
N ASP D 164 -24.84 -11.36 -18.73
CA ASP D 164 -24.45 -10.03 -19.20
C ASP D 164 -24.16 -9.14 -17.99
N PRO D 165 -22.92 -8.61 -17.94
CA PRO D 165 -22.43 -7.74 -16.86
C PRO D 165 -23.21 -6.43 -16.72
N VAL D 166 -23.83 -5.97 -17.81
CA VAL D 166 -24.56 -4.70 -17.85
C VAL D 166 -23.66 -3.50 -17.56
N SER D 167 -23.21 -3.40 -16.31
CA SER D 167 -22.36 -2.29 -15.86
C SER D 167 -21.17 -2.79 -15.07
N ALA D 168 -20.17 -1.93 -14.93
CA ALA D 168 -18.96 -2.29 -14.23
C ALA D 168 -19.19 -2.39 -12.73
N TRP D 169 -20.06 -1.54 -12.18
CA TRP D 169 -20.33 -1.58 -10.75
C TRP D 169 -21.32 -2.69 -10.40
N LYS D 170 -22.03 -3.17 -11.41
CA LYS D 170 -23.03 -4.22 -11.19
C LYS D 170 -22.58 -5.63 -11.59
N CYS D 171 -21.37 -5.77 -12.11
CA CYS D 171 -20.91 -7.09 -12.58
C CYS D 171 -20.12 -7.87 -11.53
N VAL D 172 -19.71 -7.17 -10.48
CA VAL D 172 -18.81 -7.74 -9.48
C VAL D 172 -19.54 -8.78 -8.67
N LYS D 173 -20.85 -8.87 -8.92
CA LYS D 173 -21.70 -9.75 -8.17
C LYS D 173 -21.43 -11.17 -8.60
N VAL D 174 -20.81 -11.32 -9.78
CA VAL D 174 -20.49 -12.66 -10.27
C VAL D 174 -19.01 -13.03 -10.13
N ARG D 175 -18.20 -12.13 -9.58
CA ARG D 175 -16.74 -12.31 -9.53
C ARG D 175 -16.29 -13.57 -8.79
N ASP D 176 -16.99 -13.94 -7.72
CA ASP D 176 -16.65 -15.16 -6.98
C ASP D 176 -17.57 -16.29 -7.41
N ARG D 177 -18.38 -16.03 -8.42
CA ARG D 177 -19.35 -16.99 -8.92
C ARG D 177 -19.09 -17.31 -10.40
N LEU D 178 -17.90 -16.94 -10.87
CA LEU D 178 -17.50 -17.18 -12.26
C LEU D 178 -17.38 -18.66 -12.59
N ASN D 179 -17.18 -19.49 -11.57
CA ASN D 179 -17.01 -20.92 -11.74
C ASN D 179 -18.31 -21.64 -12.10
N GLN D 180 -19.40 -20.88 -12.12
CA GLN D 180 -20.72 -21.43 -12.44
C GLN D 180 -21.28 -20.79 -13.70
N ILE D 181 -20.49 -19.95 -14.36
CA ILE D 181 -20.93 -19.24 -15.55
C ILE D 181 -20.31 -19.81 -16.83
N HIS D 182 -21.16 -20.07 -17.82
CA HIS D 182 -20.73 -20.60 -19.10
C HIS D 182 -20.16 -19.59 -20.10
N THR D 183 -20.56 -18.33 -19.98
CA THR D 183 -20.14 -17.32 -20.94
C THR D 183 -20.38 -15.91 -20.41
N LEU D 184 -19.30 -15.13 -20.33
CA LEU D 184 -19.37 -13.74 -19.91
C LEU D 184 -19.05 -12.81 -21.07
N LYS D 185 -19.82 -11.73 -21.21
CA LYS D 185 -19.60 -10.78 -22.29
C LYS D 185 -19.36 -9.38 -21.72
N PRO D 186 -18.13 -9.13 -21.26
CA PRO D 186 -17.79 -7.83 -20.69
C PRO D 186 -17.12 -6.89 -21.69
N ASN D 187 -17.05 -5.61 -21.35
CA ASN D 187 -16.29 -4.65 -22.14
C ASN D 187 -14.93 -4.40 -21.51
N ARG D 188 -14.22 -3.37 -22.00
CA ARG D 188 -12.90 -3.04 -21.48
C ARG D 188 -12.95 -2.73 -19.99
N LEU D 189 -13.78 -1.77 -19.64
CA LEU D 189 -13.90 -1.30 -18.26
C LEU D 189 -14.38 -2.38 -17.31
N GLU D 190 -15.38 -3.13 -17.73
CA GLU D 190 -15.95 -4.21 -16.92
C GLU D 190 -14.90 -5.28 -16.62
N ALA D 191 -14.17 -5.70 -17.64
CA ALA D 191 -13.15 -6.74 -17.49
C ALA D 191 -11.97 -6.23 -16.66
N GLU D 192 -11.64 -4.95 -16.82
CA GLU D 192 -10.60 -4.34 -16.00
C GLU D 192 -11.01 -4.32 -14.54
N THR D 193 -12.27 -3.96 -14.31
CA THR D 193 -12.82 -3.92 -12.95
C THR D 193 -12.79 -5.31 -12.32
N LEU D 194 -13.31 -6.30 -13.02
CA LEU D 194 -13.35 -7.67 -12.50
C LEU D 194 -11.97 -8.26 -12.26
N SER D 195 -11.12 -8.22 -13.28
CA SER D 195 -9.80 -8.82 -13.22
C SER D 195 -8.84 -8.04 -12.33
N GLY D 196 -8.87 -6.73 -12.44
CA GLY D 196 -7.91 -5.89 -11.74
C GLY D 196 -6.67 -5.67 -12.57
N ILE D 197 -6.67 -6.23 -13.78
CA ILE D 197 -5.56 -6.11 -14.70
C ILE D 197 -5.82 -5.05 -15.76
N ALA D 198 -4.82 -4.21 -16.03
CA ALA D 198 -4.96 -3.13 -17.00
C ALA D 198 -5.05 -3.65 -18.42
N LEU D 199 -6.02 -3.14 -19.16
CA LEU D 199 -6.24 -3.52 -20.56
C LEU D 199 -5.68 -2.50 -21.55
N SER D 200 -4.62 -1.82 -21.15
CA SER D 200 -4.05 -0.76 -21.99
C SER D 200 -3.52 -1.32 -23.33
N GLY D 201 -3.15 -2.60 -23.34
CA GLY D 201 -2.64 -3.23 -24.54
C GLY D 201 -3.48 -4.39 -25.04
N ARG D 202 -3.02 -5.06 -26.10
CA ARG D 202 -3.69 -6.22 -26.66
C ARG D 202 -2.99 -7.49 -26.19
N ASP D 203 -1.88 -7.31 -25.49
CA ASP D 203 -1.09 -8.41 -24.96
C ASP D 203 -1.63 -8.77 -23.57
N ASP D 204 -2.19 -7.78 -22.88
CA ASP D 204 -2.68 -8.01 -21.53
C ASP D 204 -4.13 -8.52 -21.54
N VAL D 205 -4.61 -8.90 -22.72
CA VAL D 205 -5.94 -9.46 -22.82
C VAL D 205 -5.78 -10.94 -22.64
N ALA D 206 -4.56 -11.41 -22.91
CA ALA D 206 -4.19 -12.79 -22.64
C ALA D 206 -4.11 -12.95 -21.13
N LYS D 207 -3.57 -11.93 -20.48
CA LYS D 207 -3.41 -11.95 -19.03
C LYS D 207 -4.75 -11.80 -18.33
N VAL D 208 -5.64 -10.99 -18.88
CA VAL D 208 -6.98 -10.85 -18.30
C VAL D 208 -7.78 -12.14 -18.48
N ALA D 209 -7.71 -12.70 -19.69
CA ALA D 209 -8.38 -13.96 -19.98
C ALA D 209 -7.85 -15.05 -19.05
N ALA D 210 -6.54 -15.05 -18.83
CA ALA D 210 -5.90 -16.00 -17.93
C ALA D 210 -6.42 -15.83 -16.51
N TRP D 211 -6.60 -14.58 -16.09
CA TRP D 211 -7.18 -14.31 -14.77
C TRP D 211 -8.57 -14.92 -14.68
N PHE D 212 -9.40 -14.65 -15.67
CA PHE D 212 -10.77 -15.16 -15.69
C PHE D 212 -10.83 -16.68 -15.68
N HIS D 213 -9.94 -17.32 -16.44
CA HIS D 213 -9.91 -18.77 -16.52
C HIS D 213 -9.40 -19.38 -15.22
N GLN D 214 -8.49 -18.68 -14.53
CA GLN D 214 -7.99 -19.17 -13.26
C GLN D 214 -9.07 -19.13 -12.18
N HIS D 215 -10.04 -18.25 -12.35
CA HIS D 215 -11.14 -18.14 -11.39
C HIS D 215 -12.32 -19.01 -11.81
N GLY D 216 -12.17 -19.73 -12.92
CA GLY D 216 -13.14 -20.74 -13.30
C GLY D 216 -14.06 -20.42 -14.45
N LEU D 217 -13.83 -19.30 -15.13
CA LEU D 217 -14.71 -18.93 -16.25
C LEU D 217 -14.45 -19.84 -17.44
N ASN D 218 -15.53 -20.44 -17.95
CA ASN D 218 -15.42 -21.36 -19.08
C ASN D 218 -15.08 -20.62 -20.35
N ARG D 219 -15.94 -19.68 -20.74
CA ARG D 219 -15.74 -18.93 -21.97
C ARG D 219 -15.81 -17.43 -21.73
N LEU D 220 -14.83 -16.71 -22.26
CA LEU D 220 -14.80 -15.26 -22.17
C LEU D 220 -14.95 -14.65 -23.55
N VAL D 221 -15.93 -13.77 -23.68
CA VAL D 221 -16.16 -13.03 -24.90
C VAL D 221 -15.96 -11.55 -24.59
N LEU D 222 -14.72 -11.09 -24.67
CA LEU D 222 -14.40 -9.73 -24.28
C LEU D 222 -14.66 -8.79 -25.44
N SER D 223 -15.66 -7.93 -25.27
CA SER D 223 -16.05 -6.96 -26.29
C SER D 223 -15.25 -5.69 -26.14
N MET D 224 -14.50 -5.36 -27.17
CA MET D 224 -13.67 -4.18 -27.15
C MET D 224 -14.24 -3.27 -28.23
N GLY D 225 -14.43 -1.99 -27.90
CA GLY D 225 -15.02 -1.03 -28.84
C GLY D 225 -14.39 -1.13 -30.21
N GLY D 226 -13.14 -0.69 -30.31
CA GLY D 226 -12.38 -0.84 -31.54
C GLY D 226 -11.61 -2.12 -31.35
N ASP D 227 -10.65 -2.38 -32.23
CA ASP D 227 -9.78 -3.56 -32.15
C ASP D 227 -10.52 -4.89 -32.34
N GLY D 228 -11.75 -5.01 -31.87
CA GLY D 228 -12.50 -6.23 -32.09
C GLY D 228 -13.09 -6.89 -30.86
N VAL D 229 -13.42 -8.17 -31.01
CA VAL D 229 -13.89 -8.98 -29.90
C VAL D 229 -12.92 -10.14 -29.66
N TYR D 230 -12.29 -10.15 -28.50
CA TYR D 230 -11.37 -11.22 -28.17
C TYR D 230 -12.11 -12.36 -27.48
N TYR D 231 -12.05 -13.55 -28.07
CA TYR D 231 -12.70 -14.71 -27.48
C TYR D 231 -11.67 -15.71 -26.97
N SER D 232 -11.97 -16.30 -25.81
CA SER D 232 -11.05 -17.21 -25.15
C SER D 232 -11.79 -18.32 -24.44
N ASP D 233 -11.28 -19.54 -24.57
CA ASP D 233 -11.87 -20.69 -23.90
C ASP D 233 -10.86 -21.26 -22.90
N ILE D 234 -11.37 -21.75 -21.77
CA ILE D 234 -10.54 -22.34 -20.73
C ILE D 234 -9.85 -23.60 -21.25
N ARG D 235 -10.35 -24.11 -22.37
CA ARG D 235 -9.83 -25.32 -22.99
C ARG D 235 -8.60 -25.01 -23.83
N GLY D 236 -8.34 -23.73 -24.04
CA GLY D 236 -7.16 -23.28 -24.76
C GLY D 236 -7.44 -22.48 -26.02
N GLU D 237 -8.65 -22.60 -26.56
CA GLU D 237 -9.00 -21.90 -27.80
C GLU D 237 -9.16 -20.39 -27.61
N ASN D 238 -8.12 -19.65 -28.00
CA ASN D 238 -8.17 -18.20 -27.94
C ASN D 238 -8.00 -17.59 -29.34
N GLY D 239 -8.53 -16.38 -29.53
CA GLY D 239 -8.39 -15.68 -30.80
C GLY D 239 -9.08 -14.34 -30.85
N TRP D 240 -8.80 -13.58 -31.90
CA TRP D 240 -9.40 -12.27 -32.10
C TRP D 240 -10.39 -12.25 -33.26
N SER D 241 -11.44 -11.46 -33.13
CA SER D 241 -12.40 -11.29 -34.22
C SER D 241 -12.48 -9.81 -34.57
N ALA D 242 -12.37 -9.51 -35.86
CA ALA D 242 -12.37 -8.13 -36.32
C ALA D 242 -13.77 -7.55 -36.28
N PRO D 243 -13.89 -6.25 -35.96
CA PRO D 243 -15.20 -5.60 -35.89
C PRO D 243 -15.80 -5.42 -37.28
N ILE D 244 -17.11 -5.60 -37.39
CA ILE D 244 -17.78 -5.37 -38.67
C ILE D 244 -18.06 -3.90 -38.86
N LYS D 245 -17.38 -3.28 -39.82
CA LYS D 245 -17.50 -1.85 -40.06
C LYS D 245 -18.92 -1.46 -40.48
N THR D 246 -19.52 -0.57 -39.71
CA THR D 246 -20.88 -0.11 -39.94
C THR D 246 -20.97 1.36 -39.57
N ASN D 247 -21.94 2.08 -40.14
CA ASN D 247 -22.15 3.45 -39.74
C ASN D 247 -23.09 3.47 -38.56
N VAL D 248 -22.56 3.83 -37.39
CA VAL D 248 -23.36 3.81 -36.19
C VAL D 248 -24.40 4.93 -36.28
N ILE D 249 -25.65 4.58 -36.01
CA ILE D 249 -26.72 5.56 -35.97
C ILE D 249 -27.02 5.85 -34.52
N ASN D 250 -27.20 4.76 -33.76
CA ASN D 250 -27.38 4.83 -32.33
C ASN D 250 -26.78 3.57 -31.70
N VAL D 251 -25.90 3.73 -30.72
CA VAL D 251 -25.14 2.61 -30.18
C VAL D 251 -25.91 1.70 -29.22
N THR D 252 -27.09 2.12 -28.80
CA THR D 252 -27.85 1.40 -27.79
C THR D 252 -28.42 0.06 -28.31
N GLY D 253 -28.25 -0.98 -27.52
CA GLY D 253 -28.81 -2.29 -27.84
C GLY D 253 -27.83 -3.27 -28.46
N ALA D 254 -26.58 -2.84 -28.62
CA ALA D 254 -25.55 -3.66 -29.25
C ALA D 254 -25.28 -4.94 -28.47
N GLY D 255 -24.92 -4.79 -27.20
CA GLY D 255 -24.57 -5.93 -26.37
C GLY D 255 -25.70 -6.91 -26.15
N ASP D 256 -26.93 -6.41 -26.17
CA ASP D 256 -28.11 -7.25 -26.00
C ASP D 256 -28.23 -8.19 -27.20
N ALA D 257 -28.01 -7.63 -28.38
CA ALA D 257 -28.05 -8.38 -29.63
C ALA D 257 -26.87 -9.35 -29.69
N MET D 258 -25.74 -8.92 -29.13
CA MET D 258 -24.55 -9.76 -29.05
C MET D 258 -24.85 -11.02 -28.22
N MET D 259 -25.42 -10.81 -27.04
CA MET D 259 -25.74 -11.91 -26.14
C MET D 259 -26.79 -12.83 -26.74
N ALA D 260 -27.82 -12.22 -27.32
CA ALA D 260 -28.87 -12.98 -28.01
C ALA D 260 -28.27 -13.87 -29.09
N GLY D 261 -27.36 -13.30 -29.86
CA GLY D 261 -26.68 -14.02 -30.91
C GLY D 261 -25.87 -15.18 -30.38
N LEU D 262 -25.09 -14.93 -29.33
CA LEU D 262 -24.28 -15.97 -28.70
C LEU D 262 -25.13 -17.15 -28.20
N ALA D 263 -26.23 -16.85 -27.53
CA ALA D 263 -27.08 -17.90 -26.97
C ALA D 263 -27.79 -18.68 -28.08
N SER D 264 -28.34 -17.93 -29.04
CA SER D 264 -29.02 -18.54 -30.18
C SER D 264 -28.06 -19.43 -30.97
N CYS D 265 -26.79 -19.05 -31.00
CA CYS D 265 -25.79 -19.84 -31.71
C CYS D 265 -25.34 -21.04 -30.89
N TRP D 266 -25.41 -20.93 -29.56
CA TRP D 266 -25.13 -22.09 -28.72
C TRP D 266 -26.20 -23.16 -28.89
N VAL D 267 -27.47 -22.75 -28.85
CA VAL D 267 -28.56 -23.72 -28.97
C VAL D 267 -28.64 -24.32 -30.38
N ASP D 268 -28.05 -23.65 -31.37
CA ASP D 268 -28.07 -24.13 -32.74
C ASP D 268 -26.84 -24.96 -33.09
N GLY D 269 -26.05 -25.30 -32.06
CA GLY D 269 -24.87 -26.12 -32.24
C GLY D 269 -23.80 -25.50 -33.13
N MET D 270 -23.45 -24.26 -32.84
CA MET D 270 -22.45 -23.53 -33.64
C MET D 270 -21.17 -23.36 -32.84
N PRO D 271 -20.01 -23.48 -33.52
CA PRO D 271 -18.69 -23.30 -32.89
C PRO D 271 -18.53 -21.92 -32.25
N PHE D 272 -17.59 -21.82 -31.33
CA PHE D 272 -17.36 -20.59 -30.57
C PHE D 272 -17.07 -19.38 -31.46
N ALA D 273 -16.04 -19.48 -32.28
CA ALA D 273 -15.61 -18.36 -33.14
C ALA D 273 -16.72 -17.87 -34.05
N GLU D 274 -17.39 -18.80 -34.73
CA GLU D 274 -18.47 -18.44 -35.64
C GLU D 274 -19.63 -17.82 -34.87
N SER D 275 -19.86 -18.29 -33.65
CA SER D 275 -20.90 -17.71 -32.80
C SER D 275 -20.55 -16.28 -32.44
N VAL D 276 -19.25 -16.02 -32.26
CA VAL D 276 -18.78 -14.68 -31.95
C VAL D 276 -18.95 -13.76 -33.15
N ARG D 277 -18.65 -14.26 -34.34
CA ARG D 277 -18.85 -13.48 -35.56
C ARG D 277 -20.33 -13.17 -35.79
N PHE D 278 -21.19 -14.16 -35.60
CA PHE D 278 -22.63 -14.00 -35.77
C PHE D 278 -23.16 -12.96 -34.78
N ALA D 279 -22.70 -13.06 -33.54
CA ALA D 279 -23.11 -12.12 -32.50
C ALA D 279 -22.63 -10.72 -32.85
N GLN D 280 -21.45 -10.65 -33.47
CA GLN D 280 -20.90 -9.37 -33.93
C GLN D 280 -21.77 -8.80 -35.04
N GLY D 281 -22.36 -9.69 -35.83
CA GLY D 281 -23.27 -9.29 -36.89
C GLY D 281 -24.55 -8.72 -36.30
N CYS D 282 -25.02 -9.35 -35.23
CA CYS D 282 -26.19 -8.86 -34.51
C CYS D 282 -25.92 -7.47 -33.94
N SER D 283 -24.73 -7.29 -33.38
CA SER D 283 -24.31 -6.00 -32.86
C SER D 283 -24.29 -4.96 -33.98
N SER D 284 -23.79 -5.37 -35.15
CA SER D 284 -23.70 -4.49 -36.30
C SER D 284 -25.09 -4.06 -36.77
N MET D 285 -26.04 -4.99 -36.77
CA MET D 285 -27.42 -4.68 -37.14
C MET D 285 -28.06 -3.75 -36.12
N ALA D 286 -27.70 -3.95 -34.85
CA ALA D 286 -28.20 -3.11 -33.77
C ALA D 286 -27.69 -1.67 -33.91
N LEU D 287 -26.43 -1.53 -34.31
CA LEU D 287 -25.81 -0.22 -34.44
C LEU D 287 -26.44 0.62 -35.56
N SER D 288 -26.83 -0.06 -36.64
CA SER D 288 -27.40 0.60 -37.82
C SER D 288 -28.84 1.09 -37.64
N CYS D 289 -29.44 0.79 -36.50
CA CYS D 289 -30.82 1.15 -36.23
C CYS D 289 -30.97 2.26 -35.20
N GLU D 290 -31.98 3.10 -35.37
CA GLU D 290 -32.28 4.16 -34.41
C GLU D 290 -32.88 3.55 -33.15
N TYR D 291 -33.68 2.51 -33.33
CA TYR D 291 -34.31 1.82 -32.21
C TYR D 291 -33.30 0.99 -31.42
N THR D 292 -33.59 0.81 -30.13
CA THR D 292 -32.77 -0.05 -29.28
C THR D 292 -32.77 -1.45 -29.88
N ASN D 293 -33.94 -1.88 -30.34
CA ASN D 293 -34.10 -3.19 -30.96
C ASN D 293 -34.54 -3.09 -32.42
N ASN D 294 -33.69 -3.59 -33.32
CA ASN D 294 -34.01 -3.62 -34.74
C ASN D 294 -35.12 -4.64 -35.04
N PRO D 295 -36.25 -4.18 -35.57
CA PRO D 295 -37.37 -5.07 -35.87
C PRO D 295 -37.09 -5.98 -37.07
N ASP D 296 -36.08 -5.61 -37.86
CA ASP D 296 -35.72 -6.36 -39.05
C ASP D 296 -34.56 -7.33 -38.76
N LEU D 297 -34.23 -7.47 -37.48
CA LEU D 297 -33.15 -8.36 -37.05
C LEU D 297 -33.50 -9.82 -37.33
N SER D 298 -32.73 -10.45 -38.21
CA SER D 298 -32.95 -11.85 -38.56
C SER D 298 -31.63 -12.59 -38.77
N ILE D 299 -31.70 -13.91 -38.76
CA ILE D 299 -30.53 -14.74 -39.02
C ILE D 299 -30.01 -14.50 -40.44
N ALA D 300 -30.93 -14.40 -41.39
CA ALA D 300 -30.60 -14.19 -42.79
C ALA D 300 -29.83 -12.88 -43.02
N ASN D 301 -30.30 -11.81 -42.40
CA ASN D 301 -29.68 -10.49 -42.58
C ASN D 301 -28.29 -10.43 -41.98
N VAL D 302 -28.14 -11.04 -40.81
CA VAL D 302 -26.85 -11.11 -40.13
C VAL D 302 -25.89 -11.93 -40.98
N ILE D 303 -26.39 -13.03 -41.52
CA ILE D 303 -25.61 -13.87 -42.41
C ILE D 303 -25.14 -13.08 -43.63
N SER D 304 -26.04 -12.25 -44.16
CA SER D 304 -25.69 -11.38 -45.28
C SER D 304 -24.57 -10.42 -44.90
N LEU D 305 -24.66 -9.85 -43.70
CA LEU D 305 -23.66 -8.89 -43.24
C LEU D 305 -22.28 -9.50 -42.99
N VAL D 306 -22.25 -10.69 -42.40
CA VAL D 306 -20.98 -11.36 -42.12
C VAL D 306 -20.38 -12.01 -43.36
N GLU D 307 -21.22 -12.42 -44.30
CA GLU D 307 -20.76 -13.02 -45.54
C GLU D 307 -20.06 -11.93 -46.35
N ASN D 308 -20.70 -10.77 -46.44
CA ASN D 308 -20.13 -9.64 -47.16
C ASN D 308 -19.04 -8.92 -46.36
N ALA D 309 -18.53 -9.58 -45.33
CA ALA D 309 -17.47 -9.07 -44.45
C ALA D 309 -17.58 -7.57 -44.14
N GLU E 3 36.82 -40.89 32.70
CA GLU E 3 35.69 -40.59 31.84
C GLU E 3 35.79 -41.38 30.53
N LYS E 4 36.14 -42.65 30.67
CA LYS E 4 36.34 -43.57 29.54
C LYS E 4 35.30 -44.70 29.51
N ASP E 5 34.03 -44.36 29.73
CA ASP E 5 32.97 -45.37 29.75
C ASP E 5 32.25 -45.44 28.40
N TYR E 6 32.22 -46.63 27.82
CA TYR E 6 31.67 -46.85 26.48
C TYR E 6 30.83 -48.12 26.34
N VAL E 7 30.13 -48.22 25.21
CA VAL E 7 29.27 -49.36 24.90
C VAL E 7 29.72 -50.06 23.62
N VAL E 8 29.86 -51.38 23.69
CA VAL E 8 30.28 -52.16 22.54
C VAL E 8 29.14 -52.99 21.95
N ILE E 9 28.96 -52.86 20.64
CA ILE E 9 27.91 -53.59 19.94
C ILE E 9 28.49 -54.56 18.90
N ILE E 10 28.24 -55.84 19.10
CA ILE E 10 28.62 -56.88 18.16
C ILE E 10 27.38 -57.31 17.37
N GLY E 11 27.27 -56.78 16.16
CA GLY E 11 26.09 -57.02 15.35
C GLY E 11 26.36 -57.09 13.86
N SER E 12 25.27 -57.09 13.09
CA SER E 12 25.35 -57.17 11.63
C SER E 12 25.12 -55.80 11.00
N ALA E 13 25.71 -55.59 9.83
CA ALA E 13 25.52 -54.35 9.09
C ALA E 13 25.04 -54.63 7.67
N ASN E 14 23.76 -54.35 7.42
CA ASN E 14 23.17 -54.66 6.13
C ASN E 14 22.88 -53.41 5.31
N ILE E 15 22.82 -53.56 4.00
CA ILE E 15 22.31 -52.50 3.15
C ILE E 15 20.85 -52.81 2.85
N ASP E 16 19.94 -52.01 3.40
CA ASP E 16 18.52 -52.31 3.22
C ASP E 16 17.91 -51.60 2.02
N VAL E 17 17.37 -52.40 1.11
CA VAL E 17 16.67 -51.88 -0.06
C VAL E 17 15.19 -52.19 0.10
N ALA E 18 14.39 -51.14 0.22
CA ALA E 18 12.97 -51.30 0.47
C ALA E 18 12.15 -50.86 -0.74
N GLY E 19 11.23 -51.72 -1.16
CA GLY E 19 10.39 -51.45 -2.30
C GLY E 19 8.93 -51.31 -1.94
N TYR E 20 8.34 -50.17 -2.28
CA TYR E 20 6.92 -49.95 -2.08
C TYR E 20 6.24 -49.82 -3.44
N SER E 21 5.14 -50.53 -3.59
CA SER E 21 4.36 -50.54 -4.83
C SER E 21 3.08 -51.31 -4.56
N HIS E 22 1.99 -50.58 -4.33
CA HIS E 22 0.71 -51.17 -3.98
C HIS E 22 0.05 -51.88 -5.15
N ASN E 26 1.96 -55.69 -8.95
CA ASN E 26 3.21 -56.41 -8.69
C ASN E 26 3.38 -57.63 -9.58
N TYR E 27 2.29 -58.07 -10.21
CA TYR E 27 2.34 -59.21 -11.12
C TYR E 27 2.98 -58.86 -12.47
N ALA E 28 2.89 -57.59 -12.87
CA ALA E 28 3.45 -57.19 -14.15
C ALA E 28 4.88 -56.65 -14.08
N ASP E 29 5.24 -55.92 -15.12
CA ASP E 29 6.58 -55.38 -15.33
C ASP E 29 6.49 -53.88 -15.57
N SER E 30 7.54 -53.15 -15.22
CA SER E 30 7.62 -51.70 -15.46
C SER E 30 6.52 -50.95 -14.71
N ASN E 31 6.44 -51.22 -13.41
CA ASN E 31 5.44 -50.61 -12.54
C ASN E 31 6.08 -49.63 -11.57
N PRO E 32 5.75 -48.34 -11.71
CA PRO E 32 6.32 -47.26 -10.90
C PRO E 32 5.99 -47.39 -9.41
N GLY E 33 6.87 -46.87 -8.56
CA GLY E 33 6.69 -46.93 -7.12
C GLY E 33 7.82 -46.25 -6.39
N LYS E 34 8.07 -46.65 -5.14
CA LYS E 34 9.08 -45.98 -4.34
C LYS E 34 10.18 -46.95 -3.90
N ILE E 35 11.44 -46.63 -4.20
CA ILE E 35 12.56 -47.47 -3.75
C ILE E 35 13.49 -46.72 -2.81
N LYS E 36 13.65 -47.22 -1.60
CA LYS E 36 14.45 -46.53 -0.60
C LYS E 36 15.71 -47.32 -0.23
N PHE E 37 16.85 -46.64 -0.19
CA PHE E 37 18.11 -47.24 0.23
C PHE E 37 18.51 -46.74 1.62
N THR E 38 18.37 -47.58 2.63
CA THR E 38 18.67 -47.17 3.98
C THR E 38 19.69 -48.10 4.65
N PRO E 39 20.57 -47.54 5.48
CA PRO E 39 21.50 -48.35 6.29
C PRO E 39 20.71 -49.24 7.25
N GLY E 40 21.16 -50.46 7.45
CA GLY E 40 20.43 -51.40 8.27
C GLY E 40 21.31 -52.41 8.98
N GLY E 41 20.67 -53.44 9.53
CA GLY E 41 21.36 -54.42 10.35
C GLY E 41 21.03 -54.11 11.79
N VAL E 42 20.53 -55.12 12.51
CA VAL E 42 20.10 -54.96 13.90
C VAL E 42 21.13 -54.25 14.76
N GLY E 43 22.33 -54.81 14.83
CA GLY E 43 23.41 -54.25 15.64
C GLY E 43 23.77 -52.83 15.26
N ARG E 44 23.90 -52.58 13.96
CA ARG E 44 24.24 -51.25 13.45
C ARG E 44 23.16 -50.23 13.83
N ASN E 45 21.90 -50.60 13.66
CA ASN E 45 20.78 -49.72 13.99
C ASN E 45 20.70 -49.41 15.48
N ILE E 46 20.81 -50.46 16.31
CA ILE E 46 20.84 -50.28 17.77
C ILE E 46 21.99 -49.35 18.16
N ALA E 47 23.15 -49.57 17.57
CA ALA E 47 24.32 -48.74 17.82
C ALA E 47 24.04 -47.27 17.48
N GLN E 48 23.47 -47.04 16.31
CA GLN E 48 23.14 -45.68 15.87
C GLN E 48 22.15 -45.02 16.83
N ASN E 49 21.12 -45.76 17.23
CA ASN E 49 20.11 -45.26 18.14
C ASN E 49 20.70 -44.92 19.50
N LEU E 50 21.66 -45.73 19.93
CA LEU E 50 22.37 -45.49 21.19
C LEU E 50 23.23 -44.24 21.09
N ALA E 51 23.89 -44.06 19.95
CA ALA E 51 24.69 -42.87 19.71
C ALA E 51 23.81 -41.62 19.70
N LEU E 52 22.59 -41.77 19.22
CA LEU E 52 21.64 -40.65 19.21
C LEU E 52 21.13 -40.37 20.62
N LEU E 53 21.23 -41.37 21.49
CA LEU E 53 20.80 -41.23 22.87
C LEU E 53 21.94 -40.77 23.77
N GLY E 54 23.03 -40.34 23.14
CA GLY E 54 24.17 -39.80 23.86
C GLY E 54 25.05 -40.85 24.51
N ASN E 55 25.23 -41.97 23.81
CA ASN E 55 26.09 -43.03 24.29
C ASN E 55 27.28 -43.26 23.36
N LYS E 56 28.48 -43.41 23.94
CA LYS E 56 29.67 -43.72 23.15
C LYS E 56 29.59 -45.15 22.64
N ALA E 57 29.25 -45.30 21.37
CA ALA E 57 29.01 -46.63 20.80
C ALA E 57 30.10 -47.10 19.85
N TRP E 58 30.55 -48.33 20.06
CA TRP E 58 31.52 -48.98 19.19
C TRP E 58 30.93 -50.22 18.54
N LEU E 59 30.93 -50.24 17.21
CA LEU E 59 30.38 -51.37 16.47
C LEU E 59 31.48 -52.34 16.09
N LEU E 60 31.28 -53.62 16.43
CA LEU E 60 32.18 -54.67 16.00
C LEU E 60 31.46 -55.58 15.02
N SER E 61 31.43 -55.16 13.76
CA SER E 61 30.70 -55.89 12.72
C SER E 61 31.62 -56.29 11.58
N ALA E 62 31.02 -56.79 10.50
CA ALA E 62 31.79 -57.20 9.34
C ALA E 62 31.23 -56.63 8.05
N VAL E 63 32.09 -55.98 7.29
CA VAL E 63 31.71 -55.43 6.00
C VAL E 63 32.64 -55.98 4.92
N GLY E 64 32.26 -55.78 3.67
CA GLY E 64 32.99 -56.37 2.57
C GLY E 64 33.91 -55.37 1.87
N SER E 65 34.68 -55.86 0.92
CA SER E 65 35.58 -55.02 0.14
C SER E 65 34.83 -54.10 -0.82
N ASP E 66 33.51 -54.07 -0.75
CA ASP E 66 32.79 -53.17 -1.63
C ASP E 66 32.85 -51.77 -1.02
N PHE E 67 32.96 -50.78 -1.89
CA PHE E 67 33.03 -49.39 -1.48
C PHE E 67 31.76 -48.97 -0.73
N TYR E 68 30.64 -49.59 -1.09
CA TYR E 68 29.39 -49.40 -0.36
C TYR E 68 29.58 -49.66 1.13
N GLY E 69 30.36 -50.69 1.47
CA GLY E 69 30.59 -51.04 2.86
C GLY E 69 31.38 -49.97 3.62
N GLN E 70 32.43 -49.45 2.98
CA GLN E 70 33.25 -48.40 3.58
C GLN E 70 32.40 -47.15 3.76
N SER E 71 31.52 -46.92 2.79
CA SER E 71 30.56 -45.82 2.85
C SER E 71 29.59 -45.99 4.01
N LEU E 72 29.13 -47.23 4.20
CA LEU E 72 28.25 -47.60 5.29
C LEU E 72 28.89 -47.21 6.60
N LEU E 73 30.14 -47.64 6.75
CA LEU E 73 30.89 -47.38 7.96
C LEU E 73 31.04 -45.87 8.14
N THR E 74 31.28 -45.16 7.05
CA THR E 74 31.43 -43.71 7.10
C THR E 74 30.15 -43.01 7.55
N GLN E 75 29.01 -43.41 6.97
CA GLN E 75 27.72 -42.84 7.33
C GLN E 75 27.42 -43.11 8.79
N THR E 76 27.75 -44.31 9.24
CA THR E 76 27.49 -44.69 10.63
C THR E 76 28.38 -43.88 11.57
N ASN E 77 29.63 -43.66 11.18
CA ASN E 77 30.56 -42.84 11.96
C ASN E 77 30.06 -41.40 12.05
N GLN E 78 29.52 -40.88 10.96
CA GLN E 78 28.95 -39.54 10.96
C GLN E 78 27.69 -39.48 11.83
N SER E 79 27.12 -40.65 12.12
CA SER E 79 25.98 -40.73 13.03
C SER E 79 26.46 -40.87 14.48
N GLY E 80 27.76 -40.73 14.67
CA GLY E 80 28.37 -40.75 15.98
C GLY E 80 28.83 -42.10 16.51
N VAL E 81 28.87 -43.10 15.65
CA VAL E 81 29.28 -44.44 16.06
C VAL E 81 30.71 -44.75 15.62
N TYR E 82 31.55 -45.12 16.58
CA TYR E 82 32.93 -45.47 16.28
C TYR E 82 33.02 -46.83 15.59
N VAL E 83 33.48 -46.84 14.34
CA VAL E 83 33.52 -48.05 13.54
C VAL E 83 34.93 -48.45 13.12
N ASP E 84 35.92 -47.96 13.85
CA ASP E 84 37.32 -48.20 13.51
C ASP E 84 37.76 -49.65 13.79
N LYS E 85 37.00 -50.34 14.64
CA LYS E 85 37.33 -51.72 15.03
C LYS E 85 36.52 -52.74 14.26
N CYS E 86 35.77 -52.25 13.28
CA CYS E 86 34.96 -53.09 12.42
C CYS E 86 35.83 -53.97 11.52
N LEU E 87 35.31 -55.13 11.10
CA LEU E 87 36.11 -56.02 10.25
C LEU E 87 35.79 -55.80 8.79
N ILE E 88 36.81 -55.44 8.01
CA ILE E 88 36.67 -55.30 6.56
C ILE E 88 37.34 -56.47 5.87
N VAL E 89 36.53 -57.42 5.39
CA VAL E 89 37.05 -58.62 4.76
C VAL E 89 37.18 -58.38 3.27
N PRO E 90 38.42 -58.46 2.75
CA PRO E 90 38.67 -58.19 1.33
C PRO E 90 38.28 -59.37 0.45
N GLY E 91 37.74 -59.05 -0.72
CA GLY E 91 37.33 -60.08 -1.66
C GLY E 91 35.84 -60.35 -1.58
N GLU E 92 35.23 -60.07 -0.43
CA GLU E 92 33.81 -60.36 -0.27
C GLU E 92 32.97 -59.09 -0.18
N ASN E 93 31.65 -59.30 -0.18
CA ASN E 93 30.69 -58.21 -0.21
C ASN E 93 29.93 -58.02 1.10
N THR E 94 29.62 -56.76 1.40
CA THR E 94 28.83 -56.39 2.57
C THR E 94 27.44 -56.99 2.47
N SER E 95 26.93 -57.51 3.59
CA SER E 95 25.61 -58.10 3.65
C SER E 95 24.52 -57.13 3.20
N SER E 96 23.44 -57.67 2.64
CA SER E 96 22.36 -56.86 2.10
C SER E 96 20.99 -57.43 2.49
N TYR E 97 19.98 -56.58 2.55
CA TYR E 97 18.63 -57.02 2.88
C TYR E 97 17.58 -56.36 2.01
N LEU E 98 16.89 -57.17 1.22
CA LEU E 98 15.85 -56.69 0.32
C LEU E 98 14.48 -56.94 0.95
N SER E 99 13.66 -55.91 0.97
CA SER E 99 12.32 -56.02 1.56
C SER E 99 11.31 -55.38 0.62
N LEU E 100 10.27 -56.13 0.29
CA LEU E 100 9.20 -55.63 -0.55
C LEU E 100 7.94 -55.36 0.27
N LEU E 101 7.81 -54.13 0.78
CA LEU E 101 6.68 -53.72 1.62
C LEU E 101 5.61 -53.03 0.80
N ASP E 102 4.53 -52.62 1.47
CA ASP E 102 3.44 -51.90 0.83
C ASP E 102 2.72 -50.96 1.80
N MET E 107 4.89 -55.77 5.78
CA MET E 107 5.88 -56.46 4.96
C MET E 107 5.24 -57.54 4.11
N LEU E 108 5.64 -57.60 2.84
CA LEU E 108 5.12 -58.62 1.94
C LEU E 108 6.23 -59.64 1.64
N VAL E 109 7.16 -59.29 0.74
CA VAL E 109 8.25 -60.21 0.38
C VAL E 109 9.58 -59.93 1.13
N ALA E 110 10.27 -60.96 1.62
CA ALA E 110 11.57 -60.75 2.27
C ALA E 110 12.75 -61.60 1.74
N ILE E 111 13.82 -60.93 1.30
CA ILE E 111 15.07 -61.60 0.88
C ILE E 111 16.28 -61.10 1.68
N ASN E 112 17.16 -62.01 2.11
CA ASN E 112 18.36 -61.62 2.84
C ASN E 112 19.66 -62.25 2.35
N ASP E 113 20.66 -61.43 2.04
CA ASP E 113 21.98 -61.94 1.71
C ASP E 113 22.97 -61.58 2.83
N MET E 114 22.98 -62.40 3.88
CA MET E 114 23.84 -62.13 5.03
C MET E 114 24.68 -63.36 5.42
N ASN E 115 25.86 -63.49 4.85
CA ASN E 115 26.75 -64.59 5.19
C ASN E 115 28.10 -64.10 5.70
N ILE E 116 28.41 -62.84 5.41
CA ILE E 116 29.63 -62.22 5.92
C ILE E 116 29.47 -62.03 7.43
N SER E 117 28.25 -62.20 7.91
CA SER E 117 27.97 -62.15 9.33
C SER E 117 28.59 -63.34 10.04
N ASN E 118 28.94 -64.37 9.27
CA ASN E 118 29.63 -65.53 9.81
C ASN E 118 31.14 -65.30 9.85
N ALA E 119 31.58 -64.17 9.30
CA ALA E 119 32.98 -63.79 9.37
C ALA E 119 33.27 -63.23 10.75
N ILE E 120 32.23 -62.81 11.45
CA ILE E 120 32.34 -62.40 12.84
C ILE E 120 32.59 -63.63 13.70
N THR E 121 33.84 -63.83 14.08
CA THR E 121 34.23 -65.06 14.75
C THR E 121 34.73 -64.82 16.17
N ALA E 122 34.93 -65.92 16.89
CA ALA E 122 35.45 -65.87 18.25
C ALA E 122 36.84 -65.25 18.30
N GLU E 123 37.64 -65.52 17.26
CA GLU E 123 39.00 -65.03 17.16
C GLU E 123 39.04 -63.51 16.95
N TYR E 124 38.17 -63.05 16.06
CA TYR E 124 38.04 -61.62 15.75
C TYR E 124 37.69 -60.85 17.01
N LEU E 125 36.79 -61.41 17.79
CA LEU E 125 36.38 -60.81 19.06
C LEU E 125 37.52 -60.91 20.06
N ALA E 126 38.29 -61.99 19.96
CA ALA E 126 39.41 -62.23 20.86
C ALA E 126 40.52 -61.21 20.65
N GLN E 127 40.62 -60.65 19.45
CA GLN E 127 41.58 -59.56 19.24
C GLN E 127 41.12 -58.28 19.90
N HIS E 128 39.83 -58.18 20.17
CA HIS E 128 39.27 -56.99 20.81
C HIS E 128 38.71 -57.34 22.19
N ARG E 129 39.24 -58.40 22.77
CA ARG E 129 38.85 -58.87 24.09
C ARG E 129 38.99 -57.78 25.15
N GLU E 130 40.23 -57.29 25.28
CA GLU E 130 40.58 -56.25 26.24
C GLU E 130 39.58 -55.10 26.23
N PHE E 131 39.26 -54.63 25.04
CA PHE E 131 38.32 -53.53 24.84
C PHE E 131 36.87 -53.91 25.17
N ILE E 132 36.44 -55.10 24.74
CA ILE E 132 35.07 -55.55 24.96
C ILE E 132 34.74 -55.77 26.44
N GLN E 133 35.70 -56.27 27.20
CA GLN E 133 35.46 -56.56 28.62
C GLN E 133 35.47 -55.31 29.48
N ARG E 134 35.83 -54.18 28.89
CA ARG E 134 35.88 -52.93 29.63
C ARG E 134 34.76 -51.96 29.24
N ALA E 135 33.71 -52.50 28.63
CA ALA E 135 32.53 -51.71 28.30
C ALA E 135 31.51 -51.81 29.44
N LYS E 136 30.50 -50.94 29.42
CA LYS E 136 29.47 -50.97 30.45
C LYS E 136 28.41 -52.02 30.15
N VAL E 137 27.97 -52.03 28.90
CA VAL E 137 27.01 -53.03 28.43
C VAL E 137 27.45 -53.54 27.07
N ILE E 138 27.09 -54.78 26.77
CA ILE E 138 27.39 -55.35 25.47
C ILE E 138 26.10 -55.63 24.74
N VAL E 139 25.93 -55.01 23.56
CA VAL E 139 24.75 -55.30 22.76
C VAL E 139 25.15 -56.20 21.61
N ALA E 140 24.63 -57.41 21.59
CA ALA E 140 24.95 -58.36 20.54
C ALA E 140 23.69 -58.74 19.79
N ASP E 141 23.83 -59.13 18.52
CA ASP E 141 22.63 -59.58 17.81
C ASP E 141 22.71 -61.07 17.50
N CYS E 142 21.58 -61.66 17.12
CA CYS E 142 21.53 -63.09 16.86
C CYS E 142 21.86 -63.38 15.39
N ASN E 143 22.54 -62.43 14.77
CA ASN E 143 23.00 -62.60 13.39
C ASN E 143 24.36 -63.27 13.35
N ILE E 144 25.04 -63.27 14.50
CA ILE E 144 26.38 -63.86 14.62
C ILE E 144 26.35 -65.38 14.83
N SER E 145 27.54 -65.98 14.81
CA SER E 145 27.76 -67.40 15.01
C SER E 145 27.56 -67.85 16.44
N GLU E 146 27.24 -69.13 16.62
CA GLU E 146 27.13 -69.71 17.96
C GLU E 146 28.47 -69.57 18.68
N GLU E 147 29.58 -69.74 17.98
CA GLU E 147 30.92 -69.61 18.59
C GLU E 147 31.20 -68.18 19.08
N ALA E 148 30.79 -67.19 18.29
CA ALA E 148 30.99 -65.79 18.65
C ALA E 148 30.12 -65.40 19.85
N LEU E 149 28.85 -65.81 19.82
CA LEU E 149 27.93 -65.56 20.92
C LEU E 149 28.42 -66.21 22.19
N ALA E 150 28.92 -67.45 22.05
CA ALA E 150 29.50 -68.20 23.15
C ALA E 150 30.68 -67.45 23.74
N TRP E 151 31.53 -66.93 22.85
CA TRP E 151 32.68 -66.14 23.27
C TRP E 151 32.22 -64.96 24.10
N ILE E 152 31.31 -64.17 23.54
CA ILE E 152 30.81 -62.97 24.22
C ILE E 152 30.18 -63.27 25.58
N LEU E 153 29.30 -64.25 25.64
CA LEU E 153 28.61 -64.58 26.89
C LEU E 153 29.53 -65.22 27.93
N ASP E 154 30.52 -65.97 27.47
CA ASP E 154 31.44 -66.65 28.38
C ASP E 154 32.60 -65.74 28.78
N ASN E 155 32.91 -64.76 27.93
CA ASN E 155 34.02 -63.85 28.20
C ASN E 155 33.50 -62.43 28.44
N ALA E 156 32.36 -62.33 29.09
CA ALA E 156 31.74 -61.03 29.36
C ALA E 156 32.41 -60.34 30.55
N ALA E 157 33.02 -61.15 31.42
CA ALA E 157 33.72 -60.65 32.61
C ALA E 157 32.81 -59.76 33.47
N ASN E 158 31.65 -60.30 33.82
CA ASN E 158 30.68 -59.60 34.67
C ASN E 158 30.20 -58.27 34.06
N VAL E 159 30.20 -58.19 32.74
CA VAL E 159 29.63 -57.05 32.03
C VAL E 159 28.32 -57.47 31.37
N PRO E 160 27.23 -56.72 31.67
CA PRO E 160 25.89 -57.05 31.18
C PRO E 160 25.82 -57.22 29.67
N VAL E 161 25.30 -58.36 29.21
CA VAL E 161 25.12 -58.60 27.79
C VAL E 161 23.66 -58.58 27.38
N PHE E 162 23.29 -57.58 26.58
CA PHE E 162 21.93 -57.46 26.06
C PHE E 162 21.85 -58.07 24.66
N VAL E 163 21.03 -59.10 24.49
CA VAL E 163 20.97 -59.83 23.22
C VAL E 163 19.61 -59.72 22.53
N ASP E 164 19.63 -59.28 21.27
CA ASP E 164 18.43 -59.22 20.44
C ASP E 164 18.28 -60.47 19.56
N PRO E 165 17.14 -61.17 19.70
CA PRO E 165 16.83 -62.41 18.97
C PRO E 165 16.76 -62.26 17.44
N VAL E 166 16.48 -61.06 16.93
CA VAL E 166 16.36 -60.80 15.49
C VAL E 166 15.27 -61.62 14.78
N SER E 167 15.46 -62.94 14.71
CA SER E 167 14.52 -63.80 14.00
C SER E 167 14.15 -65.02 14.82
N ALA E 168 13.06 -65.69 14.41
CA ALA E 168 12.57 -66.85 15.13
C ALA E 168 13.46 -68.07 14.92
N TRP E 169 14.04 -68.19 13.73
CA TRP E 169 14.94 -69.28 13.44
C TRP E 169 16.33 -68.95 13.98
N LYS E 170 16.56 -67.67 14.25
CA LYS E 170 17.84 -67.26 14.79
C LYS E 170 17.75 -67.00 16.28
N CYS E 171 16.64 -67.41 16.90
CA CYS E 171 16.47 -67.23 18.33
C CYS E 171 16.75 -68.53 19.08
N VAL E 172 17.20 -69.56 18.38
CA VAL E 172 17.37 -70.86 19.04
C VAL E 172 18.70 -70.97 19.75
N LYS E 173 19.60 -70.06 19.42
CA LYS E 173 20.96 -70.11 19.93
C LYS E 173 21.07 -69.58 21.36
N VAL E 174 20.00 -68.94 21.83
CA VAL E 174 19.95 -68.34 23.17
C VAL E 174 19.24 -69.24 24.26
N ARG E 175 18.65 -70.33 23.81
CA ARG E 175 17.79 -71.14 24.67
C ARG E 175 18.50 -71.59 25.95
N ASP E 176 19.21 -72.70 25.85
CA ASP E 176 20.01 -73.22 26.95
C ASP E 176 21.07 -72.23 27.48
N ARG E 177 21.09 -71.00 26.99
CA ARG E 177 22.14 -70.07 27.41
C ARG E 177 21.63 -68.81 28.07
N LEU E 178 20.38 -68.89 28.52
CA LEU E 178 19.71 -67.78 29.19
C LEU E 178 20.42 -67.43 30.49
N ASN E 179 21.22 -68.37 31.01
CA ASN E 179 21.95 -68.16 32.24
C ASN E 179 23.13 -67.21 32.05
N GLN E 180 23.36 -66.77 30.81
CA GLN E 180 24.50 -65.91 30.53
C GLN E 180 24.05 -64.55 30.06
N ILE E 181 22.73 -64.37 30.05
CA ILE E 181 22.11 -63.14 29.58
C ILE E 181 21.44 -62.26 30.62
N HIS E 182 21.76 -60.98 30.55
CA HIS E 182 21.18 -60.01 31.46
C HIS E 182 19.78 -59.52 31.05
N THR E 183 19.49 -59.54 29.74
CA THR E 183 18.21 -59.02 29.25
C THR E 183 17.94 -59.44 27.80
N LEU E 184 16.82 -60.12 27.59
CA LEU E 184 16.40 -60.55 26.25
C LEU E 184 15.12 -59.85 25.79
N LYS E 185 15.10 -59.41 24.54
CA LYS E 185 13.94 -58.71 24.00
C LYS E 185 13.39 -59.43 22.75
N PRO E 186 12.60 -60.49 22.96
CA PRO E 186 12.01 -61.28 21.87
C PRO E 186 10.57 -60.87 21.53
N ASN E 187 10.08 -61.34 20.39
CA ASN E 187 8.69 -61.16 20.02
C ASN E 187 7.87 -62.41 20.39
N ARG E 188 6.65 -62.50 19.91
CA ARG E 188 5.77 -63.63 20.27
C ARG E 188 6.35 -64.99 19.85
N LEU E 189 6.61 -65.14 18.56
CA LEU E 189 7.05 -66.41 17.99
C LEU E 189 8.41 -66.89 18.51
N GLU E 190 9.34 -65.97 18.66
CA GLU E 190 10.67 -66.28 19.16
C GLU E 190 10.59 -66.88 20.57
N ALA E 191 9.84 -66.21 21.42
CA ALA E 191 9.69 -66.62 22.82
C ALA E 191 8.94 -67.94 22.92
N GLU E 192 7.96 -68.15 22.03
CA GLU E 192 7.26 -69.43 21.99
C GLU E 192 8.15 -70.58 21.57
N THR E 193 8.93 -70.34 20.54
CA THR E 193 9.83 -71.34 19.99
C THR E 193 10.76 -71.77 21.11
N LEU E 194 11.33 -70.80 21.80
CA LEU E 194 12.23 -71.15 22.90
C LEU E 194 11.54 -71.87 24.05
N SER E 195 10.44 -71.28 24.54
CA SER E 195 9.78 -71.77 25.75
C SER E 195 9.07 -73.12 25.60
N GLY E 196 8.34 -73.31 24.51
CA GLY E 196 7.52 -74.50 24.35
C GLY E 196 6.13 -74.31 24.92
N ILE E 197 5.87 -73.10 25.40
CA ILE E 197 4.58 -72.72 25.95
C ILE E 197 3.82 -71.98 24.85
N ALA E 198 2.53 -72.24 24.70
CA ALA E 198 1.77 -71.68 23.57
C ALA E 198 1.65 -70.16 23.62
N LEU E 199 1.26 -69.58 22.49
CA LEU E 199 1.15 -68.13 22.35
C LEU E 199 -0.26 -67.57 22.37
N SER E 200 -1.25 -68.43 22.17
CA SER E 200 -2.62 -67.98 22.01
C SER E 200 -3.16 -67.29 23.27
N GLY E 201 -3.77 -66.13 23.05
CA GLY E 201 -4.33 -65.31 24.10
C GLY E 201 -3.30 -64.41 24.76
N ARG E 202 -3.74 -63.58 25.69
CA ARG E 202 -2.84 -62.71 26.44
C ARG E 202 -2.78 -63.07 27.92
N ASP E 203 -3.71 -63.93 28.35
CA ASP E 203 -3.79 -64.30 29.76
C ASP E 203 -2.98 -65.54 30.17
N ASP E 204 -3.14 -66.65 29.44
CA ASP E 204 -2.41 -67.87 29.80
C ASP E 204 -1.08 -67.92 29.06
N VAL E 205 -0.33 -66.83 29.14
CA VAL E 205 0.96 -66.69 28.46
C VAL E 205 2.01 -66.23 29.49
N ALA E 206 1.53 -65.91 30.68
CA ALA E 206 2.37 -65.46 31.79
C ALA E 206 3.40 -66.53 32.18
N LYS E 207 3.01 -67.79 32.06
CA LYS E 207 3.88 -68.91 32.44
C LYS E 207 5.12 -69.02 31.55
N VAL E 208 5.10 -68.36 30.40
CA VAL E 208 6.25 -68.34 29.50
C VAL E 208 7.42 -67.63 30.17
N ALA E 209 7.12 -66.51 30.81
CA ALA E 209 8.11 -65.76 31.57
C ALA E 209 8.69 -66.63 32.68
N ALA E 210 7.82 -67.41 33.33
CA ALA E 210 8.23 -68.35 34.35
C ALA E 210 9.18 -69.41 33.80
N TRP E 211 8.90 -69.88 32.59
CA TRP E 211 9.78 -70.82 31.91
C TRP E 211 11.15 -70.19 31.70
N PHE E 212 11.15 -68.96 31.18
CA PHE E 212 12.40 -68.24 30.91
C PHE E 212 13.23 -68.03 32.18
N HIS E 213 12.56 -67.66 33.27
CA HIS E 213 13.24 -67.43 34.55
C HIS E 213 13.74 -68.73 35.16
N GLN E 214 13.02 -69.82 34.93
CA GLN E 214 13.42 -71.12 35.43
C GLN E 214 14.68 -71.61 34.75
N HIS E 215 14.89 -71.14 33.52
CA HIS E 215 16.07 -71.52 32.75
C HIS E 215 17.20 -70.51 32.97
N GLY E 216 16.94 -69.51 33.81
CA GLY E 216 17.97 -68.60 34.25
C GLY E 216 17.95 -67.19 33.68
N LEU E 217 16.90 -66.85 32.94
CA LEU E 217 16.80 -65.51 32.36
C LEU E 217 16.47 -64.45 33.41
N ASN E 218 17.31 -63.42 33.49
CA ASN E 218 17.12 -62.35 34.45
C ASN E 218 15.97 -61.41 34.08
N ARG E 219 16.07 -60.80 32.90
CA ARG E 219 15.07 -59.83 32.48
C ARG E 219 14.47 -60.19 31.11
N LEU E 220 13.14 -60.23 31.04
CA LEU E 220 12.41 -60.53 29.81
C LEU E 220 11.49 -59.37 29.37
N VAL E 221 11.64 -58.93 28.13
CA VAL E 221 10.80 -57.87 27.55
C VAL E 221 9.97 -58.31 26.33
N LEU E 222 8.78 -58.87 26.57
CA LEU E 222 7.90 -59.36 25.49
C LEU E 222 6.96 -58.32 24.89
N SER E 223 7.09 -58.07 23.60
CA SER E 223 6.21 -57.15 22.89
C SER E 223 4.98 -57.88 22.34
N MET E 224 3.80 -57.51 22.82
CA MET E 224 2.57 -58.17 22.41
C MET E 224 1.61 -57.23 21.70
N GLY E 225 0.71 -57.82 20.91
CA GLY E 225 -0.29 -57.05 20.19
C GLY E 225 -1.53 -56.92 21.05
N GLY E 226 -2.50 -56.13 20.60
CA GLY E 226 -3.73 -55.96 21.36
C GLY E 226 -3.41 -55.26 22.66
N ASP E 227 -2.45 -54.34 22.57
CA ASP E 227 -2.00 -53.53 23.70
C ASP E 227 -1.22 -54.31 24.77
N GLY E 228 0.01 -53.89 25.03
CA GLY E 228 0.80 -54.50 26.08
C GLY E 228 2.20 -55.02 25.78
N VAL E 229 3.16 -54.56 26.57
CA VAL E 229 4.52 -55.09 26.55
C VAL E 229 4.80 -55.61 27.97
N TYR E 230 4.98 -56.91 28.10
CA TYR E 230 5.19 -57.54 29.41
C TYR E 230 6.66 -57.63 29.80
N TYR E 231 7.00 -57.04 30.95
CA TYR E 231 8.36 -57.08 31.47
C TYR E 231 8.44 -57.97 32.72
N SER E 232 9.53 -58.72 32.86
CA SER E 232 9.66 -59.62 34.00
C SER E 232 11.11 -59.75 34.49
N ASP E 233 11.26 -59.73 35.81
CA ASP E 233 12.56 -59.92 36.44
C ASP E 233 12.50 -61.18 37.29
N ILE E 234 13.61 -61.92 37.34
CA ILE E 234 13.68 -63.17 38.09
C ILE E 234 13.51 -62.96 39.60
N ARG E 235 13.69 -61.73 40.07
CA ARG E 235 13.56 -61.41 41.49
C ARG E 235 12.11 -61.21 41.92
N GLY E 236 11.19 -61.20 40.96
CA GLY E 236 9.78 -61.07 41.28
C GLY E 236 9.17 -59.86 40.59
N GLU E 237 10.04 -58.96 40.14
CA GLU E 237 9.60 -57.72 39.52
C GLU E 237 8.96 -57.99 38.16
N ASN E 238 7.65 -58.10 38.12
CA ASN E 238 6.90 -58.32 36.88
C ASN E 238 5.84 -57.25 36.63
N GLY E 239 5.47 -57.06 35.36
CA GLY E 239 4.42 -56.10 35.03
C GLY E 239 4.13 -55.95 33.54
N TRP E 240 3.04 -55.24 33.26
CA TRP E 240 2.61 -54.94 31.90
C TRP E 240 2.81 -53.45 31.64
N SER E 241 3.09 -53.08 30.39
CA SER E 241 3.26 -51.66 30.02
C SER E 241 2.26 -51.19 28.98
N ALA E 242 1.68 -50.02 29.21
CA ALA E 242 0.67 -49.47 28.31
C ALA E 242 1.30 -48.90 27.03
N PRO E 243 0.64 -49.10 25.89
CA PRO E 243 1.09 -48.66 24.56
C PRO E 243 0.97 -47.17 24.30
N ILE E 244 1.98 -46.61 23.64
CA ILE E 244 1.94 -45.22 23.20
C ILE E 244 1.23 -45.09 21.85
N LYS E 245 0.06 -44.44 21.84
CA LYS E 245 -0.67 -44.27 20.59
C LYS E 245 0.18 -43.44 19.64
N THR E 246 0.49 -44.01 18.47
CA THR E 246 1.36 -43.34 17.50
C THR E 246 0.89 -43.65 16.09
N ASN E 247 1.24 -42.77 15.15
CA ASN E 247 0.91 -43.00 13.75
C ASN E 247 2.01 -43.78 13.04
N VAL E 248 1.67 -45.01 12.66
CA VAL E 248 2.63 -45.91 12.02
C VAL E 248 2.96 -45.45 10.59
N ILE E 249 4.08 -44.75 10.44
CA ILE E 249 4.54 -44.36 9.11
C ILE E 249 5.39 -45.48 8.53
N ASN E 250 6.36 -45.94 9.31
CA ASN E 250 7.16 -47.10 8.97
C ASN E 250 7.57 -47.87 10.22
N VAL E 251 7.25 -49.17 10.25
CA VAL E 251 7.44 -49.98 11.44
C VAL E 251 8.89 -50.44 11.60
N THR E 252 9.71 -50.22 10.58
CA THR E 252 11.09 -50.70 10.60
C THR E 252 11.96 -49.89 11.56
N GLY E 253 12.73 -50.59 12.39
CA GLY E 253 13.67 -49.96 13.30
C GLY E 253 13.17 -49.79 14.74
N ALA E 254 11.95 -50.23 15.00
CA ALA E 254 11.33 -50.08 16.32
C ALA E 254 12.07 -50.82 17.45
N GLY E 255 12.23 -52.13 17.27
CA GLY E 255 12.85 -52.97 18.29
C GLY E 255 14.28 -52.58 18.59
N ASP E 256 14.95 -52.04 17.57
CA ASP E 256 16.31 -51.57 17.72
C ASP E 256 16.32 -50.39 18.69
N ALA E 257 15.33 -49.52 18.53
CA ALA E 257 15.20 -48.36 19.40
C ALA E 257 14.79 -48.77 20.82
N MET E 258 13.96 -49.81 20.93
CA MET E 258 13.62 -50.35 22.24
C MET E 258 14.84 -50.89 22.99
N MET E 259 15.63 -51.71 22.30
CA MET E 259 16.84 -52.28 22.91
C MET E 259 17.83 -51.20 23.28
N ALA E 260 18.03 -50.25 22.36
CA ALA E 260 18.89 -49.11 22.60
C ALA E 260 18.45 -48.35 23.84
N GLY E 261 17.14 -48.15 23.96
CA GLY E 261 16.57 -47.47 25.11
C GLY E 261 16.83 -48.20 26.41
N LEU E 262 16.57 -49.51 26.42
CA LEU E 262 16.80 -50.32 27.61
C LEU E 262 18.26 -50.26 28.07
N ALA E 263 19.18 -50.38 27.12
CA ALA E 263 20.60 -50.40 27.47
C ALA E 263 21.07 -49.02 27.95
N SER E 264 20.68 -47.98 27.22
CA SER E 264 21.01 -46.61 27.57
C SER E 264 20.48 -46.25 28.95
N CYS E 265 19.33 -46.81 29.29
CA CYS E 265 18.71 -46.55 30.58
C CYS E 265 19.39 -47.36 31.67
N TRP E 266 19.94 -48.52 31.32
CA TRP E 266 20.70 -49.30 32.28
C TRP E 266 22.01 -48.59 32.64
N VAL E 267 22.71 -48.08 31.63
CA VAL E 267 23.98 -47.39 31.87
C VAL E 267 23.76 -46.07 32.61
N ASP E 268 22.55 -45.52 32.54
CA ASP E 268 22.24 -44.27 33.20
C ASP E 268 21.59 -44.50 34.57
N GLY E 269 21.62 -45.75 35.02
CA GLY E 269 21.09 -46.13 36.32
C GLY E 269 19.59 -45.96 36.52
N MET E 270 18.80 -46.50 35.61
CA MET E 270 17.35 -46.37 35.66
C MET E 270 16.68 -47.72 35.98
N PRO E 271 15.59 -47.68 36.78
CA PRO E 271 14.81 -48.87 37.15
C PRO E 271 14.25 -49.63 35.94
N PHE E 272 13.92 -50.91 36.13
CA PHE E 272 13.45 -51.78 35.06
C PHE E 272 12.20 -51.32 34.31
N ALA E 273 11.09 -51.19 35.04
CA ALA E 273 9.81 -50.83 34.44
C ALA E 273 9.87 -49.48 33.70
N GLU E 274 10.45 -48.47 34.34
CA GLU E 274 10.56 -47.14 33.74
C GLU E 274 11.48 -47.18 32.52
N SER E 275 12.49 -48.04 32.56
CA SER E 275 13.38 -48.26 31.42
C SER E 275 12.59 -48.84 30.25
N VAL E 276 11.63 -49.69 30.56
CA VAL E 276 10.76 -50.29 29.55
C VAL E 276 9.85 -49.22 28.94
N ARG E 277 9.32 -48.32 29.78
CA ARG E 277 8.49 -47.21 29.29
C ARG E 277 9.27 -46.28 28.36
N PHE E 278 10.50 -45.95 28.78
CA PHE E 278 11.38 -45.09 28.00
C PHE E 278 11.68 -45.76 26.66
N ALA E 279 11.89 -47.07 26.71
CA ALA E 279 12.14 -47.85 25.50
C ALA E 279 10.92 -47.81 24.59
N GLN E 280 9.73 -47.79 25.20
CA GLN E 280 8.49 -47.68 24.43
C GLN E 280 8.42 -46.32 23.76
N GLY E 281 8.97 -45.31 24.42
CA GLY E 281 9.02 -43.98 23.83
C GLY E 281 9.96 -43.94 22.64
N CYS E 282 11.10 -44.64 22.78
CA CYS E 282 12.06 -44.75 21.69
C CYS E 282 11.43 -45.45 20.49
N SER E 283 10.70 -46.52 20.75
CA SER E 283 9.98 -47.24 19.71
C SER E 283 8.97 -46.32 19.03
N SER E 284 8.29 -45.51 19.84
CA SER E 284 7.28 -44.59 19.31
C SER E 284 7.93 -43.55 18.39
N MET E 285 9.10 -43.06 18.76
CA MET E 285 9.83 -42.13 17.90
C MET E 285 10.29 -42.82 16.62
N ALA E 286 10.65 -44.08 16.72
CA ALA E 286 11.04 -44.86 15.55
C ALA E 286 9.90 -45.03 14.56
N LEU E 287 8.70 -45.26 15.10
CA LEU E 287 7.51 -45.47 14.29
C LEU E 287 7.09 -44.23 13.51
N SER E 288 7.30 -43.06 14.11
CA SER E 288 6.88 -41.79 13.51
C SER E 288 7.72 -41.38 12.32
N CYS E 289 8.76 -42.15 12.02
CA CYS E 289 9.63 -41.82 10.91
C CYS E 289 9.43 -42.82 9.77
N GLU E 290 9.46 -42.32 8.54
CA GLU E 290 9.42 -43.15 7.35
C GLU E 290 10.77 -43.86 7.22
N TYR E 291 11.83 -43.19 7.65
CA TYR E 291 13.18 -43.75 7.61
C TYR E 291 13.29 -44.85 8.65
N THR E 292 14.19 -45.81 8.45
CA THR E 292 14.40 -46.88 9.44
C THR E 292 14.79 -46.32 10.81
N ASN E 293 15.65 -45.30 10.80
CA ASN E 293 16.11 -44.69 12.03
C ASN E 293 15.74 -43.21 12.12
N ASN E 294 14.96 -42.84 13.14
CA ASN E 294 14.62 -41.44 13.37
C ASN E 294 15.85 -40.65 13.82
N PRO E 295 16.26 -39.66 13.01
CA PRO E 295 17.46 -38.86 13.26
C PRO E 295 17.32 -37.85 14.40
N ASP E 296 16.08 -37.55 14.79
CA ASP E 296 15.83 -36.58 15.87
C ASP E 296 15.62 -37.29 17.21
N LEU E 297 15.89 -38.59 17.23
CA LEU E 297 15.75 -39.37 18.45
C LEU E 297 16.73 -38.90 19.52
N SER E 298 16.19 -38.39 20.61
CA SER E 298 16.99 -37.89 21.73
C SER E 298 16.31 -38.23 23.04
N ILE E 299 17.04 -38.11 24.14
CA ILE E 299 16.48 -38.35 25.47
C ILE E 299 15.34 -37.38 25.76
N ALA E 300 15.54 -36.11 25.39
CA ALA E 300 14.54 -35.06 25.63
C ALA E 300 13.22 -35.32 24.92
N ASN E 301 13.29 -35.72 23.66
CA ASN E 301 12.09 -35.96 22.86
C ASN E 301 11.33 -37.19 23.35
N VAL E 302 12.06 -38.23 23.69
CA VAL E 302 11.46 -39.45 24.22
C VAL E 302 10.78 -39.16 25.55
N ILE E 303 11.46 -38.39 26.40
CA ILE E 303 10.91 -37.97 27.68
C ILE E 303 9.63 -37.15 27.47
N SER E 304 9.63 -36.27 26.48
CA SER E 304 8.44 -35.50 26.14
C SER E 304 7.28 -36.40 25.71
N LEU E 305 7.58 -37.38 24.86
CA LEU E 305 6.56 -38.29 24.36
C LEU E 305 5.97 -39.20 25.44
N VAL E 306 6.82 -39.68 26.35
CA VAL E 306 6.32 -40.53 27.42
C VAL E 306 5.61 -39.71 28.49
N GLU E 307 6.03 -38.45 28.63
CA GLU E 307 5.38 -37.52 29.55
C GLU E 307 3.97 -37.19 29.08
N ASN E 308 3.83 -36.88 27.79
CA ASN E 308 2.53 -36.53 27.24
C ASN E 308 1.63 -37.76 27.03
N ALA E 309 2.00 -38.88 27.65
CA ALA E 309 1.24 -40.11 27.50
C ALA E 309 0.87 -40.67 28.85
N GLU F 3 -72.18 28.95 -5.59
CA GLU F 3 -72.47 27.96 -6.61
C GLU F 3 -72.16 28.50 -8.00
N LYS F 4 -72.06 29.83 -8.10
CA LYS F 4 -71.79 30.44 -9.40
C LYS F 4 -70.57 31.37 -9.45
N ASP F 5 -69.53 31.06 -8.69
CA ASP F 5 -68.28 31.83 -8.81
C ASP F 5 -67.27 30.88 -9.42
N VAL F 7 -63.12 30.53 -12.21
CA VAL F 7 -61.75 30.89 -12.54
C VAL F 7 -61.25 30.11 -13.76
N VAL F 8 -60.75 30.82 -14.76
CA VAL F 8 -60.23 30.15 -15.97
C VAL F 8 -58.70 30.23 -16.14
N ILE F 9 -58.11 29.05 -16.33
CA ILE F 9 -56.68 28.94 -16.54
C ILE F 9 -56.39 28.36 -17.92
N ILE F 10 -55.74 29.17 -18.76
CA ILE F 10 -55.29 28.74 -20.09
C ILE F 10 -53.79 28.51 -20.07
N GLY F 11 -53.40 27.24 -19.96
CA GLY F 11 -52.00 26.89 -19.84
C GLY F 11 -51.65 25.59 -20.52
N SER F 12 -50.45 25.09 -20.23
CA SER F 12 -49.95 23.87 -20.85
C SER F 12 -50.06 22.66 -19.93
N ALA F 13 -50.21 21.48 -20.52
CA ALA F 13 -50.26 20.23 -19.76
C ALA F 13 -49.21 19.24 -20.25
N ASN F 14 -48.15 19.07 -19.47
CA ASN F 14 -47.01 18.24 -19.87
C ASN F 14 -46.88 16.96 -19.05
N ILE F 15 -46.16 15.99 -19.61
CA ILE F 15 -45.76 14.80 -18.87
C ILE F 15 -44.39 15.06 -18.29
N ASP F 16 -44.28 15.19 -16.98
CA ASP F 16 -43.01 15.53 -16.39
C ASP F 16 -42.18 14.31 -16.00
N VAL F 17 -41.00 14.22 -16.60
CA VAL F 17 -40.04 13.18 -16.28
C VAL F 17 -38.88 13.86 -15.58
N ALA F 18 -38.70 13.54 -14.30
CA ALA F 18 -37.68 14.20 -13.50
C ALA F 18 -36.56 13.24 -13.14
N GLY F 19 -35.33 13.67 -13.39
CA GLY F 19 -34.16 12.86 -13.10
C GLY F 19 -33.31 13.48 -12.02
N TYR F 20 -33.09 12.73 -10.94
CA TYR F 20 -32.23 13.16 -9.87
C TYR F 20 -31.03 12.22 -9.87
N SER F 21 -29.83 12.79 -9.85
CA SER F 21 -28.62 11.99 -9.85
C SER F 21 -27.53 12.62 -9.00
N HIS F 22 -26.68 11.78 -8.40
CA HIS F 22 -25.62 12.30 -7.56
C HIS F 22 -24.57 12.95 -8.47
N GLU F 23 -23.74 13.80 -7.86
CA GLU F 23 -22.69 14.54 -8.58
C GLU F 23 -21.87 13.68 -9.54
N ASP F 29 -20.64 7.07 -17.59
CA ASP F 29 -21.04 5.69 -17.88
C ASP F 29 -22.49 5.43 -17.47
N SER F 30 -22.66 4.78 -16.32
CA SER F 30 -23.99 4.48 -15.77
C SER F 30 -24.11 4.90 -14.31
N ASN F 31 -24.73 6.05 -14.07
CA ASN F 31 -24.89 6.57 -12.71
C ASN F 31 -26.34 6.49 -12.22
N PRO F 32 -26.57 5.65 -11.20
CA PRO F 32 -27.87 5.36 -10.58
C PRO F 32 -28.47 6.58 -9.91
N GLY F 33 -29.80 6.62 -9.81
CA GLY F 33 -30.50 7.74 -9.19
C GLY F 33 -32.01 7.53 -9.21
N LYS F 34 -32.74 8.63 -9.16
CA LYS F 34 -34.21 8.58 -9.12
C LYS F 34 -34.90 9.22 -10.30
N ILE F 35 -35.78 8.48 -10.95
CA ILE F 35 -36.56 9.02 -12.04
C ILE F 35 -38.03 8.98 -11.67
N LYS F 36 -38.66 10.16 -11.67
CA LYS F 36 -40.05 10.29 -11.24
C LYS F 36 -40.94 10.70 -12.42
N PHE F 37 -42.08 10.02 -12.53
CA PHE F 37 -43.07 10.37 -13.54
C PHE F 37 -44.23 11.09 -12.88
N THR F 38 -44.30 12.40 -13.07
CA THR F 38 -45.31 13.22 -12.42
C THR F 38 -46.08 14.06 -13.43
N PRO F 39 -47.37 14.30 -13.18
CA PRO F 39 -48.15 15.22 -14.01
C PRO F 39 -47.54 16.62 -13.96
N GLY F 40 -47.53 17.34 -15.07
CA GLY F 40 -46.89 18.64 -15.11
C GLY F 40 -47.48 19.62 -16.10
N GLY F 41 -46.73 20.69 -16.36
CA GLY F 41 -47.22 21.78 -17.18
C GLY F 41 -47.60 22.97 -16.34
N VAL F 42 -47.05 24.14 -16.66
CA VAL F 42 -47.27 25.37 -15.92
C VAL F 42 -48.75 25.62 -15.63
N GLY F 43 -49.55 25.69 -16.69
CA GLY F 43 -50.97 25.91 -16.58
C GLY F 43 -51.65 24.87 -15.71
N ARG F 44 -51.30 23.61 -15.93
CA ARG F 44 -51.85 22.51 -15.15
C ARG F 44 -51.53 22.66 -13.67
N ASN F 45 -50.28 23.02 -13.38
CA ASN F 45 -49.83 23.21 -12.00
C ASN F 45 -50.56 24.36 -11.31
N ILE F 46 -50.63 25.51 -11.99
CA ILE F 46 -51.38 26.66 -11.49
C ILE F 46 -52.84 26.32 -11.22
N ALA F 47 -53.45 25.61 -12.16
CA ALA F 47 -54.84 25.19 -12.05
C ALA F 47 -55.05 24.29 -10.83
N GLN F 48 -54.17 23.29 -10.69
CA GLN F 48 -54.26 22.37 -9.56
C GLN F 48 -54.10 23.11 -8.23
N ASN F 49 -53.13 24.01 -8.16
CA ASN F 49 -52.88 24.81 -6.95
C ASN F 49 -54.05 25.73 -6.60
N LEU F 50 -54.71 26.26 -7.62
CA LEU F 50 -55.87 27.12 -7.39
C LEU F 50 -57.01 26.30 -6.80
N ALA F 51 -57.21 25.09 -7.31
CA ALA F 51 -58.21 24.18 -6.79
C ALA F 51 -57.91 23.74 -5.36
N GLY F 54 -58.81 26.19 -3.00
CA GLY F 54 -60.26 26.21 -2.85
C GLY F 54 -60.96 27.06 -3.89
N ASN F 55 -60.45 27.00 -5.11
CA ASN F 55 -61.02 27.74 -6.22
C ASN F 55 -61.63 26.84 -7.29
N LYS F 56 -62.80 27.24 -7.78
CA LYS F 56 -63.44 26.55 -8.89
C LYS F 56 -62.62 26.80 -10.16
N ALA F 57 -61.80 25.82 -10.54
CA ALA F 57 -60.85 25.99 -11.63
C ALA F 57 -61.19 25.21 -12.91
N TRP F 58 -61.11 25.91 -14.03
CA TRP F 58 -61.28 25.30 -15.36
C TRP F 58 -60.03 25.45 -16.22
N LEU F 59 -59.49 24.32 -16.67
CA LEU F 59 -58.29 24.33 -17.48
C LEU F 59 -58.68 24.28 -18.96
N LEU F 60 -58.16 25.24 -19.73
CA LEU F 60 -58.41 25.30 -21.17
C LEU F 60 -57.13 24.99 -21.95
N VAL F 63 -54.19 17.67 -24.92
CA VAL F 63 -53.62 16.34 -24.72
C VAL F 63 -53.98 15.40 -25.87
N GLY F 64 -53.30 14.28 -25.94
CA GLY F 64 -53.46 13.36 -27.06
C GLY F 64 -54.30 12.15 -26.74
N SER F 65 -54.30 11.19 -27.66
CA SER F 65 -55.03 9.94 -27.49
C SER F 65 -54.22 8.89 -26.72
N ASP F 66 -53.07 9.29 -26.21
CA ASP F 66 -52.24 8.38 -25.44
C ASP F 66 -52.77 8.26 -24.01
N PHE F 67 -52.46 7.14 -23.36
CA PHE F 67 -52.87 6.90 -21.97
C PHE F 67 -52.38 8.01 -21.03
N TYR F 68 -51.21 8.54 -21.36
CA TYR F 68 -50.57 9.60 -20.60
C TYR F 68 -51.49 10.80 -20.37
N GLY F 69 -52.20 11.19 -21.43
CA GLY F 69 -53.09 12.33 -21.40
C GLY F 69 -54.29 12.10 -20.50
N GLN F 70 -54.89 10.91 -20.61
CA GLN F 70 -56.04 10.56 -19.79
C GLN F 70 -55.67 10.46 -18.32
N SER F 71 -54.48 9.92 -18.05
CA SER F 71 -53.97 9.83 -16.69
C SER F 71 -53.73 11.21 -16.10
N LEU F 72 -53.09 12.09 -16.88
CA LEU F 72 -52.87 13.46 -16.47
C LEU F 72 -54.18 14.19 -16.15
N LEU F 73 -55.11 14.12 -17.09
CA LEU F 73 -56.40 14.80 -16.96
C LEU F 73 -57.21 14.29 -15.78
N THR F 74 -57.24 12.98 -15.60
CA THR F 74 -57.98 12.39 -14.49
C THR F 74 -57.31 12.80 -13.17
N GLN F 75 -55.98 12.81 -13.14
CA GLN F 75 -55.25 13.21 -11.95
C GLN F 75 -55.58 14.65 -11.57
N THR F 76 -55.65 15.52 -12.57
CA THR F 76 -55.99 16.92 -12.32
C THR F 76 -57.43 17.08 -11.86
N ASN F 77 -58.34 16.32 -12.48
CA ASN F 77 -59.75 16.34 -12.11
C ASN F 77 -60.00 15.85 -10.68
N GLN F 78 -59.28 14.81 -10.29
CA GLN F 78 -59.37 14.29 -8.94
C GLN F 78 -58.72 15.26 -7.96
N SER F 79 -57.89 16.16 -8.49
CA SER F 79 -57.27 17.19 -7.69
C SER F 79 -58.17 18.42 -7.63
N GLY F 80 -59.39 18.28 -8.13
CA GLY F 80 -60.38 19.34 -8.05
C GLY F 80 -60.44 20.28 -9.24
N VAL F 81 -59.79 19.92 -10.33
CA VAL F 81 -59.77 20.78 -11.52
C VAL F 81 -60.73 20.32 -12.61
N TYR F 82 -61.62 21.22 -13.01
CA TYR F 82 -62.56 20.93 -14.11
C TYR F 82 -61.82 20.99 -15.44
N VAL F 83 -61.71 19.86 -16.12
CA VAL F 83 -60.94 19.78 -17.37
C VAL F 83 -61.77 19.33 -18.57
N ASP F 84 -63.09 19.53 -18.51
CA ASP F 84 -63.97 19.06 -19.57
C ASP F 84 -63.82 19.87 -20.85
N LYS F 85 -63.28 21.08 -20.73
CA LYS F 85 -63.12 21.95 -21.87
C LYS F 85 -61.71 21.92 -22.44
N CYS F 86 -60.86 21.09 -21.86
CA CYS F 86 -59.50 20.93 -22.36
C CYS F 86 -59.57 20.20 -23.70
N LEU F 87 -58.57 20.39 -24.54
CA LEU F 87 -58.60 19.78 -25.86
C LEU F 87 -57.90 18.43 -25.90
N ILE F 88 -58.65 17.39 -26.27
CA ILE F 88 -58.08 16.07 -26.50
C ILE F 88 -58.04 15.80 -28.00
N VAL F 89 -56.88 16.02 -28.62
CA VAL F 89 -56.76 15.86 -30.06
C VAL F 89 -56.19 14.50 -30.46
N PRO F 90 -56.98 13.70 -31.19
CA PRO F 90 -56.52 12.39 -31.63
C PRO F 90 -55.67 12.44 -32.90
N GLY F 91 -54.76 13.40 -33.00
CA GLY F 91 -53.88 13.50 -34.14
C GLY F 91 -52.42 13.51 -33.75
N GLU F 92 -52.14 14.01 -32.55
CA GLU F 92 -50.78 14.08 -32.03
C GLU F 92 -50.68 13.43 -30.65
N ASN F 93 -49.47 13.39 -30.10
CA ASN F 93 -49.22 12.75 -28.81
C ASN F 93 -49.04 13.80 -27.72
N THR F 94 -49.41 13.44 -26.49
CA THR F 94 -49.35 14.34 -25.35
C THR F 94 -47.95 14.93 -25.15
N SER F 95 -47.92 16.22 -24.90
CA SER F 95 -46.68 16.96 -24.69
C SER F 95 -45.86 16.40 -23.54
N SER F 96 -44.55 16.58 -23.62
CA SER F 96 -43.65 16.02 -22.61
C SER F 96 -42.62 17.04 -22.17
N TYR F 97 -42.16 16.89 -20.93
CA TYR F 97 -41.17 17.76 -20.33
C TYR F 97 -40.13 16.95 -19.56
N LEU F 98 -38.90 17.00 -20.03
CA LEU F 98 -37.79 16.30 -19.41
C LEU F 98 -36.93 17.26 -18.61
N SER F 99 -36.65 16.91 -17.36
CA SER F 99 -35.80 17.76 -16.54
C SER F 99 -34.80 16.90 -15.78
N LEU F 100 -33.52 17.17 -15.95
CA LEU F 100 -32.48 16.49 -15.21
C LEU F 100 -31.83 17.39 -14.17
N LEU F 101 -32.35 17.38 -12.94
CA LEU F 101 -31.86 18.27 -11.90
C LEU F 101 -31.56 17.51 -10.62
N VAL F 109 -30.60 20.71 -16.84
CA VAL F 109 -30.97 20.67 -18.25
C VAL F 109 -32.45 20.33 -18.43
N ALA F 110 -33.12 21.09 -19.28
CA ALA F 110 -34.52 20.85 -19.59
C ALA F 110 -34.75 20.70 -21.09
N ILE F 111 -35.39 19.61 -21.47
CA ILE F 111 -35.75 19.41 -22.87
C ILE F 111 -37.27 19.37 -22.92
N ASN F 112 -37.84 20.04 -23.92
CA ASN F 112 -39.29 20.12 -24.03
C ASN F 112 -39.84 19.71 -25.38
N ASP F 113 -40.77 18.76 -25.34
CA ASP F 113 -41.47 18.32 -26.54
C ASP F 113 -42.92 18.79 -26.44
N MET F 114 -43.16 20.04 -26.83
CA MET F 114 -44.48 20.64 -26.71
C MET F 114 -44.96 21.22 -28.03
N ASN F 115 -45.71 20.43 -28.78
CA ASN F 115 -46.27 20.86 -30.05
C ASN F 115 -47.79 20.81 -29.99
N ILE F 116 -48.31 20.03 -29.05
CA ILE F 116 -49.75 19.94 -28.84
C ILE F 116 -50.28 21.20 -28.17
N SER F 117 -49.39 22.01 -27.60
CA SER F 117 -49.78 23.30 -27.03
C SER F 117 -50.11 24.29 -28.15
N ASN F 118 -49.64 23.98 -29.35
CA ASN F 118 -49.91 24.78 -30.53
C ASN F 118 -51.22 24.39 -31.20
N ALA F 119 -51.87 23.36 -30.66
CA ALA F 119 -53.18 22.94 -31.15
C ALA F 119 -54.24 23.90 -30.62
N ILE F 120 -53.90 24.62 -29.56
CA ILE F 120 -54.76 25.68 -29.06
C ILE F 120 -54.70 26.84 -30.06
N THR F 121 -55.79 26.97 -30.82
CA THR F 121 -55.89 27.92 -31.91
C THR F 121 -57.03 28.89 -31.65
N ALA F 122 -57.19 29.88 -32.53
CA ALA F 122 -58.23 30.89 -32.38
C ALA F 122 -59.65 30.32 -32.28
N GLU F 123 -59.93 29.26 -33.04
CA GLU F 123 -61.27 28.65 -32.99
C GLU F 123 -61.50 27.97 -31.64
N TYR F 124 -60.48 27.26 -31.14
CA TYR F 124 -60.58 26.56 -29.88
C TYR F 124 -60.84 27.55 -28.73
N LEU F 125 -60.15 28.69 -28.74
CA LEU F 125 -60.36 29.72 -27.72
C LEU F 125 -61.70 30.43 -27.87
N ALA F 126 -62.09 30.66 -29.12
CA ALA F 126 -63.35 31.33 -29.45
C ALA F 126 -64.59 30.49 -29.14
N GLN F 127 -64.43 29.17 -29.10
CA GLN F 127 -65.56 28.30 -28.81
C GLN F 127 -66.02 28.41 -27.35
N HIS F 128 -65.13 28.88 -26.49
CA HIS F 128 -65.47 29.13 -25.09
C HIS F 128 -65.27 30.58 -24.69
N ARG F 129 -65.42 31.47 -25.67
CA ARG F 129 -65.27 32.90 -25.47
C ARG F 129 -66.16 33.43 -24.36
N GLU F 130 -67.47 33.16 -24.46
CA GLU F 130 -68.44 33.56 -23.44
C GLU F 130 -68.06 33.10 -22.04
N PHE F 131 -67.62 31.84 -21.94
CA PHE F 131 -67.19 31.25 -20.68
C PHE F 131 -65.97 31.97 -20.11
N ILE F 132 -65.00 32.27 -20.97
CA ILE F 132 -63.78 32.97 -20.56
C ILE F 132 -64.10 34.40 -20.10
N GLN F 133 -65.04 35.03 -20.80
CA GLN F 133 -65.42 36.42 -20.54
C GLN F 133 -66.35 36.56 -19.33
N ARG F 134 -66.82 35.43 -18.81
CA ARG F 134 -67.69 35.44 -17.64
C ARG F 134 -66.95 34.91 -16.43
N ALA F 135 -65.62 34.89 -16.52
CA ALA F 135 -64.77 34.48 -15.42
C ALA F 135 -64.30 35.67 -14.60
N LYS F 136 -63.75 35.39 -13.42
CA LYS F 136 -63.21 36.42 -12.56
C LYS F 136 -61.78 36.78 -12.98
N VAL F 137 -60.97 35.75 -13.22
CA VAL F 137 -59.60 35.96 -13.68
C VAL F 137 -59.22 35.02 -14.82
N ILE F 138 -58.31 35.47 -15.67
CA ILE F 138 -57.75 34.68 -16.75
C ILE F 138 -56.26 34.47 -16.55
N VAL F 139 -55.82 33.22 -16.47
CA VAL F 139 -54.39 32.96 -16.35
C VAL F 139 -53.80 32.50 -17.69
N ALA F 140 -52.84 33.26 -18.22
CA ALA F 140 -52.25 32.93 -19.51
C ALA F 140 -50.77 32.57 -19.41
N ASP F 141 -50.29 31.78 -20.37
CA ASP F 141 -48.89 31.36 -20.42
C ASP F 141 -48.12 31.93 -21.61
N CYS F 142 -46.80 31.90 -21.51
CA CYS F 142 -45.95 32.42 -22.58
C CYS F 142 -45.49 31.35 -23.57
N ASN F 143 -46.10 30.16 -23.50
CA ASN F 143 -45.79 29.08 -24.45
C ASN F 143 -46.73 29.01 -25.65
N ILE F 144 -47.88 29.65 -25.57
CA ILE F 144 -48.83 29.58 -26.66
C ILE F 144 -48.40 30.54 -27.77
N SER F 145 -49.12 30.49 -28.89
CA SER F 145 -48.76 31.33 -30.02
C SER F 145 -49.02 32.80 -29.71
N GLU F 146 -48.30 33.67 -30.40
CA GLU F 146 -48.47 35.10 -30.26
C GLU F 146 -49.87 35.52 -30.66
N GLU F 147 -50.41 34.85 -31.67
CA GLU F 147 -51.76 35.13 -32.14
C GLU F 147 -52.81 34.74 -31.09
N ALA F 148 -52.59 33.61 -30.40
CA ALA F 148 -53.50 33.16 -29.35
C ALA F 148 -53.49 34.11 -28.16
N LEU F 149 -52.28 34.49 -27.73
CA LEU F 149 -52.10 35.45 -26.66
C LEU F 149 -52.76 36.77 -27.05
N ALA F 150 -52.61 37.13 -28.31
CA ALA F 150 -53.23 38.33 -28.86
C ALA F 150 -54.74 38.24 -28.72
N TRP F 151 -55.29 37.07 -29.02
CA TRP F 151 -56.72 36.84 -28.87
C TRP F 151 -57.15 37.07 -27.43
N ILE F 152 -56.47 36.40 -26.49
CA ILE F 152 -56.81 36.53 -25.08
C ILE F 152 -56.74 37.98 -24.59
N LEU F 153 -55.66 38.67 -24.92
CA LEU F 153 -55.45 40.04 -24.47
C LEU F 153 -56.42 41.03 -25.11
N ASP F 154 -56.81 40.76 -26.35
CA ASP F 154 -57.71 41.65 -27.08
C ASP F 154 -59.18 41.31 -26.78
N ASN F 155 -59.42 40.06 -26.42
CA ASN F 155 -60.78 39.61 -26.13
C ASN F 155 -60.95 39.26 -24.65
N ALA F 156 -60.30 40.02 -23.79
CA ALA F 156 -60.36 39.77 -22.35
C ALA F 156 -61.65 40.30 -21.75
N ALA F 157 -62.25 41.27 -22.43
CA ALA F 157 -63.51 41.88 -21.99
C ALA F 157 -63.42 42.42 -20.58
N ASN F 158 -62.39 43.24 -20.33
CA ASN F 158 -62.16 43.88 -19.04
C ASN F 158 -62.03 42.88 -17.89
N VAL F 159 -61.57 41.68 -18.21
CA VAL F 159 -61.27 40.67 -17.19
C VAL F 159 -59.75 40.51 -17.10
N PRO F 160 -59.20 40.66 -15.88
CA PRO F 160 -57.75 40.60 -15.64
C PRO F 160 -57.10 39.35 -16.21
N VAL F 161 -56.05 39.55 -17.00
CA VAL F 161 -55.27 38.45 -17.58
C VAL F 161 -53.94 38.35 -16.86
N PHE F 162 -53.71 37.24 -16.18
CA PHE F 162 -52.47 37.08 -15.43
C PHE F 162 -51.42 36.39 -16.28
N LYS F 170 -39.97 31.47 -21.88
CA LYS F 170 -39.96 32.92 -21.74
C LYS F 170 -40.21 33.60 -23.08
N CYS F 171 -41.39 34.18 -23.23
CA CYS F 171 -41.79 34.82 -24.48
C CYS F 171 -41.45 36.30 -24.52
N VAL F 172 -40.43 36.64 -25.32
CA VAL F 172 -39.95 38.01 -25.46
C VAL F 172 -40.87 38.80 -26.39
N LYS F 173 -41.80 38.09 -27.01
CA LYS F 173 -42.70 38.67 -28.01
C LYS F 173 -43.75 39.56 -27.33
N VAL F 174 -43.80 39.49 -26.00
CA VAL F 174 -44.72 40.29 -25.21
C VAL F 174 -44.58 41.81 -25.36
N ARG F 175 -43.62 42.24 -26.18
CA ARG F 175 -43.35 43.65 -26.43
C ARG F 175 -44.61 44.32 -26.99
N ASP F 176 -44.87 45.56 -26.56
CA ASP F 176 -46.01 46.34 -27.03
C ASP F 176 -47.35 45.69 -26.66
N ARG F 177 -47.30 44.62 -25.88
CA ARG F 177 -48.52 43.93 -25.49
C ARG F 177 -48.60 43.93 -23.96
N LEU F 178 -47.71 44.70 -23.35
CA LEU F 178 -47.66 44.86 -21.90
C LEU F 178 -48.84 45.67 -21.38
N ASN F 179 -49.42 46.47 -22.27
CA ASN F 179 -50.54 47.35 -21.90
C ASN F 179 -51.84 46.58 -21.71
N GLN F 180 -51.82 45.28 -21.97
CA GLN F 180 -53.05 44.49 -21.85
C GLN F 180 -52.95 43.43 -20.78
N ILE F 181 -51.82 43.36 -20.09
CA ILE F 181 -51.64 42.33 -19.06
C ILE F 181 -51.66 42.90 -17.64
N HIS F 182 -52.51 42.33 -16.80
CA HIS F 182 -52.55 42.68 -15.38
C HIS F 182 -51.54 41.79 -14.65
N THR F 183 -50.74 42.38 -13.76
CA THR F 183 -49.69 41.65 -13.05
C THR F 183 -48.80 40.83 -13.98
N ALA F 198 -28.29 44.65 -16.73
CA ALA F 198 -29.60 45.29 -16.59
C ALA F 198 -30.05 45.29 -15.13
N LEU F 199 -30.16 44.09 -14.55
CA LEU F 199 -30.57 43.96 -13.16
C LEU F 199 -29.36 43.69 -12.27
N SER F 200 -28.19 44.10 -12.74
CA SER F 200 -26.94 43.86 -12.03
C SER F 200 -26.92 44.61 -10.71
N GLY F 201 -27.67 45.71 -10.63
CA GLY F 201 -27.77 46.45 -9.38
C GLY F 201 -29.19 46.37 -8.86
N ARG F 202 -29.43 46.96 -7.69
CA ARG F 202 -30.77 47.00 -7.11
C ARG F 202 -31.37 48.38 -7.25
N ASP F 203 -30.53 49.32 -7.69
CA ASP F 203 -30.95 50.69 -7.90
C ASP F 203 -31.46 50.79 -9.32
N ASP F 204 -30.89 49.96 -10.19
CA ASP F 204 -31.23 49.97 -11.60
C ASP F 204 -32.39 49.04 -11.89
N VAL F 205 -33.09 48.60 -10.85
CA VAL F 205 -34.26 47.74 -11.04
C VAL F 205 -35.44 48.69 -11.17
N ALA F 206 -35.19 49.91 -10.69
CA ALA F 206 -36.14 51.00 -10.78
C ALA F 206 -36.30 51.36 -12.24
N LYS F 207 -35.19 51.35 -12.98
CA LYS F 207 -35.27 51.69 -14.39
C LYS F 207 -35.96 50.65 -15.24
N VAL F 208 -35.76 49.38 -14.91
CA VAL F 208 -36.42 48.28 -15.62
C VAL F 208 -37.91 48.20 -15.29
N ALA F 209 -38.24 48.31 -14.01
CA ALA F 209 -39.64 48.31 -13.58
C ALA F 209 -40.39 49.51 -14.15
N ALA F 210 -39.74 50.67 -14.10
CA ALA F 210 -40.29 51.90 -14.67
C ALA F 210 -40.48 51.72 -16.16
N TRP F 211 -39.53 51.03 -16.79
CA TRP F 211 -39.62 50.67 -18.20
C TRP F 211 -40.87 49.83 -18.48
N PHE F 212 -41.11 48.82 -17.66
CA PHE F 212 -42.28 47.97 -17.80
C PHE F 212 -43.56 48.80 -17.67
N HIS F 213 -43.57 49.72 -16.72
CA HIS F 213 -44.72 50.58 -16.50
C HIS F 213 -44.91 51.57 -17.64
N GLN F 214 -43.79 51.97 -18.23
CA GLN F 214 -43.77 52.89 -19.37
C GLN F 214 -44.34 52.24 -20.62
N HIS F 215 -44.23 50.92 -20.69
CA HIS F 215 -44.75 50.17 -21.83
C HIS F 215 -46.19 49.72 -21.57
N GLY F 216 -46.71 50.07 -20.41
CA GLY F 216 -48.12 49.87 -20.12
C GLY F 216 -48.44 48.75 -19.14
N LEU F 217 -47.41 48.14 -18.55
CA LEU F 217 -47.65 47.08 -17.59
C LEU F 217 -48.16 47.69 -16.28
N ASN F 218 -49.31 47.22 -15.82
CA ASN F 218 -49.92 47.74 -14.59
C ASN F 218 -49.21 47.30 -13.32
N ARG F 219 -49.12 46.00 -13.11
CA ARG F 219 -48.52 45.44 -11.91
C ARG F 219 -47.38 44.51 -12.25
N LEU F 220 -46.26 44.69 -11.55
CA LEU F 220 -45.09 43.85 -11.76
C LEU F 220 -44.68 43.09 -10.51
N VAL F 221 -44.60 41.77 -10.63
CA VAL F 221 -44.12 40.93 -9.54
C VAL F 221 -42.86 40.21 -9.99
N LEU F 222 -41.70 40.86 -9.89
CA LEU F 222 -40.44 40.26 -10.37
C LEU F 222 -39.79 39.36 -9.32
N SER F 223 -39.62 38.08 -9.65
CA SER F 223 -38.97 37.10 -8.77
C SER F 223 -37.47 37.02 -9.02
N MET F 224 -36.67 37.36 -8.01
CA MET F 224 -35.23 37.32 -8.13
C MET F 224 -34.56 36.37 -7.14
N GLY F 225 -35.27 35.92 -6.11
CA GLY F 225 -34.66 35.04 -5.13
C GLY F 225 -34.07 35.81 -3.97
N GLY F 226 -32.75 35.98 -4.01
CA GLY F 226 -32.00 36.76 -3.03
C GLY F 226 -32.76 37.90 -2.38
N ASP F 227 -33.20 38.86 -3.20
CA ASP F 227 -33.97 39.99 -2.69
C ASP F 227 -35.37 39.53 -2.30
N GLY F 228 -35.93 38.63 -3.11
CA GLY F 228 -37.24 38.08 -2.84
C GLY F 228 -38.19 38.27 -4.01
N VAL F 229 -39.31 38.92 -3.74
CA VAL F 229 -40.26 39.29 -4.78
C VAL F 229 -40.47 40.80 -4.77
N TYR F 230 -40.08 41.46 -5.86
CA TYR F 230 -40.25 42.90 -5.99
C TYR F 230 -41.60 43.24 -6.62
N TYR F 231 -42.41 44.03 -5.94
CA TYR F 231 -43.70 44.40 -6.52
C TYR F 231 -43.67 45.87 -6.89
N SER F 232 -44.27 46.20 -8.03
CA SER F 232 -44.30 47.59 -8.49
C SER F 232 -45.61 47.89 -9.22
N ASP F 233 -46.23 49.02 -8.88
CA ASP F 233 -47.44 49.44 -9.55
C ASP F 233 -47.26 50.80 -10.22
N ILE F 234 -47.93 50.99 -11.34
CA ILE F 234 -47.89 52.26 -12.07
C ILE F 234 -48.51 53.39 -11.22
N ARG F 235 -49.27 53.03 -10.19
CA ARG F 235 -49.87 54.04 -9.32
C ARG F 235 -48.88 54.57 -8.28
N GLY F 236 -47.74 53.90 -8.15
CA GLY F 236 -46.67 54.40 -7.30
C GLY F 236 -46.20 53.56 -6.12
N GLU F 237 -47.04 52.67 -5.61
CA GLU F 237 -46.63 51.82 -4.49
C GLU F 237 -45.67 50.74 -4.96
N ASN F 238 -44.38 50.95 -4.70
CA ASN F 238 -43.36 49.98 -5.06
C ASN F 238 -42.67 49.46 -3.80
N GLY F 239 -42.11 48.25 -3.88
CA GLY F 239 -41.39 47.72 -2.75
C GLY F 239 -40.83 46.33 -2.94
N TRP F 240 -39.96 45.91 -2.03
CA TRP F 240 -39.35 44.58 -2.07
C TRP F 240 -39.89 43.71 -0.95
N SER F 241 -40.01 42.41 -1.23
CA SER F 241 -40.44 41.44 -0.22
C SER F 241 -39.43 40.34 0.00
N ALA F 242 -39.13 40.07 1.27
CA ALA F 242 -38.16 39.05 1.65
C ALA F 242 -38.74 37.64 1.52
N PRO F 243 -37.89 36.67 1.17
CA PRO F 243 -38.33 35.28 0.98
C PRO F 243 -38.72 34.59 2.28
N ILE F 244 -39.72 33.71 2.20
CA ILE F 244 -40.19 32.92 3.32
C ILE F 244 -39.23 31.77 3.55
N LYS F 245 -38.61 31.75 4.73
CA LYS F 245 -37.52 30.81 5.01
C LYS F 245 -37.86 29.33 4.84
N THR F 246 -37.17 28.72 3.88
CA THR F 246 -37.30 27.31 3.54
C THR F 246 -35.99 26.81 2.93
N ASN F 247 -35.75 25.52 3.01
CA ASN F 247 -34.65 24.91 2.29
C ASN F 247 -35.14 24.42 0.93
N VAL F 248 -34.57 24.99 -0.13
CA VAL F 248 -34.95 24.75 -1.53
C VAL F 248 -35.52 23.36 -1.89
N ILE F 249 -34.80 22.29 -1.54
CA ILE F 249 -35.24 20.91 -1.78
C ILE F 249 -35.66 20.68 -3.23
N ALA F 254 -42.65 26.14 -8.26
CA ALA F 254 -42.64 27.24 -7.30
C ALA F 254 -43.37 28.46 -7.85
N GLY F 255 -42.94 28.94 -9.01
CA GLY F 255 -43.53 30.12 -9.61
C GLY F 255 -44.98 29.92 -10.01
N ASP F 256 -45.33 28.68 -10.33
CA ASP F 256 -46.70 28.33 -10.68
C ASP F 256 -47.60 28.49 -9.47
N ALA F 257 -47.11 28.04 -8.33
CA ALA F 257 -47.83 28.16 -7.06
C ALA F 257 -47.90 29.63 -6.66
N MET F 258 -46.86 30.38 -7.00
CA MET F 258 -46.82 31.82 -6.77
C MET F 258 -47.94 32.53 -7.52
N MET F 259 -48.05 32.23 -8.82
CA MET F 259 -49.08 32.82 -9.66
C MET F 259 -50.46 32.42 -9.17
N ALA F 260 -50.60 31.14 -8.84
CA ALA F 260 -51.84 30.62 -8.28
C ALA F 260 -52.24 31.38 -7.03
N GLY F 261 -51.25 31.66 -6.18
CA GLY F 261 -51.48 32.44 -4.97
C GLY F 261 -51.95 33.85 -5.27
N LEU F 262 -51.27 34.51 -6.20
CA LEU F 262 -51.63 35.87 -6.60
C LEU F 262 -53.07 35.95 -7.08
N ALA F 263 -53.44 35.01 -7.94
CA ALA F 263 -54.78 35.00 -8.52
C ALA F 263 -55.84 34.66 -7.48
N SER F 264 -55.55 33.63 -6.67
CA SER F 264 -56.46 33.20 -5.62
C SER F 264 -56.72 34.32 -4.60
N CYS F 265 -55.71 35.14 -4.34
CA CYS F 265 -55.89 36.25 -3.42
C CYS F 265 -56.58 37.43 -4.10
N TRP F 266 -56.42 37.52 -5.42
CA TRP F 266 -57.14 38.54 -6.18
C TRP F 266 -58.65 38.25 -6.14
N VAL F 267 -59.02 36.99 -6.35
CA VAL F 267 -60.43 36.59 -6.31
C VAL F 267 -60.97 36.64 -4.87
N ASP F 268 -60.08 36.66 -3.89
CA ASP F 268 -60.48 36.69 -2.50
C ASP F 268 -60.60 38.13 -2.00
N GLY F 269 -60.49 39.08 -2.93
CA GLY F 269 -60.61 40.49 -2.63
C GLY F 269 -59.56 40.93 -1.63
N MET F 270 -58.31 40.54 -1.89
CA MET F 270 -57.22 40.86 -0.98
C MET F 270 -56.25 41.84 -1.62
N PRO F 271 -55.72 42.78 -0.82
CA PRO F 271 -54.74 43.77 -1.28
C PRO F 271 -53.49 43.11 -1.85
N PHE F 272 -52.74 43.86 -2.66
CA PHE F 272 -51.57 43.34 -3.36
C PHE F 272 -50.55 42.74 -2.40
N ALA F 273 -50.12 43.52 -1.40
CA ALA F 273 -49.08 43.09 -0.46
C ALA F 273 -49.41 41.76 0.24
N GLU F 274 -50.62 41.66 0.78
CA GLU F 274 -51.03 40.43 1.47
C GLU F 274 -51.08 39.27 0.48
N SER F 275 -51.49 39.57 -0.76
CA SER F 275 -51.53 38.59 -1.82
C SER F 275 -50.12 38.08 -2.14
N VAL F 276 -49.14 38.98 -2.04
CA VAL F 276 -47.74 38.66 -2.25
C VAL F 276 -47.24 37.78 -1.11
N ARG F 277 -47.68 38.08 0.10
CA ARG F 277 -47.31 37.28 1.27
C ARG F 277 -47.80 35.86 1.11
N PHE F 278 -49.07 35.73 0.73
CA PHE F 278 -49.70 34.44 0.52
C PHE F 278 -49.04 33.67 -0.63
N ALA F 279 -48.78 34.36 -1.73
CA ALA F 279 -48.16 33.74 -2.89
C ALA F 279 -46.73 33.28 -2.60
N GLN F 280 -46.01 34.06 -1.82
CA GLN F 280 -44.67 33.68 -1.40
C GLN F 280 -44.71 32.47 -0.48
N GLY F 281 -45.76 32.39 0.33
CA GLY F 281 -45.94 31.25 1.21
C GLY F 281 -46.23 30.01 0.38
N CYS F 282 -47.03 30.18 -0.66
CA CYS F 282 -47.32 29.10 -1.59
C CYS F 282 -46.04 28.64 -2.30
N SER F 283 -45.22 29.59 -2.71
CA SER F 283 -43.94 29.28 -3.34
C SER F 283 -43.03 28.49 -2.41
N SER F 284 -43.02 28.89 -1.14
CA SER F 284 -42.20 28.24 -0.12
C SER F 284 -42.67 26.82 0.16
N MET F 285 -43.98 26.67 0.19
CA MET F 285 -44.61 25.38 0.40
C MET F 285 -44.33 24.45 -0.77
N ALA F 286 -44.27 25.04 -1.96
CA ALA F 286 -43.93 24.29 -3.16
C ALA F 286 -42.49 23.81 -3.06
N LEU F 287 -41.62 24.66 -2.53
CA LEU F 287 -40.20 24.32 -2.41
C LEU F 287 -39.92 23.22 -1.39
N SER F 288 -40.67 23.19 -0.28
CA SER F 288 -40.41 22.23 0.79
C SER F 288 -40.85 20.81 0.45
N CYS F 289 -41.51 20.63 -0.69
CA CYS F 289 -42.00 19.32 -1.12
C CYS F 289 -41.24 18.82 -2.33
N GLU F 290 -41.01 17.51 -2.41
CA GLU F 290 -40.31 16.94 -3.56
C GLU F 290 -41.13 16.90 -4.83
N TYR F 291 -42.40 16.53 -4.69
CA TYR F 291 -43.31 16.45 -5.83
C TYR F 291 -43.71 17.82 -6.35
N THR F 292 -44.14 17.84 -7.61
CA THR F 292 -44.47 19.07 -8.30
C THR F 292 -45.50 19.94 -7.58
N ASN F 293 -46.56 19.34 -7.06
CA ASN F 293 -47.54 20.09 -6.30
C ASN F 293 -47.75 19.51 -4.91
N ASN F 294 -47.51 20.32 -3.89
CA ASN F 294 -47.74 19.92 -2.51
C ASN F 294 -49.22 19.70 -2.29
N PRO F 295 -49.59 18.46 -1.93
CA PRO F 295 -50.99 18.08 -1.72
C PRO F 295 -51.52 18.70 -0.43
N ASP F 296 -50.63 19.15 0.45
CA ASP F 296 -51.08 19.73 1.70
C ASP F 296 -51.13 21.25 1.59
N LEU F 297 -50.89 21.78 0.39
CA LEU F 297 -50.96 23.22 0.16
C LEU F 297 -52.39 23.72 0.30
N SER F 298 -52.63 24.54 1.32
CA SER F 298 -53.96 25.10 1.55
C SER F 298 -53.83 26.53 2.07
N ILE F 299 -54.92 27.27 2.02
CA ILE F 299 -54.96 28.63 2.55
C ILE F 299 -54.66 28.62 4.05
N ALA F 300 -55.23 27.64 4.74
CA ALA F 300 -55.05 27.50 6.18
C ALA F 300 -53.57 27.33 6.54
N ASN F 301 -52.87 26.50 5.78
CA ASN F 301 -51.46 26.25 6.02
C ASN F 301 -50.58 27.45 5.68
N VAL F 302 -50.87 28.09 4.55
CA VAL F 302 -50.09 29.25 4.11
C VAL F 302 -50.23 30.46 5.03
N ILE F 303 -51.46 30.75 5.47
CA ILE F 303 -51.66 31.85 6.42
C ILE F 303 -50.88 31.56 7.70
N SER F 304 -50.86 30.29 8.10
CA SER F 304 -50.09 29.82 9.24
C SER F 304 -48.60 30.10 9.04
N LEU F 305 -48.11 29.88 7.82
CA LEU F 305 -46.71 30.12 7.53
C LEU F 305 -46.34 31.59 7.66
N VAL F 306 -47.25 32.46 7.22
CA VAL F 306 -47.02 33.90 7.32
C VAL F 306 -47.22 34.39 8.76
N LYS G 4 30.72 -20.27 -21.48
CA LYS G 4 31.21 -21.25 -20.53
C LYS G 4 31.93 -20.58 -19.36
N ASP G 5 32.93 -19.77 -19.69
CA ASP G 5 33.74 -19.11 -18.66
C ASP G 5 33.27 -17.68 -18.41
N TYR G 6 32.78 -17.43 -17.20
CA TYR G 6 32.34 -16.09 -16.82
C TYR G 6 33.16 -15.55 -15.66
N VAL G 7 33.57 -14.29 -15.76
CA VAL G 7 34.37 -13.66 -14.71
C VAL G 7 33.51 -12.72 -13.86
N VAL G 8 33.65 -12.83 -12.55
CA VAL G 8 32.87 -12.01 -11.63
C VAL G 8 33.75 -11.29 -10.61
N ILE G 9 33.59 -9.97 -10.52
CA ILE G 9 34.35 -9.19 -9.55
C ILE G 9 33.43 -8.63 -8.47
N ILE G 10 33.50 -9.22 -7.28
CA ILE G 10 32.74 -8.70 -6.15
C ILE G 10 33.57 -7.64 -5.43
N GLY G 11 33.68 -6.47 -6.06
CA GLY G 11 34.46 -5.38 -5.51
C GLY G 11 33.63 -4.14 -5.25
N SER G 12 34.31 -3.02 -5.06
CA SER G 12 33.63 -1.76 -4.77
C SER G 12 33.72 -0.79 -5.93
N ALA G 13 32.85 0.22 -5.92
CA ALA G 13 32.83 1.25 -6.96
C ALA G 13 32.71 2.62 -6.32
N ASN G 14 33.80 3.40 -6.37
CA ASN G 14 33.83 4.69 -5.70
C ASN G 14 33.82 5.85 -6.68
N ILE G 15 33.65 7.06 -6.15
CA ILE G 15 33.86 8.27 -6.91
C ILE G 15 35.17 8.91 -6.44
N ASP G 16 36.20 8.81 -7.28
CA ASP G 16 37.52 9.33 -6.96
C ASP G 16 37.64 10.82 -7.21
N VAL G 17 38.02 11.55 -6.17
CA VAL G 17 38.37 12.96 -6.31
C VAL G 17 39.88 13.10 -6.09
N ALA G 18 40.61 13.36 -7.16
CA ALA G 18 42.06 13.48 -7.10
C ALA G 18 42.47 14.96 -7.09
N GLY G 19 43.55 15.26 -6.38
CA GLY G 19 44.04 16.63 -6.29
C GLY G 19 45.55 16.73 -6.40
N TYR G 20 46.01 17.77 -7.10
CA TYR G 20 47.43 18.04 -7.22
C TYR G 20 47.71 19.48 -6.82
N SER G 21 48.37 19.64 -5.67
CA SER G 21 48.64 20.96 -5.10
C SER G 21 49.99 21.50 -5.54
N HIS G 22 50.94 20.60 -5.72
CA HIS G 22 52.30 20.96 -6.16
C HIS G 22 52.95 21.97 -5.23
N ASN G 26 51.08 30.22 2.27
CA ASN G 26 51.07 29.18 3.30
C ASN G 26 50.33 27.92 2.83
N TYR G 27 50.34 26.90 3.68
CA TYR G 27 49.44 25.77 3.50
C TYR G 27 48.03 26.30 3.68
N ALA G 28 47.90 27.29 4.55
CA ALA G 28 46.64 27.97 4.82
C ALA G 28 46.09 28.62 3.57
N ASP G 29 46.93 29.41 2.90
CA ASP G 29 46.55 30.05 1.65
C ASP G 29 46.23 28.97 0.62
N SER G 30 45.13 29.16 -0.11
CA SER G 30 44.64 28.16 -1.05
C SER G 30 45.68 27.80 -2.11
N ASN G 31 46.39 26.70 -1.87
CA ASN G 31 47.40 26.22 -2.80
C ASN G 31 46.76 25.85 -4.14
N PRO G 32 47.18 26.53 -5.21
CA PRO G 32 46.63 26.29 -6.55
C PRO G 32 46.98 24.91 -7.08
N GLY G 33 46.13 24.35 -7.91
CA GLY G 33 46.40 23.05 -8.50
C GLY G 33 45.24 22.49 -9.31
N LYS G 34 45.21 21.17 -9.46
CA LYS G 34 44.18 20.55 -10.31
C LYS G 34 43.34 19.52 -9.55
N ILE G 35 42.04 19.49 -9.85
CA ILE G 35 41.11 18.57 -9.19
C ILE G 35 40.29 17.77 -10.20
N LYS G 36 40.46 16.45 -10.19
CA LYS G 36 39.79 15.59 -11.16
C LYS G 36 38.75 14.67 -10.52
N PHE G 37 37.56 14.63 -11.10
CA PHE G 37 36.51 13.73 -10.66
C PHE G 37 36.40 12.56 -11.62
N THR G 38 36.83 11.37 -11.17
CA THR G 38 36.93 10.21 -12.04
C THR G 38 36.33 8.97 -11.37
N PRO G 39 35.77 8.04 -12.17
CA PRO G 39 35.25 6.79 -11.61
C PRO G 39 36.34 5.94 -10.94
N GLY G 40 36.06 5.41 -9.76
CA GLY G 40 37.04 4.63 -9.02
C GLY G 40 36.50 3.31 -8.51
N GLY G 41 37.02 2.89 -7.36
CA GLY G 41 36.65 1.61 -6.77
C GLY G 41 37.51 0.49 -7.28
N VAL G 42 38.06 -0.31 -6.36
CA VAL G 42 38.95 -1.41 -6.73
C VAL G 42 38.29 -2.38 -7.69
N GLY G 43 37.17 -2.96 -7.28
CA GLY G 43 36.45 -3.92 -8.08
C GLY G 43 36.01 -3.40 -9.44
N ARG G 44 35.53 -2.16 -9.45
CA ARG G 44 35.07 -1.54 -10.69
C ARG G 44 36.24 -1.32 -11.66
N ASN G 45 37.37 -0.88 -11.11
CA ASN G 45 38.58 -0.71 -11.92
C ASN G 45 39.02 -2.04 -12.50
N ILE G 46 39.03 -3.06 -11.65
CA ILE G 46 39.35 -4.42 -12.08
C ILE G 46 38.46 -4.81 -13.24
N ALA G 47 37.16 -4.54 -13.13
CA ALA G 47 36.22 -4.87 -14.19
C ALA G 47 36.51 -4.10 -15.48
N GLN G 48 36.85 -2.82 -15.34
CA GLN G 48 37.15 -1.99 -16.50
C GLN G 48 38.38 -2.51 -17.24
N ASN G 49 39.34 -3.03 -16.48
CA ASN G 49 40.52 -3.65 -17.07
C ASN G 49 40.28 -5.12 -17.37
N LEU G 50 39.06 -5.59 -17.08
CA LEU G 50 38.64 -6.93 -17.45
C LEU G 50 37.61 -6.84 -18.55
N ALA G 51 37.48 -5.66 -19.13
CA ALA G 51 36.62 -5.45 -20.29
C ALA G 51 37.43 -5.03 -21.50
N LEU G 53 41.27 -6.13 -20.41
CA LEU G 53 42.10 -7.11 -21.11
C LEU G 53 41.26 -8.05 -21.97
N GLY G 54 40.02 -7.67 -22.25
CA GLY G 54 39.17 -8.42 -23.15
C GLY G 54 38.34 -9.52 -22.51
N ASN G 55 38.44 -9.65 -21.19
CA ASN G 55 37.67 -10.66 -20.47
C ASN G 55 36.17 -10.35 -20.51
N LYS G 56 35.37 -11.35 -20.14
CA LYS G 56 33.92 -11.17 -20.06
C LYS G 56 33.53 -11.07 -18.58
N ALA G 57 33.40 -9.84 -18.09
CA ALA G 57 33.30 -9.60 -16.66
C ALA G 57 31.90 -9.18 -16.20
N TRP G 58 31.63 -9.39 -14.92
CA TRP G 58 30.38 -8.94 -14.29
C TRP G 58 30.70 -8.28 -12.95
N LEU G 59 30.07 -7.13 -12.70
CA LEU G 59 30.35 -6.38 -11.49
C LEU G 59 29.27 -6.60 -10.43
N LEU G 60 29.70 -7.02 -9.24
CA LEU G 60 28.79 -7.18 -8.11
C LEU G 60 29.11 -6.15 -7.04
N SER G 61 28.82 -4.89 -7.33
CA SER G 61 29.08 -3.80 -6.40
C SER G 61 27.79 -3.08 -6.01
N ALA G 62 27.85 -2.32 -4.93
CA ALA G 62 26.68 -1.58 -4.46
C ALA G 62 26.89 -0.08 -4.58
N VAL G 63 25.93 0.60 -5.22
CA VAL G 63 25.98 2.05 -5.37
C VAL G 63 24.71 2.69 -4.81
N GLY G 64 24.80 3.98 -4.51
CA GLY G 64 23.67 4.71 -3.96
C GLY G 64 22.68 5.09 -5.05
N SER G 65 21.49 5.52 -4.63
CA SER G 65 20.47 5.96 -5.58
C SER G 65 20.61 7.44 -5.85
N ASP G 66 21.84 7.86 -6.12
CA ASP G 66 22.11 9.26 -6.41
C ASP G 66 22.74 9.40 -7.79
N PHE G 67 22.99 10.63 -8.19
CA PHE G 67 23.53 10.94 -9.51
C PHE G 67 24.92 10.36 -9.68
N TYR G 68 25.65 10.26 -8.57
CA TYR G 68 26.99 9.69 -8.58
C TYR G 68 26.97 8.21 -8.96
N GLY G 69 26.09 7.45 -8.29
CA GLY G 69 25.98 6.02 -8.56
C GLY G 69 25.49 5.74 -9.96
N GLN G 70 24.52 6.52 -10.43
CA GLN G 70 23.95 6.32 -11.75
C GLN G 70 24.96 6.65 -12.84
N SER G 71 25.68 7.76 -12.67
CA SER G 71 26.73 8.14 -13.61
C SER G 71 27.83 7.09 -13.61
N LEU G 72 28.16 6.58 -12.43
CA LEU G 72 29.14 5.51 -12.27
C LEU G 72 28.77 4.28 -13.09
N LEU G 73 27.55 3.80 -12.90
CA LEU G 73 27.09 2.61 -13.60
C LEU G 73 26.93 2.85 -15.09
N THR G 74 26.65 4.09 -15.47
CA THR G 74 26.54 4.47 -16.87
C THR G 74 27.90 4.38 -17.56
N GLN G 75 28.89 5.05 -16.98
CA GLN G 75 30.24 5.02 -17.49
C GLN G 75 30.79 3.61 -17.52
N THR G 76 30.58 2.87 -16.44
CA THR G 76 31.07 1.50 -16.33
C THR G 76 30.37 0.60 -17.36
N ASN G 77 29.11 0.89 -17.65
CA ASN G 77 28.38 0.15 -18.67
C ASN G 77 28.94 0.41 -20.07
N GLN G 78 29.20 1.68 -20.38
CA GLN G 78 29.76 2.02 -21.68
C GLN G 78 31.20 1.55 -21.81
N SER G 79 31.81 1.16 -20.71
CA SER G 79 33.17 0.62 -20.73
C SER G 79 33.17 -0.85 -21.09
N GLY G 80 31.99 -1.42 -21.28
CA GLY G 80 31.85 -2.81 -21.69
C GLY G 80 31.25 -3.70 -20.63
N VAL G 81 31.53 -3.39 -19.36
CA VAL G 81 31.07 -4.20 -18.24
C VAL G 81 29.55 -4.17 -18.12
N TYR G 82 28.96 -5.28 -17.67
CA TYR G 82 27.52 -5.37 -17.49
C TYR G 82 27.12 -4.93 -16.09
N VAL G 83 26.29 -3.90 -16.00
CA VAL G 83 25.93 -3.30 -14.72
C VAL G 83 24.50 -3.62 -14.30
N ASP G 84 23.99 -4.76 -14.77
CA ASP G 84 22.61 -5.14 -14.49
C ASP G 84 22.49 -5.86 -13.13
N LYS G 85 23.56 -6.52 -12.72
CA LYS G 85 23.55 -7.29 -11.47
C LYS G 85 23.98 -6.45 -10.27
N CYS G 86 24.38 -5.21 -10.55
CA CYS G 86 24.83 -4.30 -9.49
C CYS G 86 23.65 -3.89 -8.60
N LEU G 87 23.94 -3.65 -7.32
CA LEU G 87 22.90 -3.32 -6.36
C LEU G 87 22.78 -1.81 -6.16
N ILE G 88 21.67 -1.24 -6.61
CA ILE G 88 21.40 0.18 -6.41
C ILE G 88 20.73 0.39 -5.06
N VAL G 89 21.52 0.85 -4.08
CA VAL G 89 21.09 0.86 -2.70
C VAL G 89 20.38 2.14 -2.28
N PRO G 90 19.13 2.01 -1.79
CA PRO G 90 18.35 3.11 -1.23
C PRO G 90 18.71 3.39 0.23
N GLY G 91 18.78 4.65 0.60
CA GLY G 91 19.04 5.03 1.98
C GLY G 91 20.52 5.15 2.31
N GLU G 92 21.37 5.05 1.29
CA GLU G 92 22.80 5.20 1.49
C GLU G 92 23.45 5.96 0.34
N ASN G 93 24.70 6.38 0.56
CA ASN G 93 25.42 7.18 -0.43
C ASN G 93 26.48 6.37 -1.16
N THR G 94 26.78 6.79 -2.39
CA THR G 94 27.81 6.13 -3.20
C THR G 94 29.17 6.24 -2.52
N SER G 95 29.95 5.18 -2.57
CA SER G 95 31.28 5.15 -1.96
C SER G 95 32.16 6.25 -2.51
N SER G 96 33.00 6.84 -1.65
CA SER G 96 33.87 7.93 -2.08
C SER G 96 35.31 7.72 -1.62
N TYR G 97 36.24 8.31 -2.38
CA TYR G 97 37.66 8.18 -2.09
C TYR G 97 38.41 9.47 -2.39
N LEU G 98 39.02 10.04 -1.36
CA LEU G 98 39.79 11.28 -1.47
C LEU G 98 41.29 10.99 -1.53
N SER G 99 41.86 11.12 -2.71
CA SER G 99 43.27 10.83 -2.93
C SER G 99 44.10 12.09 -3.19
N LEU G 100 45.08 12.34 -2.33
CA LEU G 100 46.01 13.43 -2.55
C LEU G 100 47.21 12.93 -3.34
N LEU G 101 47.20 13.16 -4.65
CA LEU G 101 48.25 12.66 -5.53
C LEU G 101 49.29 13.72 -5.83
N ASP G 102 50.13 13.45 -6.84
CA ASP G 102 51.17 14.38 -7.24
C ASP G 102 51.37 14.36 -8.75
N MET G 107 48.33 8.39 -2.62
CA MET G 107 49.77 8.61 -2.63
C MET G 107 50.22 9.30 -1.34
N LEU G 108 49.96 10.60 -1.25
CA LEU G 108 50.29 11.36 -0.06
C LEU G 108 49.36 10.98 1.09
N VAL G 109 48.10 11.39 0.97
CA VAL G 109 47.08 11.04 1.95
C VAL G 109 45.86 10.44 1.23
N ALA G 110 45.19 9.50 1.88
CA ALA G 110 44.05 8.82 1.28
C ALA G 110 42.92 8.60 2.28
N ILE G 111 41.75 9.14 1.99
CA ILE G 111 40.59 8.98 2.86
C ILE G 111 39.47 8.23 2.13
N ASN G 112 38.71 7.42 2.84
CA ASN G 112 37.63 6.68 2.20
C ASN G 112 36.30 6.74 2.95
N ASP G 113 35.25 7.16 2.26
CA ASP G 113 33.90 7.12 2.78
C ASP G 113 33.14 5.98 2.13
N MET G 114 33.32 4.78 2.68
CA MET G 114 32.72 3.56 2.13
C MET G 114 31.93 2.82 3.21
N ASN G 115 30.62 3.03 3.22
CA ASN G 115 29.76 2.36 4.19
C ASN G 115 28.65 1.59 3.48
N ILE G 116 28.54 1.80 2.18
CA ILE G 116 27.54 1.11 1.37
C ILE G 116 28.02 -0.31 1.06
N SER G 117 29.24 -0.62 1.50
CA SER G 117 29.80 -1.95 1.35
C SER G 117 29.07 -2.96 2.24
N ASN G 118 28.28 -2.46 3.18
CA ASN G 118 27.46 -3.31 4.03
C ASN G 118 26.29 -3.92 3.26
N ALA G 119 25.91 -3.25 2.16
CA ALA G 119 24.84 -3.75 1.31
C ALA G 119 25.32 -4.96 0.51
N ILE G 120 26.62 -5.04 0.31
CA ILE G 120 27.22 -6.20 -0.35
C ILE G 120 27.36 -7.33 0.68
N THR G 121 26.23 -7.92 1.04
CA THR G 121 26.20 -8.95 2.07
C THR G 121 25.95 -10.33 1.48
N ALA G 122 26.08 -11.36 2.32
CA ALA G 122 25.96 -12.75 1.89
C ALA G 122 24.61 -13.04 1.22
N GLU G 123 23.56 -12.36 1.68
CA GLU G 123 22.23 -12.52 1.09
C GLU G 123 22.24 -12.08 -0.36
N TYR G 124 22.85 -10.93 -0.64
CA TYR G 124 22.98 -10.43 -2.00
C TYR G 124 23.90 -11.31 -2.83
N LEU G 125 24.93 -11.85 -2.19
CA LEU G 125 25.89 -12.71 -2.87
C LEU G 125 25.28 -14.06 -3.27
N ALA G 126 24.27 -14.49 -2.52
CA ALA G 126 23.63 -15.77 -2.75
C ALA G 126 22.94 -15.83 -4.11
N GLN G 127 21.98 -14.94 -4.32
CA GLN G 127 21.20 -14.91 -5.54
C GLN G 127 22.06 -14.64 -6.78
N HIS G 128 22.07 -15.60 -7.70
CA HIS G 128 22.87 -15.48 -8.92
C HIS G 128 22.11 -16.03 -10.13
N LYS G 136 34.35 -18.69 -13.65
CA LYS G 136 35.76 -18.98 -13.83
C LYS G 136 36.58 -18.51 -12.63
N VAL G 137 36.65 -17.19 -12.46
CA VAL G 137 37.41 -16.59 -11.36
C VAL G 137 36.56 -15.61 -10.56
N ILE G 138 36.60 -15.74 -9.24
CA ILE G 138 35.93 -14.79 -8.36
C ILE G 138 36.92 -13.78 -7.80
N VAL G 139 36.70 -12.51 -8.12
CA VAL G 139 37.57 -11.44 -7.66
C VAL G 139 36.88 -10.59 -6.59
N ALA G 140 37.55 -10.38 -5.47
CA ALA G 140 36.97 -9.62 -4.37
C ALA G 140 38.02 -8.74 -3.69
N ASP G 141 37.57 -7.78 -2.88
CA ASP G 141 38.47 -6.94 -2.11
C ASP G 141 38.22 -7.10 -0.62
N CYS G 142 39.05 -6.46 0.20
CA CYS G 142 38.94 -6.58 1.65
C CYS G 142 37.98 -5.57 2.26
N ASN G 143 37.38 -4.73 1.42
CA ASN G 143 36.37 -3.79 1.90
C ASN G 143 35.09 -4.52 2.29
N ILE G 144 34.88 -5.68 1.66
CA ILE G 144 33.72 -6.52 1.93
C ILE G 144 33.66 -6.89 3.41
N SER G 145 32.45 -6.94 3.96
CA SER G 145 32.25 -7.32 5.35
C SER G 145 32.81 -8.71 5.63
N GLU G 146 33.05 -9.00 6.90
CA GLU G 146 33.69 -10.25 7.31
C GLU G 146 32.96 -11.49 6.79
N GLU G 147 31.72 -11.67 7.22
CA GLU G 147 30.97 -12.88 6.92
C GLU G 147 30.62 -13.01 5.43
N ALA G 148 30.61 -11.91 4.70
CA ALA G 148 30.33 -11.97 3.26
C ALA G 148 31.53 -12.52 2.50
N LEU G 149 32.69 -11.90 2.75
CA LEU G 149 33.97 -12.40 2.25
C LEU G 149 34.09 -13.88 2.58
N ALA G 150 33.90 -14.22 3.85
CA ALA G 150 33.96 -15.60 4.30
C ALA G 150 32.92 -16.47 3.60
N TRP G 151 31.79 -15.86 3.21
CA TRP G 151 30.70 -16.59 2.59
C TRP G 151 31.09 -17.02 1.18
N ILE G 152 31.75 -16.12 0.46
CA ILE G 152 32.24 -16.53 -0.85
C ILE G 152 33.51 -17.36 -0.70
N LEU G 153 34.08 -17.37 0.50
CA LEU G 153 35.21 -18.22 0.81
C LEU G 153 34.73 -19.64 1.15
N ASP G 154 33.44 -19.77 1.45
CA ASP G 154 32.86 -21.09 1.71
C ASP G 154 32.21 -21.63 0.44
N ASN G 155 31.71 -20.72 -0.40
CA ASN G 155 31.04 -21.10 -1.63
C ASN G 155 31.96 -20.98 -2.85
N ALA G 156 33.24 -21.22 -2.65
CA ALA G 156 34.22 -21.17 -3.74
C ALA G 156 34.02 -22.34 -4.69
N ALA G 157 33.63 -23.49 -4.13
CA ALA G 157 33.35 -24.71 -4.88
C ALA G 157 34.52 -25.09 -5.80
N ASN G 158 35.73 -24.91 -5.30
CA ASN G 158 36.96 -25.21 -6.04
C ASN G 158 37.08 -24.43 -7.35
N VAL G 159 36.30 -23.35 -7.45
CA VAL G 159 36.38 -22.46 -8.60
C VAL G 159 37.08 -21.17 -8.20
N PRO G 160 38.27 -20.92 -8.78
CA PRO G 160 39.12 -19.78 -8.39
C PRO G 160 38.46 -18.44 -8.61
N VAL G 163 42.37 -11.66 -1.02
CA VAL G 163 42.47 -11.46 -2.46
C VAL G 163 42.47 -9.97 -2.80
N ASP G 164 43.52 -9.52 -3.50
CA ASP G 164 43.67 -8.12 -3.88
C ASP G 164 43.39 -7.14 -2.74
N PRO G 165 44.22 -7.17 -1.68
CA PRO G 165 43.98 -6.34 -0.50
C PRO G 165 44.12 -4.85 -0.80
N VAL G 166 43.45 -4.02 0.00
CA VAL G 166 43.51 -2.58 -0.17
C VAL G 166 44.44 -1.94 0.85
N SER G 167 44.02 -1.93 2.11
CA SER G 167 44.83 -1.38 3.19
C SER G 167 44.75 -2.25 4.44
N ALA G 168 45.46 -1.84 5.49
CA ALA G 168 45.49 -2.59 6.73
C ALA G 168 44.13 -2.64 7.41
N TRP G 169 43.45 -1.50 7.45
CA TRP G 169 42.14 -1.39 8.08
C TRP G 169 41.12 -2.24 7.33
N LYS G 170 41.21 -2.25 6.01
CA LYS G 170 40.30 -3.05 5.19
C LYS G 170 40.68 -4.52 5.21
N LYS G 185 49.96 -9.91 -4.47
CA LYS G 185 48.87 -8.95 -4.42
C LYS G 185 49.05 -7.88 -3.33
N PRO G 186 49.37 -8.28 -2.08
CA PRO G 186 49.44 -7.22 -1.07
C PRO G 186 50.81 -6.53 -1.01
N ASN G 187 51.01 -5.75 0.04
CA ASN G 187 52.27 -5.07 0.28
C ASN G 187 52.78 -5.38 1.68
N ARG G 188 54.07 -5.18 1.91
CA ARG G 188 54.69 -5.49 3.20
C ARG G 188 54.09 -4.64 4.32
N LEU G 189 53.70 -3.41 3.99
CA LEU G 189 53.09 -2.49 4.93
C LEU G 189 51.88 -3.10 5.64
N GLU G 190 50.99 -3.68 4.86
CA GLU G 190 49.76 -4.25 5.40
C GLU G 190 49.95 -5.73 5.78
N ALA G 191 50.95 -6.36 5.18
CA ALA G 191 51.21 -7.78 5.44
C ALA G 191 51.84 -8.01 6.79
N GLU G 192 52.79 -7.16 7.18
CA GLU G 192 53.51 -7.34 8.43
C GLU G 192 52.69 -6.90 9.64
N THR G 193 51.58 -6.21 9.40
CA THR G 193 50.64 -5.88 10.46
C THR G 193 49.77 -7.10 10.77
N LEU G 194 49.69 -8.01 9.81
CA LEU G 194 49.01 -9.29 10.00
C LEU G 194 50.02 -10.43 10.07
N SER G 195 51.23 -10.13 10.49
CA SER G 195 52.29 -11.13 10.60
C SER G 195 52.92 -11.11 11.98
N GLY G 255 46.82 -4.20 -6.46
CA GLY G 255 45.55 -4.90 -6.38
C GLY G 255 44.48 -4.29 -7.27
N ASP G 256 44.93 -3.51 -8.26
CA ASP G 256 44.01 -2.85 -9.18
C ASP G 256 44.46 -3.02 -10.63
N ALA G 257 45.60 -2.44 -10.96
CA ALA G 257 46.13 -2.49 -12.32
C ALA G 257 46.53 -3.91 -12.71
N MET G 259 48.30 -6.40 -11.96
CA MET G 259 48.10 -6.62 -10.53
C MET G 259 46.80 -7.37 -10.26
N ALA G 260 45.72 -6.94 -10.91
CA ALA G 260 44.42 -7.58 -10.74
C ALA G 260 43.80 -7.93 -12.08
N GLY G 261 44.09 -7.11 -13.09
CA GLY G 261 43.64 -7.39 -14.44
C GLY G 261 44.55 -8.42 -15.08
N LEU G 262 45.76 -8.53 -14.55
CA LEU G 262 46.74 -9.49 -15.04
C LEU G 262 46.34 -10.92 -14.66
N ALA G 263 45.44 -11.04 -13.69
CA ALA G 263 44.92 -12.33 -13.24
C ALA G 263 44.20 -13.07 -14.37
N SER G 264 43.89 -12.34 -15.44
CA SER G 264 43.31 -12.93 -16.64
C SER G 264 44.22 -14.01 -17.23
N CYS G 265 45.49 -14.00 -16.81
CA CYS G 265 46.45 -15.00 -17.26
C CYS G 265 46.11 -16.39 -16.73
N TRP G 266 45.26 -16.46 -15.70
CA TRP G 266 44.84 -17.75 -15.18
C TRP G 266 43.66 -18.26 -16.02
N VAL G 267 43.17 -17.40 -16.91
CA VAL G 267 42.19 -17.79 -17.91
C VAL G 267 42.91 -17.92 -19.25
N ASP G 268 44.23 -17.77 -19.22
CA ASP G 268 45.06 -17.87 -20.41
C ASP G 268 46.03 -19.04 -20.33
N GLY G 269 46.11 -19.66 -19.15
CA GLY G 269 46.95 -20.84 -18.96
C GLY G 269 48.44 -20.55 -18.90
N MET G 270 48.79 -19.33 -18.49
CA MET G 270 50.18 -18.93 -18.36
C MET G 270 50.78 -19.39 -17.03
N PRO G 271 51.85 -20.19 -17.10
CA PRO G 271 52.58 -20.59 -15.88
C PRO G 271 53.26 -19.38 -15.23
N PHE G 272 53.02 -19.18 -13.94
CA PHE G 272 53.54 -18.02 -13.22
C PHE G 272 55.07 -17.97 -13.26
N LEU G 287 51.30 2.81 -16.44
CA LEU G 287 51.07 3.35 -15.11
C LEU G 287 50.86 4.85 -15.15
N SER G 288 51.70 5.53 -15.92
CA SER G 288 51.63 7.00 -16.04
C SER G 288 50.57 7.42 -17.05
N CYS G 289 49.36 7.67 -16.56
CA CYS G 289 48.26 8.11 -17.41
C CYS G 289 47.31 9.04 -16.67
N GLU G 290 46.91 10.12 -17.32
CA GLU G 290 46.02 11.11 -16.71
C GLU G 290 44.64 10.49 -16.47
N TYR G 291 44.03 9.97 -17.53
CA TYR G 291 42.85 9.13 -17.37
C TYR G 291 43.24 7.98 -16.46
N THR G 292 42.43 7.73 -15.42
CA THR G 292 42.75 6.75 -14.39
C THR G 292 43.22 5.42 -14.97
N ASN G 293 42.50 4.92 -15.95
CA ASN G 293 42.94 3.76 -16.72
C ASN G 293 42.88 4.05 -18.20
N ASN G 294 43.75 3.39 -18.97
CA ASN G 294 43.84 3.64 -20.41
C ASN G 294 42.55 3.30 -21.15
N PRO G 295 42.06 4.24 -21.97
CA PRO G 295 40.78 4.14 -22.67
C PRO G 295 40.79 3.14 -23.83
N ASP G 296 41.97 2.69 -24.23
CA ASP G 296 42.09 1.72 -25.32
C ASP G 296 43.23 0.75 -25.06
N LEU G 297 43.40 0.36 -23.80
CA LEU G 297 44.44 -0.59 -23.41
C LEU G 297 44.14 -1.99 -23.92
N SER G 298 45.14 -2.62 -24.54
CA SER G 298 45.03 -4.00 -24.99
C SER G 298 46.25 -4.80 -24.55
N ILE G 299 46.09 -6.12 -24.47
CA ILE G 299 47.16 -7.00 -24.04
C ILE G 299 48.33 -6.99 -25.02
N ALA G 300 48.04 -6.64 -26.27
CA ALA G 300 49.06 -6.57 -27.31
C ALA G 300 50.10 -5.49 -27.01
N ASN G 301 49.70 -4.48 -26.25
CA ASN G 301 50.61 -3.42 -25.84
C ASN G 301 51.47 -3.85 -24.66
N VAL G 302 50.88 -4.62 -23.76
CA VAL G 302 51.60 -5.17 -22.62
C VAL G 302 52.62 -6.20 -23.11
N ILE G 303 52.32 -6.81 -24.26
CA ILE G 303 53.29 -7.68 -24.94
C ILE G 303 54.29 -6.82 -25.69
N SER G 304 53.83 -5.68 -26.19
CA SER G 304 54.71 -4.73 -26.89
C SER G 304 55.79 -4.20 -25.97
N LEU G 305 55.50 -4.21 -24.67
CA LEU G 305 56.53 -3.90 -23.66
C LEU G 305 57.72 -4.83 -23.83
N VAL G 306 57.43 -6.12 -23.98
CA VAL G 306 58.47 -7.11 -24.18
C VAL G 306 59.08 -7.00 -25.58
N GLU G 307 58.23 -6.67 -26.55
CA GLU G 307 58.68 -6.49 -27.94
C GLU G 307 59.73 -5.39 -28.04
N ASN G 308 59.62 -4.38 -27.18
CA ASN G 308 60.65 -3.37 -27.05
C ASN G 308 61.75 -3.83 -26.09
N ALA G 309 61.43 -3.83 -24.80
CA ALA G 309 62.36 -4.29 -23.78
C ALA G 309 61.63 -4.68 -22.50
N ASP H 5 30.53 24.62 -44.20
CA ASP H 5 29.24 24.05 -44.55
C ASP H 5 28.51 23.54 -43.32
N TYR H 6 28.05 24.48 -42.48
CA TYR H 6 27.34 24.15 -41.26
C TYR H 6 25.93 24.72 -41.27
N VAL H 7 24.94 23.86 -41.06
CA VAL H 7 23.55 24.28 -40.98
C VAL H 7 23.25 24.85 -39.60
N VAL H 8 22.25 25.72 -39.52
CA VAL H 8 21.90 26.35 -38.25
C VAL H 8 20.39 26.41 -38.04
N ILE H 9 19.92 25.87 -36.92
CA ILE H 9 18.50 25.86 -36.60
C ILE H 9 18.22 26.65 -35.33
N ILE H 10 17.29 27.59 -35.41
CA ILE H 10 16.89 28.38 -34.25
C ILE H 10 15.41 28.22 -33.96
N GLY H 11 15.09 27.63 -32.80
CA GLY H 11 13.72 27.40 -32.41
C GLY H 11 13.56 27.04 -30.95
N SER H 12 12.47 26.33 -30.63
CA SER H 12 12.17 25.97 -29.25
C SER H 12 12.41 24.49 -29.00
N ALA H 13 12.78 24.16 -27.77
CA ALA H 13 13.02 22.77 -27.37
C ALA H 13 12.21 22.41 -26.14
N ASN H 14 11.31 21.45 -26.30
CA ASN H 14 10.38 21.07 -25.23
C ASN H 14 10.63 19.69 -24.66
N ILE H 15 9.96 19.39 -23.56
CA ILE H 15 9.82 18.02 -23.08
C ILE H 15 8.36 17.61 -23.28
N ASP H 16 8.13 16.68 -24.18
CA ASP H 16 6.79 16.24 -24.51
C ASP H 16 6.30 15.11 -23.61
N VAL H 17 5.19 15.36 -22.92
CA VAL H 17 4.56 14.33 -22.10
C VAL H 17 3.38 13.73 -22.86
N ALA H 18 3.63 12.64 -23.58
CA ALA H 18 2.58 12.04 -24.41
C ALA H 18 1.80 10.98 -23.66
N GLY H 19 0.53 11.25 -23.40
CA GLY H 19 -0.33 10.32 -22.71
C GLY H 19 -1.26 9.57 -23.65
N TYR H 20 -0.75 8.49 -24.25
CA TYR H 20 -1.55 7.68 -25.16
C TYR H 20 -2.59 6.88 -24.39
N SER H 21 -3.86 7.20 -24.60
CA SER H 21 -4.93 6.38 -24.06
C SER H 21 -5.35 5.36 -25.10
N HIS H 22 -4.68 5.41 -26.26
CA HIS H 22 -4.91 4.50 -27.37
C HIS H 22 -6.37 4.47 -27.81
N GLU H 23 -7.02 5.63 -27.73
CA GLU H 23 -8.46 5.78 -28.00
C GLU H 23 -9.33 4.99 -27.02
N SER H 24 -8.69 4.30 -26.08
CA SER H 24 -9.41 3.59 -25.03
C SER H 24 -9.79 4.59 -23.94
N LEU H 25 -10.79 5.41 -24.23
CA LEU H 25 -11.11 6.55 -23.37
C LEU H 25 -12.42 6.39 -22.61
N ASN H 26 -12.32 6.56 -21.29
CA ASN H 26 -13.49 6.67 -20.42
C ASN H 26 -13.30 7.87 -19.50
N TYR H 27 -14.37 8.34 -18.86
CA TYR H 27 -14.32 9.59 -18.12
C TYR H 27 -14.22 9.40 -16.60
N ALA H 28 -13.31 10.17 -15.99
CA ALA H 28 -13.19 10.29 -14.54
C ALA H 28 -12.90 8.97 -13.81
N ASP H 29 -12.36 7.99 -14.53
CA ASP H 29 -12.08 6.69 -13.95
C ASP H 29 -10.60 6.48 -13.65
N SER H 30 -9.80 7.52 -13.89
CA SER H 30 -8.34 7.40 -13.87
C SER H 30 -7.93 6.25 -14.79
N ASN H 31 -8.19 6.42 -16.08
CA ASN H 31 -7.97 5.38 -17.07
C ASN H 31 -6.53 4.91 -17.19
N PRO H 32 -6.34 3.61 -17.44
CA PRO H 32 -5.01 3.08 -17.74
C PRO H 32 -4.55 3.49 -19.14
N GLY H 33 -3.26 3.73 -19.30
CA GLY H 33 -2.72 4.12 -20.59
C GLY H 33 -1.20 4.14 -20.58
N LYS H 34 -0.60 4.59 -21.67
CA LYS H 34 0.85 4.69 -21.77
C LYS H 34 1.31 6.14 -21.73
N ILE H 35 1.94 6.52 -20.63
CA ILE H 35 2.53 7.84 -20.50
C ILE H 35 4.01 7.76 -20.86
N LYS H 36 4.41 8.53 -21.86
CA LYS H 36 5.78 8.49 -22.35
C LYS H 36 6.40 9.89 -22.38
N PHE H 37 7.56 10.03 -21.74
CA PHE H 37 8.35 11.25 -21.81
C PHE H 37 9.24 11.21 -23.04
N THR H 38 9.13 12.21 -23.90
CA THR H 38 9.89 12.24 -25.13
C THR H 38 10.53 13.61 -25.39
N PRO H 39 11.70 13.62 -26.06
CA PRO H 39 12.30 14.88 -26.50
C PRO H 39 11.44 15.56 -27.56
N GLY H 40 11.03 16.80 -27.32
CA GLY H 40 10.15 17.50 -28.23
C GLY H 40 10.68 18.86 -28.66
N GLY H 41 9.75 19.74 -29.03
CA GLY H 41 10.10 21.06 -29.52
C GLY H 41 10.30 21.06 -31.03
N VAL H 42 9.48 21.85 -31.73
CA VAL H 42 9.50 21.89 -33.19
C VAL H 42 10.88 22.22 -33.73
N GLY H 43 11.53 23.21 -33.13
CA GLY H 43 12.87 23.61 -33.53
C GLY H 43 13.88 22.50 -33.33
N ARG H 44 13.74 21.77 -32.23
CA ARG H 44 14.65 20.68 -31.92
C ARG H 44 14.37 19.46 -32.79
N ASN H 45 13.13 19.34 -33.26
CA ASN H 45 12.74 18.23 -34.10
C ASN H 45 13.14 18.44 -35.56
N ILE H 46 13.07 19.69 -36.03
CA ILE H 46 13.51 20.02 -37.37
C ILE H 46 15.03 20.19 -37.39
N ALA H 47 15.63 20.15 -36.21
CA ALA H 47 17.08 20.05 -36.09
C ALA H 47 17.46 18.58 -35.99
N GLN H 48 16.44 17.73 -35.92
CA GLN H 48 16.63 16.28 -35.90
C GLN H 48 15.77 15.61 -36.96
N LEU H 50 16.70 18.49 -39.53
CA LEU H 50 17.19 18.01 -40.81
C LEU H 50 18.58 17.41 -40.70
N ALA H 51 19.14 17.42 -39.49
CA ALA H 51 20.46 16.86 -39.25
C ALA H 51 20.45 15.34 -39.41
N LEU H 52 19.25 14.77 -39.48
CA LEU H 52 19.11 13.34 -39.76
C LEU H 52 19.49 13.03 -41.20
N LEU H 53 19.61 14.07 -42.02
CA LEU H 53 20.07 13.90 -43.39
C LEU H 53 21.60 13.99 -43.46
N GLY H 54 22.25 13.63 -42.36
CA GLY H 54 23.70 13.62 -42.28
C GLY H 54 24.33 15.00 -42.11
N ASN H 55 23.49 16.03 -42.09
CA ASN H 55 23.95 17.40 -42.02
C ASN H 55 24.62 17.75 -40.69
N LYS H 56 25.63 18.61 -40.75
CA LYS H 56 26.28 19.12 -39.55
C LYS H 56 25.54 20.37 -39.07
N ALA H 57 24.57 20.17 -38.18
CA ALA H 57 23.68 21.25 -37.78
C ALA H 57 24.05 21.87 -36.43
N TRP H 58 23.70 23.14 -36.25
CA TRP H 58 23.94 23.85 -35.01
C TRP H 58 22.62 24.38 -34.44
N LEU H 59 22.35 24.04 -33.17
CA LEU H 59 21.09 24.41 -32.54
C LEU H 59 21.22 25.65 -31.68
N LEU H 60 20.25 26.55 -31.79
CA LEU H 60 20.20 27.74 -30.95
C LEU H 60 18.84 27.89 -30.27
N SER H 61 18.63 27.11 -29.21
CA SER H 61 17.36 27.15 -28.48
C SER H 61 17.58 27.64 -27.05
N ALA H 62 16.60 27.38 -26.19
CA ALA H 62 16.70 27.78 -24.79
C ALA H 62 16.23 26.67 -23.86
N VAL H 63 17.12 26.27 -22.95
CA VAL H 63 16.79 25.23 -21.98
C VAL H 63 17.00 25.73 -20.56
N GLY H 64 16.57 24.94 -19.59
CA GLY H 64 16.67 25.34 -18.19
C GLY H 64 17.86 24.72 -17.48
N SER H 65 18.04 25.09 -16.22
CA SER H 65 19.14 24.58 -15.41
C SER H 65 18.78 23.27 -14.73
N ASP H 66 17.59 22.76 -15.04
CA ASP H 66 17.13 21.49 -14.48
C ASP H 66 17.74 20.32 -15.25
N PHE H 67 17.41 19.11 -14.82
CA PHE H 67 17.92 17.89 -15.47
C PHE H 67 17.32 17.72 -16.86
N TYR H 68 16.12 18.25 -17.06
CA TYR H 68 15.39 18.08 -18.31
C TYR H 68 16.13 18.69 -19.50
N GLY H 69 16.58 19.93 -19.36
CA GLY H 69 17.30 20.62 -20.41
C GLY H 69 18.63 19.97 -20.71
N GLN H 70 19.36 19.65 -19.64
CA GLN H 70 20.63 18.93 -19.73
C GLN H 70 20.49 17.65 -20.54
N SER H 71 19.48 16.86 -20.21
CA SER H 71 19.25 15.59 -20.88
C SER H 71 18.79 15.80 -22.33
N LEU H 72 17.98 16.82 -22.55
CA LEU H 72 17.51 17.14 -23.90
C LEU H 72 18.70 17.45 -24.81
N LEU H 73 19.56 18.34 -24.35
CA LEU H 73 20.75 18.72 -25.11
C LEU H 73 21.70 17.55 -25.27
N THR H 74 21.82 16.72 -24.24
CA THR H 74 22.69 15.54 -24.29
C THR H 74 22.20 14.57 -25.37
N GLN H 75 20.88 14.39 -25.44
CA GLN H 75 20.28 13.51 -26.43
C GLN H 75 20.47 14.05 -27.84
N THR H 76 20.13 15.33 -28.03
CA THR H 76 20.20 15.95 -29.35
C THR H 76 21.64 16.03 -29.86
N ASN H 77 22.58 16.16 -28.93
CA ASN H 77 24.01 16.27 -29.27
C ASN H 77 24.51 15.04 -30.01
N GLN H 78 24.21 13.86 -29.46
CA GLN H 78 24.58 12.60 -30.08
C GLN H 78 23.52 12.21 -31.11
N SER H 79 23.44 12.99 -32.18
CA SER H 79 22.47 12.80 -33.24
C SER H 79 21.03 12.77 -32.71
N VAL H 81 23.84 16.69 -33.13
CA VAL H 81 23.61 18.12 -33.34
C VAL H 81 24.46 18.95 -32.39
N TYR H 82 25.15 19.95 -32.93
CA TYR H 82 26.01 20.81 -32.11
C TYR H 82 25.19 21.72 -31.21
N VAL H 83 25.26 21.48 -29.90
CA VAL H 83 24.48 22.23 -28.93
C VAL H 83 25.36 23.11 -28.04
N ASP H 84 26.55 23.44 -28.54
CA ASP H 84 27.50 24.24 -27.78
C ASP H 84 27.08 25.71 -27.77
N LYS H 85 26.23 26.09 -28.71
CA LYS H 85 25.81 27.47 -28.85
C LYS H 85 24.38 27.69 -28.33
N CYS H 86 23.79 26.64 -27.77
CA CYS H 86 22.45 26.73 -27.21
C CYS H 86 22.48 27.39 -25.83
N LEU H 87 21.43 28.14 -25.51
CA LEU H 87 21.40 28.93 -24.29
C LEU H 87 20.76 28.18 -23.11
N ILE H 88 21.52 28.06 -22.02
CA ILE H 88 21.02 27.42 -20.81
C ILE H 88 20.68 28.49 -19.76
N VAL H 89 19.39 28.70 -19.54
CA VAL H 89 18.93 29.84 -18.73
C VAL H 89 18.67 29.46 -17.27
N PRO H 90 19.32 30.17 -16.34
CA PRO H 90 19.15 29.96 -14.91
C PRO H 90 17.91 30.65 -14.36
N GLY H 91 17.16 29.96 -13.50
CA GLY H 91 16.00 30.55 -12.84
C GLY H 91 14.68 30.28 -13.55
N GLU H 92 14.75 29.92 -14.82
CA GLU H 92 13.54 29.62 -15.59
C GLU H 92 13.55 28.17 -16.06
N ASN H 93 12.37 27.55 -16.10
CA ASN H 93 12.26 26.13 -16.42
C ASN H 93 12.29 25.83 -17.92
N THR H 94 12.67 24.59 -18.25
CA THR H 94 12.70 24.12 -19.63
C THR H 94 11.28 24.03 -20.19
N SER H 95 11.14 24.30 -21.48
CA SER H 95 9.86 24.25 -22.15
C SER H 95 9.19 22.87 -22.02
N SER H 96 7.86 22.84 -22.04
CA SER H 96 7.13 21.60 -21.87
C SER H 96 5.86 21.54 -22.73
N TYR H 97 5.47 20.34 -23.10
CA TYR H 97 4.29 20.13 -23.94
C TYR H 97 3.48 18.92 -23.49
N LEU H 98 2.21 19.15 -23.20
CA LEU H 98 1.30 18.10 -22.76
C LEU H 98 0.33 17.73 -23.88
N SER H 99 0.42 16.50 -24.36
CA SER H 99 -0.39 16.07 -25.50
C SER H 99 -1.19 14.80 -25.17
N LEU H 100 -2.51 14.93 -25.17
CA LEU H 100 -3.39 13.79 -24.93
C LEU H 100 -3.68 13.06 -26.24
N LEU H 101 -2.88 12.03 -26.51
CA LEU H 101 -2.98 11.29 -27.77
C LEU H 101 -3.95 10.10 -27.68
N ASP H 102 -4.50 9.72 -28.83
CA ASP H 102 -5.44 8.60 -28.89
C ASP H 102 -4.86 7.45 -29.71
N LEU H 108 -5.97 15.30 -29.33
CA LEU H 108 -7.19 16.02 -29.02
C LEU H 108 -6.89 17.29 -28.24
N VAL H 109 -6.65 17.14 -26.94
CA VAL H 109 -6.33 18.28 -26.08
C VAL H 109 -4.81 18.47 -25.99
N ALA H 110 -4.38 19.71 -25.82
CA ALA H 110 -2.96 20.01 -25.74
C ALA H 110 -2.69 21.28 -24.93
N ILE H 111 -1.71 21.21 -24.04
CA ILE H 111 -1.33 22.35 -23.19
C ILE H 111 0.16 22.61 -23.25
N ASN H 112 0.55 23.83 -23.59
CA ASN H 112 1.97 24.14 -23.76
C ASN H 112 2.51 25.17 -22.75
N ASP H 113 3.72 24.93 -22.27
CA ASP H 113 4.41 25.87 -21.39
C ASP H 113 5.77 26.20 -21.98
N MET H 114 5.81 27.26 -22.78
CA MET H 114 6.98 27.55 -23.61
C MET H 114 7.45 29.00 -23.51
N ASN H 115 7.58 29.51 -22.28
CA ASN H 115 7.89 30.93 -22.09
C ASN H 115 9.38 31.23 -22.02
N ILE H 116 10.22 30.22 -22.26
CA ILE H 116 11.66 30.43 -22.26
C ILE H 116 12.13 30.74 -23.69
N SER H 117 11.22 30.59 -24.64
CA SER H 117 11.52 30.95 -26.03
C SER H 117 11.83 32.44 -26.14
N ASN H 118 11.23 33.22 -25.25
CA ASN H 118 11.49 34.65 -25.17
C ASN H 118 12.95 34.95 -24.87
N ALA H 119 13.66 33.96 -24.30
CA ALA H 119 15.06 34.12 -23.99
C ALA H 119 15.95 33.98 -25.22
N ILE H 120 15.35 33.60 -26.35
CA ILE H 120 16.07 33.61 -27.63
C ILE H 120 16.49 35.03 -27.94
N THR H 121 15.60 35.98 -27.65
CA THR H 121 15.86 37.42 -27.80
C THR H 121 16.46 37.79 -29.16
N ALA H 122 17.41 38.72 -29.12
CA ALA H 122 18.06 39.19 -30.34
C ALA H 122 19.54 39.46 -30.10
N GLU H 123 19.88 39.88 -28.89
CA GLU H 123 21.27 40.11 -28.53
C GLU H 123 22.03 38.78 -28.53
N TYR H 124 21.36 37.74 -28.04
CA TYR H 124 21.90 36.39 -28.00
C TYR H 124 22.22 35.87 -29.40
N LEU H 125 21.33 36.14 -30.34
CA LEU H 125 21.54 35.74 -31.73
C LEU H 125 22.67 36.55 -32.35
N ALA H 126 22.73 37.83 -31.98
CA ALA H 126 23.76 38.72 -32.49
C ALA H 126 25.13 38.32 -31.97
N GLN H 127 25.17 37.65 -30.82
CA GLN H 127 26.43 37.16 -30.27
C GLN H 127 27.01 36.03 -31.12
N HIS H 128 26.18 35.46 -32.00
CA HIS H 128 26.63 34.43 -32.93
C HIS H 128 26.20 34.78 -34.35
N ARG H 129 26.03 36.08 -34.58
CA ARG H 129 25.63 36.62 -35.88
C ARG H 129 26.44 36.07 -37.06
N GLU H 130 27.68 35.66 -36.82
CA GLU H 130 28.56 35.17 -37.89
C GLU H 130 28.02 33.91 -38.55
N PHE H 131 27.20 33.15 -37.82
CA PHE H 131 26.66 31.88 -38.29
C PHE H 131 25.94 31.98 -39.64
N ILE H 132 25.40 33.16 -39.92
CA ILE H 132 24.77 33.42 -41.21
C ILE H 132 25.57 34.44 -42.02
N LYS H 136 24.80 31.21 -44.07
CA LYS H 136 24.28 30.44 -45.19
C LYS H 136 22.77 30.27 -45.08
N VAL H 137 22.25 29.19 -45.68
CA VAL H 137 20.84 28.87 -45.56
C VAL H 137 20.50 28.58 -44.10
N ILE H 138 19.70 29.45 -43.49
CA ILE H 138 19.41 29.35 -42.07
C ILE H 138 17.98 28.85 -41.82
N VAL H 139 17.86 27.86 -40.95
CA VAL H 139 16.57 27.31 -40.57
C VAL H 139 16.09 27.96 -39.28
N ALA H 140 14.91 28.56 -39.31
CA ALA H 140 14.37 29.24 -38.14
C ALA H 140 12.90 28.88 -37.93
N ASP H 141 12.55 28.56 -36.69
CA ASP H 141 11.19 28.16 -36.35
C ASP H 141 10.32 29.38 -36.06
N CYS H 142 9.01 29.14 -35.90
CA CYS H 142 8.05 30.21 -35.67
C CYS H 142 7.60 30.29 -34.22
N ASN H 143 8.26 29.52 -33.36
CA ASN H 143 7.93 29.51 -31.94
C ASN H 143 8.74 30.53 -31.15
N ILE H 144 8.69 31.78 -31.59
CA ILE H 144 9.44 32.86 -30.95
C ILE H 144 8.63 34.15 -30.92
N SER H 145 9.21 35.20 -30.35
CA SER H 145 8.56 36.50 -30.29
C SER H 145 8.90 37.33 -31.53
N GLU H 146 8.22 38.46 -31.68
CA GLU H 146 8.39 39.32 -32.86
C GLU H 146 9.83 39.83 -33.00
N GLU H 147 10.52 39.95 -31.87
CA GLU H 147 11.87 40.51 -31.85
C GLU H 147 12.85 39.70 -32.68
N ALA H 148 12.85 38.38 -32.48
CA ALA H 148 13.72 37.49 -33.24
C ALA H 148 13.28 37.41 -34.69
N LEU H 149 11.96 37.33 -34.89
CA LEU H 149 11.36 37.30 -36.23
C LEU H 149 11.68 38.56 -37.02
N ALA H 150 12.22 39.56 -36.34
CA ALA H 150 12.69 40.78 -36.99
C ALA H 150 14.19 40.71 -37.23
N TRP H 151 14.91 40.15 -36.25
CA TRP H 151 16.36 40.04 -36.35
C TRP H 151 16.79 39.08 -37.45
N ILE H 152 15.91 38.16 -37.83
CA ILE H 152 16.21 37.20 -38.90
C ILE H 152 16.61 37.90 -40.19
N LEU H 153 16.18 39.14 -40.35
CA LEU H 153 16.52 39.95 -41.52
C LEU H 153 17.87 40.64 -41.32
N ASP H 154 18.69 40.07 -40.44
CA ASP H 154 20.01 40.61 -40.10
C ASP H 154 19.97 42.10 -39.77
#